data_6IEB
#
_entry.id   6IEB
#
_cell.length_a   69.002
_cell.length_b   70.521
_cell.length_c   99.330
_cell.angle_alpha   85.09
_cell.angle_beta   84.71
_cell.angle_gamma   70.70
#
_symmetry.space_group_name_H-M   'P 1'
#
loop_
_entity.id
_entity.type
_entity.pdbx_description
1 polymer 'R15 H chain'
2 polymer 'R15 L chain'
3 polymer NSmGnGc
4 water water
#
loop_
_entity_poly.entity_id
_entity_poly.type
_entity_poly.pdbx_seq_one_letter_code
_entity_poly.pdbx_strand_id
1 'polypeptide(L)'
;QVQLQESGPGLVKPSETLSLTCTVSGGSISTYYWSWIRQPPGKGLEWIGYIYYSGSTNYNPSLKTRVTISVDTSKNQFSL
KLSSVTAADTAVYYCARSDYGDLIFDYWGQGTLVTVSSASTKGPSVFPLAPSSKSTSGGTAALGCLVKDYFPEPVTVSWN
SGALTSGVHTFPAVLQSSGLYSLSSVVTVPSSSLGTQTYICNVNHKPSNTKVDKRVEP
;
H,E
2 'polypeptide(L)'
;LPVLTQPPSVSVSPGQTASITCSGDKLGDKYVCWYQQKPGQSPVLVIYQDSKRPSGIPERFSGSNSGNTATLTISGTQAM
DEADYYCQACDSSTVFGGGTKLTVLGQPKAAPSVTLFPPSSEELQANKATLVCLISDFYPGAVTVAWKADSSPVKAGVET
TTPSKQSNNKYAASSYLSLTPEQWKSHRSYSCQVTHEGSTVEKTVAP
;
L,F
3 'polypeptide(L)'
;EDPHLRNRPGKGHNYIDGMTQEDATCKPVTYAGACSSFDVLLEKGKFPLFQSYAHHRTLLEAVHDTIIAKADPPSCDLQS
AHGNPCMKEKLVMKTHCPNDYQSAHYLNNDGKMASVKCPPKYELTEDCNFCRQMTGASLKKGSYPLQDLFCQSSEDDGSK
LKTKMKGVCEVGVQALKKCDGQLSTAHEVVPFAVFKNSKKVYLDKLDLKTEENLLPDSFVCFEHKGQYKGTIDSGQTKRE
LKSFDISQCPKIGGHGSKKCTGDAAFCSAYECTAQYANAYCSHANGSGIVQIQVSGVWKKPLCVGYERVVVKRELS
;
B,A
#
# COMPACT_ATOMS: atom_id res chain seq x y z
N GLN A 1 -28.75 -3.38 22.16
CA GLN A 1 -30.02 -3.86 21.56
C GLN A 1 -30.54 -2.89 20.49
N VAL A 2 -29.89 -1.72 20.40
CA VAL A 2 -30.31 -0.66 19.49
C VAL A 2 -30.31 -1.13 18.04
N GLN A 3 -31.26 -0.60 17.28
CA GLN A 3 -31.23 -0.66 15.83
C GLN A 3 -31.31 0.76 15.27
N LEU A 4 -30.51 1.03 14.24
CA LEU A 4 -30.46 2.31 13.56
C LEU A 4 -30.96 2.11 12.13
N GLN A 5 -31.87 2.97 11.67
CA GLN A 5 -32.52 2.77 10.37
C GLN A 5 -32.53 4.07 9.59
N GLU A 6 -31.75 4.12 8.50
CA GLU A 6 -31.67 5.28 7.64
C GLU A 6 -32.81 5.31 6.63
N SER A 7 -33.36 6.51 6.41
CA SER A 7 -34.42 6.71 5.43
C SER A 7 -34.21 8.07 4.75
N GLY A 8 -34.65 8.14 3.50
CA GLY A 8 -34.45 9.31 2.67
C GLY A 8 -34.60 8.96 1.20
N PRO A 9 -34.78 9.98 0.34
CA PRO A 9 -34.80 9.73 -1.11
C PRO A 9 -33.52 9.05 -1.55
N GLY A 10 -33.61 8.29 -2.64
CA GLY A 10 -32.46 7.63 -3.22
C GLY A 10 -31.86 8.38 -4.39
N LEU A 11 -32.44 9.52 -4.75
CA LEU A 11 -32.09 10.25 -5.95
C LEU A 11 -32.10 11.72 -5.61
N VAL A 12 -30.98 12.41 -5.84
CA VAL A 12 -30.89 13.85 -5.62
C VAL A 12 -30.28 14.50 -6.86
N LYS A 13 -30.94 15.55 -7.36
CA LYS A 13 -30.43 16.31 -8.49
C LYS A 13 -29.20 17.12 -8.10
N PRO A 14 -28.25 17.28 -9.03
CA PRO A 14 -27.10 18.14 -8.78
C PRO A 14 -27.49 19.56 -8.34
N SER A 15 -26.71 20.10 -7.41
CA SER A 15 -26.88 21.41 -6.78
C SER A 15 -28.01 21.44 -5.76
N GLU A 16 -28.84 20.40 -5.72
CA GLU A 16 -29.92 20.43 -4.76
C GLU A 16 -29.42 19.90 -3.42
N THR A 17 -30.34 19.81 -2.46
CA THR A 17 -30.00 19.44 -1.10
C THR A 17 -30.37 17.98 -0.85
N LEU A 18 -29.45 17.24 -0.25
CA LEU A 18 -29.72 15.86 0.15
C LEU A 18 -30.23 15.81 1.58
N SER A 19 -31.18 14.92 1.85
CA SER A 19 -31.80 14.86 3.17
C SER A 19 -32.03 13.41 3.59
N LEU A 20 -31.56 13.09 4.80
CA LEU A 20 -31.70 11.75 5.36
C LEU A 20 -32.14 11.85 6.81
N THR A 21 -32.70 10.75 7.30
CA THR A 21 -33.20 10.62 8.66
C THR A 21 -32.84 9.22 9.17
N CYS A 22 -32.31 9.17 10.39
CA CYS A 22 -32.00 7.91 11.05
C CYS A 22 -32.97 7.75 12.21
N THR A 23 -33.65 6.63 12.28
CA THR A 23 -34.59 6.38 13.35
C THR A 23 -33.98 5.35 14.30
N VAL A 24 -33.87 5.71 15.56
CA VAL A 24 -33.30 4.81 16.55
C VAL A 24 -34.43 4.02 17.17
N SER A 25 -34.20 2.72 17.33
CA SER A 25 -35.20 1.81 17.84
C SER A 25 -34.58 0.90 18.89
N GLY A 26 -35.37 0.53 19.89
CA GLY A 26 -34.80 -0.27 20.97
C GLY A 26 -33.77 0.49 21.76
N GLY A 27 -33.90 1.80 21.80
CA GLY A 27 -32.95 2.62 22.52
C GLY A 27 -33.35 4.08 22.36
N SER A 28 -32.52 4.96 22.80
CA SER A 28 -32.83 6.34 22.74
C SER A 28 -31.63 7.16 22.33
N ILE A 29 -31.84 8.41 22.00
CA ILE A 29 -30.78 9.30 21.69
C ILE A 29 -29.92 9.46 22.94
N SER A 30 -30.54 9.71 24.06
CA SER A 30 -29.86 9.75 25.32
C SER A 30 -28.60 10.62 25.41
N THR A 31 -27.47 10.10 25.77
CA THR A 31 -26.28 10.89 25.86
C THR A 31 -25.21 10.48 24.87
N TYR A 32 -25.50 9.57 23.98
CA TYR A 32 -24.58 9.08 22.97
C TYR A 32 -24.22 10.19 21.96
N TYR A 33 -23.23 9.87 21.15
CA TYR A 33 -22.87 10.64 19.98
C TYR A 33 -23.51 9.95 18.79
N TRP A 34 -24.14 10.73 17.92
CA TRP A 34 -24.80 10.19 16.75
C TRP A 34 -24.12 10.77 15.52
N SER A 35 -23.62 9.90 14.66
CA SER A 35 -22.75 10.28 13.56
C SER A 35 -23.33 9.87 12.21
N TRP A 36 -23.00 10.64 11.19
CA TRP A 36 -23.22 10.23 9.80
C TRP A 36 -21.88 9.95 9.14
N ILE A 37 -21.82 8.84 8.41
CA ILE A 37 -20.63 8.39 7.71
C ILE A 37 -21.10 7.98 6.34
N ARG A 38 -20.23 8.15 5.33
CA ARG A 38 -20.58 7.78 3.97
C ARG A 38 -19.45 6.97 3.31
N GLN A 39 -19.84 6.25 2.26
CA GLN A 39 -18.91 5.42 1.49
C GLN A 39 -19.27 5.48 0.02
N PRO A 40 -18.49 6.21 -0.78
CA PRO A 40 -18.70 6.17 -2.26
C PRO A 40 -18.52 4.76 -2.80
N PRO A 41 -19.34 4.35 -3.78
CA PRO A 41 -19.18 3.03 -4.39
C PRO A 41 -17.74 2.67 -4.72
N GLY A 42 -17.26 1.56 -4.15
CA GLY A 42 -15.90 1.10 -4.31
C GLY A 42 -14.85 1.84 -3.51
N LYS A 43 -15.23 2.72 -2.59
CA LYS A 43 -14.19 3.53 -1.96
C LYS A 43 -14.24 3.43 -0.44
N GLY A 44 -13.46 4.28 0.24
CA GLY A 44 -13.27 4.18 1.67
C GLY A 44 -14.32 4.94 2.45
N LEU A 45 -14.19 4.87 3.77
CA LEU A 45 -15.17 5.49 4.67
C LEU A 45 -14.77 6.93 4.91
N GLU A 46 -15.78 7.80 5.01
CA GLU A 46 -15.52 9.18 5.42
C GLU A 46 -16.56 9.61 6.43
N TRP A 47 -16.10 10.20 7.54
CA TRP A 47 -17.00 10.70 8.58
C TRP A 47 -17.51 12.10 8.22
N ILE A 48 -18.81 12.31 8.36
CA ILE A 48 -19.42 13.61 8.00
C ILE A 48 -19.56 14.52 9.22
N GLY A 49 -20.10 14.02 10.31
CA GLY A 49 -20.34 14.83 11.49
C GLY A 49 -21.08 14.04 12.55
N TYR A 50 -21.14 14.61 13.75
CA TYR A 50 -21.97 14.09 14.83
C TYR A 50 -22.78 15.19 15.48
N ILE A 51 -23.82 14.75 16.19
CA ILE A 51 -24.70 15.60 16.99
C ILE A 51 -24.95 14.85 18.28
N TYR A 52 -25.33 15.57 19.34
CA TYR A 52 -25.87 14.92 20.52
C TYR A 52 -27.09 15.67 21.02
N TYR A 53 -27.83 15.07 21.98
CA TYR A 53 -29.22 15.47 22.26
C TYR A 53 -29.39 16.98 22.40
N SER A 54 -28.38 17.70 22.92
CA SER A 54 -28.58 19.13 23.12
C SER A 54 -28.65 19.91 21.82
N GLY A 55 -28.31 19.31 20.69
CA GLY A 55 -28.25 20.02 19.42
C GLY A 55 -26.86 20.46 19.02
N SER A 56 -25.87 20.33 19.89
CA SER A 56 -24.52 20.71 19.53
C SER A 56 -23.92 19.70 18.54
N THR A 57 -23.05 20.22 17.67
CA THR A 57 -22.57 19.45 16.52
C THR A 57 -21.09 19.66 16.33
N ASN A 58 -20.57 18.87 15.40
CA ASN A 58 -19.17 18.92 15.01
C ASN A 58 -19.08 18.27 13.64
N TYR A 59 -18.52 18.97 12.69
CA TYR A 59 -18.52 18.51 11.31
C TYR A 59 -17.11 18.26 10.81
N ASN A 60 -16.97 17.27 9.92
CA ASN A 60 -15.78 17.14 9.10
C ASN A 60 -15.44 18.53 8.55
N PRO A 61 -14.22 19.04 8.74
CA PRO A 61 -13.91 20.39 8.21
C PRO A 61 -13.95 20.49 6.68
N SER A 62 -13.74 19.39 5.95
CA SER A 62 -13.87 19.40 4.50
C SER A 62 -15.30 19.65 4.04
N LEU A 63 -16.28 19.50 4.93
CA LEU A 63 -17.69 19.53 4.55
C LEU A 63 -18.50 20.54 5.34
N LYS A 64 -17.91 21.19 6.36
CA LYS A 64 -18.72 21.95 7.31
C LYS A 64 -19.56 23.02 6.64
N THR A 65 -19.11 23.57 5.49
CA THR A 65 -19.88 24.66 4.89
C THR A 65 -21.17 24.19 4.22
N ARG A 66 -21.29 22.90 3.93
CA ARG A 66 -22.48 22.38 3.28
C ARG A 66 -23.29 21.41 4.13
N VAL A 67 -22.89 21.14 5.37
CA VAL A 67 -23.51 20.09 6.19
C VAL A 67 -24.36 20.71 7.27
N THR A 68 -25.57 20.17 7.47
CA THR A 68 -26.37 20.42 8.66
C THR A 68 -26.82 19.08 9.24
N ILE A 69 -26.63 18.91 10.55
CA ILE A 69 -27.16 17.76 11.28
C ILE A 69 -28.08 18.31 12.36
N SER A 70 -29.23 17.69 12.52
CA SER A 70 -30.22 18.14 13.46
C SER A 70 -30.74 16.91 14.19
N VAL A 71 -31.38 17.13 15.35
CA VAL A 71 -31.82 16.04 16.20
C VAL A 71 -33.24 16.30 16.65
N ASP A 72 -33.99 15.21 16.87
CA ASP A 72 -35.38 15.29 17.34
C ASP A 72 -35.59 14.25 18.45
N THR A 73 -35.33 14.63 19.71
CA THR A 73 -35.41 13.65 20.78
C THR A 73 -36.83 13.09 20.92
N SER A 74 -37.84 13.94 20.77
CA SER A 74 -39.24 13.49 20.93
C SER A 74 -39.61 12.35 19.97
N LYS A 75 -39.05 12.34 18.76
CA LYS A 75 -39.26 11.30 17.75
C LYS A 75 -38.14 10.26 17.70
N ASN A 76 -37.09 10.40 18.52
CA ASN A 76 -35.98 9.45 18.57
C ASN A 76 -35.27 9.32 17.21
N GLN A 77 -35.04 10.44 16.53
CA GLN A 77 -34.32 10.40 15.27
C GLN A 77 -33.36 11.58 15.17
N PHE A 78 -32.51 11.53 14.13
CA PHE A 78 -31.64 12.64 13.78
C PHE A 78 -31.42 12.61 12.28
N SER A 79 -31.01 13.75 11.73
CA SER A 79 -31.12 14.00 10.31
C SER A 79 -29.85 14.62 9.75
N LEU A 80 -29.64 14.42 8.45
CA LEU A 80 -28.54 15.01 7.72
C LEU A 80 -29.08 15.84 6.57
N LYS A 81 -28.50 17.02 6.39
CA LYS A 81 -28.71 17.84 5.20
C LYS A 81 -27.35 18.17 4.60
N LEU A 82 -27.20 17.85 3.32
CA LEU A 82 -25.97 18.11 2.59
C LEU A 82 -26.38 18.88 1.33
N SER A 83 -25.91 20.12 1.19
CA SER A 83 -26.43 21.05 0.20
C SER A 83 -25.48 21.21 -0.98
N SER A 84 -26.01 21.81 -2.05
CA SER A 84 -25.30 22.01 -3.31
C SER A 84 -24.47 20.76 -3.64
N VAL A 85 -25.20 19.70 -3.82
CA VAL A 85 -24.67 18.36 -3.98
C VAL A 85 -24.06 18.17 -5.37
N THR A 86 -23.08 17.25 -5.43
CA THR A 86 -22.26 17.00 -6.59
C THR A 86 -22.15 15.49 -6.79
N ALA A 87 -21.68 15.07 -7.97
CA ALA A 87 -21.43 13.65 -8.22
C ALA A 87 -20.49 13.02 -7.18
N ALA A 88 -19.59 13.79 -6.56
CA ALA A 88 -18.78 13.25 -5.47
C ALA A 88 -19.60 12.89 -4.24
N ASP A 89 -20.87 13.25 -4.19
CA ASP A 89 -21.68 12.91 -3.03
C ASP A 89 -22.47 11.64 -3.22
N THR A 90 -22.39 11.00 -4.39
CA THR A 90 -23.00 9.68 -4.58
C THR A 90 -22.31 8.70 -3.63
N ALA A 91 -23.08 8.02 -2.79
CA ALA A 91 -22.47 7.20 -1.74
C ALA A 91 -23.56 6.46 -1.01
N VAL A 92 -23.14 5.47 -0.24
CA VAL A 92 -23.96 4.86 0.81
C VAL A 92 -23.78 5.72 2.07
N TYR A 93 -24.87 6.22 2.62
CA TYR A 93 -24.82 7.03 3.83
C TYR A 93 -25.23 6.18 5.02
N TYR A 94 -24.37 6.11 6.03
CA TYR A 94 -24.58 5.31 7.24
C TYR A 94 -24.82 6.22 8.43
N CYS A 95 -25.73 5.82 9.32
CA CYS A 95 -25.73 6.41 10.67
C CYS A 95 -25.04 5.47 11.65
N ALA A 96 -24.43 6.07 12.69
CA ALA A 96 -23.64 5.31 13.66
C ALA A 96 -23.71 5.96 15.04
N ARG A 97 -23.56 5.12 16.06
CA ARG A 97 -23.60 5.56 17.44
C ARG A 97 -22.24 5.36 18.10
N SER A 98 -21.87 6.30 18.96
CA SER A 98 -20.66 6.14 19.74
C SER A 98 -20.92 6.68 21.14
N ASP A 99 -20.15 6.16 22.09
CA ASP A 99 -20.32 6.48 23.51
C ASP A 99 -19.83 7.87 23.80
N TYR A 100 -18.71 8.24 23.21
CA TYR A 100 -18.01 9.46 23.54
C TYR A 100 -17.60 10.16 22.25
N GLY A 101 -17.05 11.35 22.41
CA GLY A 101 -16.59 12.14 21.29
C GLY A 101 -15.30 11.66 20.67
N ASP A 102 -14.79 10.49 21.07
CA ASP A 102 -13.72 9.85 20.32
C ASP A 102 -14.25 8.95 19.21
N LEU A 103 -15.57 8.85 19.05
CA LEU A 103 -16.18 8.29 17.84
C LEU A 103 -15.75 6.85 17.58
N ILE A 104 -15.83 6.02 18.61
CA ILE A 104 -15.71 4.57 18.45
C ILE A 104 -17.09 4.06 18.03
N PHE A 105 -17.23 3.67 16.77
CA PHE A 105 -18.55 3.35 16.22
C PHE A 105 -18.82 1.86 16.45
N ASP A 106 -19.61 1.55 17.47
CA ASP A 106 -19.92 0.15 17.74
C ASP A 106 -21.32 -0.24 17.31
N TYR A 107 -22.20 0.71 17.00
CA TYR A 107 -23.44 0.38 16.34
C TYR A 107 -23.59 1.19 15.06
N TRP A 108 -24.02 0.51 14.00
CA TRP A 108 -24.15 1.05 12.65
C TRP A 108 -25.54 0.77 12.12
N GLY A 109 -26.04 1.67 11.27
CA GLY A 109 -27.23 1.38 10.50
C GLY A 109 -26.91 0.48 9.32
N GLN A 110 -27.92 0.22 8.47
CA GLN A 110 -27.72 -0.66 7.33
C GLN A 110 -27.13 0.06 6.13
N GLY A 111 -27.27 1.38 6.06
CA GLY A 111 -26.78 2.14 4.94
C GLY A 111 -27.84 2.41 3.90
N THR A 112 -27.94 3.65 3.44
CA THR A 112 -28.79 4.03 2.30
C THR A 112 -27.90 4.55 1.18
N LEU A 113 -28.14 4.05 -0.03
CA LEU A 113 -27.45 4.57 -1.19
C LEU A 113 -28.18 5.84 -1.67
N VAL A 114 -27.42 6.92 -1.85
CA VAL A 114 -27.95 8.15 -2.47
C VAL A 114 -27.16 8.40 -3.75
N THR A 115 -27.84 8.40 -4.89
CA THR A 115 -27.18 8.70 -6.15
C THR A 115 -27.50 10.14 -6.55
N VAL A 116 -26.47 10.87 -6.94
CA VAL A 116 -26.62 12.21 -7.48
C VAL A 116 -26.66 12.11 -8.99
N SER A 117 -27.80 12.51 -9.57
CA SER A 117 -28.01 12.39 -10.99
C SER A 117 -29.21 13.25 -11.41
N SER A 118 -29.13 13.77 -12.63
CA SER A 118 -30.23 14.53 -13.21
C SER A 118 -31.28 13.63 -13.82
N ALA A 119 -30.98 12.33 -13.99
CA ALA A 119 -31.91 11.38 -14.57
C ALA A 119 -33.18 11.27 -13.74
N SER A 120 -34.28 10.90 -14.41
CA SER A 120 -35.55 10.66 -13.75
C SER A 120 -35.61 9.26 -13.12
N THR A 121 -36.28 9.19 -11.96
CA THR A 121 -36.73 7.93 -11.39
C THR A 121 -37.57 7.13 -12.39
N LYS A 122 -37.39 5.82 -12.40
CA LYS A 122 -38.20 4.94 -13.23
C LYS A 122 -38.46 3.65 -12.47
N GLY A 123 -39.73 3.26 -12.38
CA GLY A 123 -40.11 2.08 -11.65
C GLY A 123 -40.00 0.85 -12.53
N PRO A 124 -39.70 -0.30 -11.94
CA PRO A 124 -39.37 -1.50 -12.74
C PRO A 124 -40.57 -2.30 -13.21
N SER A 125 -40.39 -2.93 -14.36
CA SER A 125 -41.24 -4.01 -14.82
C SER A 125 -40.80 -5.33 -14.18
N VAL A 126 -41.76 -6.20 -13.89
CA VAL A 126 -41.45 -7.48 -13.25
C VAL A 126 -42.07 -8.58 -14.09
N PHE A 127 -41.26 -9.57 -14.45
CA PHE A 127 -41.68 -10.72 -15.24
C PHE A 127 -41.34 -12.04 -14.56
N PRO A 128 -42.16 -13.07 -14.74
CA PRO A 128 -41.86 -14.37 -14.11
C PRO A 128 -40.90 -15.22 -14.91
N LEU A 129 -39.89 -15.79 -14.23
CA LEU A 129 -38.98 -16.78 -14.80
C LEU A 129 -39.49 -18.17 -14.40
N ALA A 130 -40.38 -18.74 -15.22
CA ALA A 130 -41.08 -19.97 -14.86
C ALA A 130 -40.12 -21.16 -14.75
N PRO A 131 -40.43 -22.13 -13.89
CA PRO A 131 -39.58 -23.33 -13.78
C PRO A 131 -39.75 -24.26 -14.98
N SER A 132 -38.69 -25.01 -15.27
CA SER A 132 -38.68 -25.89 -16.45
C SER A 132 -39.46 -27.18 -16.23
N THR A 140 -35.03 -30.70 -7.51
CA THR A 140 -34.81 -29.26 -7.49
C THR A 140 -35.19 -28.58 -8.82
N ALA A 141 -35.88 -27.46 -8.70
CA ALA A 141 -36.27 -26.63 -9.83
C ALA A 141 -35.90 -25.19 -9.51
N ALA A 142 -35.41 -24.46 -10.50
CA ALA A 142 -35.16 -23.03 -10.35
C ALA A 142 -36.32 -22.27 -10.96
N LEU A 143 -36.87 -21.33 -10.20
CA LEU A 143 -37.84 -20.36 -10.72
C LEU A 143 -37.40 -18.98 -10.26
N GLY A 144 -38.03 -17.94 -10.80
CA GLY A 144 -37.56 -16.63 -10.42
C GLY A 144 -38.38 -15.49 -10.95
N CYS A 145 -37.85 -14.28 -10.71
CA CYS A 145 -38.45 -13.01 -11.10
C CYS A 145 -37.39 -12.15 -11.77
N LEU A 146 -37.70 -11.66 -12.95
CA LEU A 146 -36.84 -10.71 -13.65
C LEU A 146 -37.37 -9.31 -13.39
N VAL A 147 -36.52 -8.45 -12.84
CA VAL A 147 -36.89 -7.07 -12.53
C VAL A 147 -36.15 -6.16 -13.49
N LYS A 148 -36.89 -5.52 -14.39
CA LYS A 148 -36.30 -4.94 -15.58
C LYS A 148 -36.44 -3.42 -15.62
N ASP A 149 -35.33 -2.74 -15.94
CA ASP A 149 -35.32 -1.35 -16.43
C ASP A 149 -35.83 -0.35 -15.39
N TYR A 150 -35.10 -0.26 -14.28
CA TYR A 150 -35.42 0.66 -13.20
C TYR A 150 -34.25 1.64 -12.93
N PHE A 151 -34.57 2.73 -12.22
CA PHE A 151 -33.57 3.72 -11.81
C PHE A 151 -34.12 4.57 -10.64
N PRO A 152 -33.32 4.84 -9.59
CA PRO A 152 -31.98 4.31 -9.40
C PRO A 152 -32.03 3.04 -8.57
N GLU A 153 -30.84 2.48 -8.41
CA GLU A 153 -30.66 1.37 -7.51
C GLU A 153 -30.95 1.85 -6.08
N PRO A 154 -31.45 0.96 -5.21
CA PRO A 154 -31.65 -0.51 -5.19
C PRO A 154 -33.10 -0.95 -5.46
N VAL A 155 -33.33 -2.25 -5.52
CA VAL A 155 -34.60 -2.86 -5.60
C VAL A 155 -34.51 -4.04 -4.60
N THR A 156 -35.47 -4.25 -3.70
CA THR A 156 -35.43 -5.44 -2.87
C THR A 156 -36.50 -6.43 -3.32
N VAL A 157 -36.18 -7.72 -3.19
CA VAL A 157 -37.07 -8.81 -3.59
C VAL A 157 -37.27 -9.71 -2.37
N SER A 158 -38.51 -10.12 -2.14
CA SER A 158 -38.78 -11.21 -1.21
C SER A 158 -39.65 -12.22 -1.92
N TRP A 159 -39.68 -13.43 -1.37
CA TRP A 159 -40.50 -14.50 -1.88
C TRP A 159 -41.50 -14.89 -0.82
N ASN A 160 -42.78 -14.97 -1.21
CA ASN A 160 -43.89 -15.34 -0.32
C ASN A 160 -43.88 -14.48 0.94
N SER A 161 -43.81 -13.17 0.72
CA SER A 161 -43.86 -12.17 1.78
C SER A 161 -42.78 -12.41 2.83
N GLY A 162 -41.62 -12.87 2.37
CA GLY A 162 -40.54 -13.14 3.29
C GLY A 162 -40.59 -14.51 3.91
N ALA A 163 -41.65 -15.30 3.66
CA ALA A 163 -41.71 -16.64 4.24
C ALA A 163 -40.69 -17.59 3.60
N LEU A 164 -40.11 -17.23 2.46
CA LEU A 164 -39.24 -18.14 1.74
C LEU A 164 -37.88 -17.50 1.64
N THR A 165 -36.92 -18.01 2.41
CA THR A 165 -35.58 -17.44 2.51
C THR A 165 -34.49 -18.39 2.08
N SER A 166 -34.47 -19.60 2.63
CA SER A 166 -33.53 -20.61 2.18
C SER A 166 -33.70 -20.81 0.67
N GLY A 167 -32.57 -20.90 -0.04
CA GLY A 167 -32.60 -21.14 -1.46
C GLY A 167 -32.92 -19.94 -2.35
N VAL A 168 -32.86 -18.71 -1.82
CA VAL A 168 -33.10 -17.50 -2.57
C VAL A 168 -31.76 -16.83 -2.89
N HIS A 169 -31.49 -16.62 -4.17
CA HIS A 169 -30.34 -15.85 -4.64
C HIS A 169 -30.87 -14.66 -5.44
N THR A 170 -30.78 -13.48 -4.86
CA THR A 170 -31.04 -12.25 -5.60
C THR A 170 -29.70 -11.74 -6.13
N PHE A 171 -29.54 -11.72 -7.51
CA PHE A 171 -28.27 -11.38 -8.15
C PHE A 171 -28.05 -9.86 -8.19
N PRO A 172 -26.79 -9.41 -8.26
CA PRO A 172 -26.54 -7.96 -8.40
C PRO A 172 -27.00 -7.43 -9.76
N ALA A 173 -27.53 -6.21 -9.74
CA ALA A 173 -28.02 -5.56 -10.95
C ALA A 173 -26.96 -5.46 -12.03
N VAL A 174 -27.41 -5.55 -13.28
CA VAL A 174 -26.63 -5.08 -14.43
C VAL A 174 -27.08 -3.65 -14.71
N LEU A 175 -26.14 -2.79 -15.12
CA LEU A 175 -26.44 -1.44 -15.58
C LEU A 175 -26.35 -1.46 -17.09
N GLN A 176 -27.48 -1.23 -17.74
CA GLN A 176 -27.52 -1.40 -19.19
C GLN A 176 -27.00 -0.16 -19.91
N SER A 177 -26.79 -0.30 -21.21
CA SER A 177 -26.41 0.80 -22.08
C SER A 177 -27.43 1.93 -22.03
N SER A 178 -28.70 1.59 -21.81
CA SER A 178 -29.73 2.59 -21.62
C SER A 178 -29.52 3.45 -20.38
N GLY A 179 -28.64 3.06 -19.45
CA GLY A 179 -28.58 3.71 -18.14
C GLY A 179 -29.63 3.25 -17.15
N LEU A 180 -30.38 2.19 -17.47
CA LEU A 180 -31.35 1.61 -16.57
C LEU A 180 -30.79 0.30 -16.03
N TYR A 181 -31.21 -0.06 -14.82
CA TYR A 181 -30.72 -1.29 -14.19
C TYR A 181 -31.69 -2.44 -14.40
N SER A 182 -31.15 -3.66 -14.28
CA SER A 182 -31.98 -4.84 -14.22
C SER A 182 -31.30 -5.83 -13.28
N LEU A 183 -32.10 -6.66 -12.62
CA LEU A 183 -31.56 -7.80 -11.88
C LEU A 183 -32.56 -8.94 -11.89
N SER A 184 -32.15 -10.03 -11.25
CA SER A 184 -32.92 -11.28 -11.23
C SER A 184 -32.90 -11.88 -9.84
N SER A 185 -34.03 -12.47 -9.46
CA SER A 185 -34.12 -13.23 -8.22
C SER A 185 -34.52 -14.65 -8.56
N VAL A 186 -33.75 -15.61 -8.06
CA VAL A 186 -34.04 -17.02 -8.32
C VAL A 186 -34.15 -17.75 -7.00
N VAL A 187 -35.10 -18.68 -6.93
CA VAL A 187 -35.29 -19.51 -5.73
C VAL A 187 -35.39 -20.97 -6.16
N THR A 188 -34.65 -21.84 -5.47
CA THR A 188 -34.71 -23.29 -5.72
C THR A 188 -35.71 -23.94 -4.78
N VAL A 189 -36.57 -24.78 -5.34
CA VAL A 189 -37.70 -25.39 -4.63
C VAL A 189 -37.69 -26.89 -4.86
N PRO A 190 -38.52 -27.66 -4.15
CA PRO A 190 -38.71 -29.07 -4.52
C PRO A 190 -39.43 -29.20 -5.85
N SER A 191 -38.97 -30.14 -6.68
CA SER A 191 -39.67 -30.41 -7.92
C SER A 191 -41.07 -30.97 -7.67
N SER A 192 -41.23 -31.72 -6.58
CA SER A 192 -42.53 -32.24 -6.16
C SER A 192 -43.54 -31.11 -5.89
N SER A 193 -43.07 -29.99 -5.35
CA SER A 193 -43.96 -28.93 -4.87
C SER A 193 -44.61 -28.11 -5.99
N LEU A 194 -44.17 -28.25 -7.24
CA LEU A 194 -44.45 -27.23 -8.26
C LEU A 194 -45.93 -27.15 -8.66
N GLY A 195 -46.71 -28.21 -8.43
CA GLY A 195 -48.11 -28.13 -8.74
C GLY A 195 -48.92 -27.62 -7.58
N THR A 196 -48.34 -27.65 -6.37
CA THR A 196 -49.09 -27.58 -5.11
C THR A 196 -48.73 -26.43 -4.18
N GLN A 197 -47.58 -25.76 -4.34
CA GLN A 197 -47.24 -24.59 -3.54
C GLN A 197 -47.31 -23.35 -4.41
N THR A 198 -47.63 -22.22 -3.77
CA THR A 198 -47.67 -20.92 -4.43
C THR A 198 -46.35 -20.20 -4.20
N TYR A 199 -45.79 -19.67 -5.29
CA TYR A 199 -44.55 -18.89 -5.24
C TYR A 199 -44.83 -17.51 -5.81
N ILE A 200 -44.70 -16.50 -4.96
CA ILE A 200 -44.98 -15.11 -5.31
C ILE A 200 -43.75 -14.30 -4.95
N CYS A 201 -43.23 -13.53 -5.90
CA CYS A 201 -42.14 -12.65 -5.60
C CYS A 201 -42.67 -11.25 -5.36
N ASN A 202 -42.13 -10.57 -4.37
CA ASN A 202 -42.55 -9.24 -3.98
C ASN A 202 -41.38 -8.30 -4.28
N VAL A 203 -41.63 -7.33 -5.15
CA VAL A 203 -40.60 -6.41 -5.62
C VAL A 203 -40.89 -5.03 -5.04
N ASN A 204 -39.88 -4.45 -4.40
CA ASN A 204 -39.99 -3.14 -3.77
C ASN A 204 -38.91 -2.23 -4.37
N HIS A 205 -39.35 -1.21 -5.12
CA HIS A 205 -38.47 -0.14 -5.56
C HIS A 205 -38.92 1.12 -4.84
N LYS A 206 -38.24 1.47 -3.75
CA LYS A 206 -38.67 2.63 -2.96
C LYS A 206 -38.63 3.91 -3.78
N PRO A 207 -37.46 4.33 -4.39
CA PRO A 207 -37.42 5.62 -5.11
C PRO A 207 -38.50 5.83 -6.18
N SER A 208 -39.27 4.82 -6.55
CA SER A 208 -40.43 5.07 -7.41
C SER A 208 -41.75 4.78 -6.71
N ASN A 209 -41.70 4.43 -5.42
CA ASN A 209 -42.85 3.91 -4.70
C ASN A 209 -43.64 2.93 -5.55
N THR A 210 -42.90 1.97 -6.11
CA THR A 210 -43.46 0.86 -6.89
C THR A 210 -43.39 -0.38 -6.02
N LYS A 211 -44.41 -1.23 -6.12
CA LYS A 211 -44.46 -2.46 -5.32
C LYS A 211 -45.29 -3.47 -6.09
N VAL A 212 -44.63 -4.51 -6.58
CA VAL A 212 -45.27 -5.53 -7.40
C VAL A 212 -45.15 -6.88 -6.71
N ASP A 213 -46.23 -7.64 -6.73
CA ASP A 213 -46.23 -9.04 -6.26
C ASP A 213 -46.60 -9.90 -7.47
N LYS A 214 -45.66 -10.72 -7.92
CA LYS A 214 -45.85 -11.51 -9.14
C LYS A 214 -45.87 -13.00 -8.80
N ARG A 215 -46.88 -13.70 -9.31
CA ARG A 215 -46.98 -15.14 -9.13
C ARG A 215 -46.24 -15.87 -10.25
N VAL A 216 -45.53 -16.95 -9.86
CA VAL A 216 -44.66 -17.69 -10.76
C VAL A 216 -45.10 -19.14 -10.73
N GLU A 217 -45.62 -19.63 -11.86
CA GLU A 217 -46.15 -20.98 -12.03
C GLU A 217 -45.53 -21.59 -13.26
N PRO A 218 -45.63 -22.92 -13.43
CA PRO A 218 -45.02 -23.55 -14.60
C PRO A 218 -45.75 -23.26 -15.92
N LEU B 1 -5.48 18.65 6.82
CA LEU B 1 -6.32 17.59 7.36
C LEU B 1 -5.58 16.26 7.29
N PRO B 2 -5.73 15.43 8.32
CA PRO B 2 -4.90 14.21 8.42
C PRO B 2 -5.23 13.21 7.32
N VAL B 3 -4.25 12.34 7.04
CA VAL B 3 -4.45 11.20 6.15
C VAL B 3 -3.70 10.01 6.73
N LEU B 4 -4.38 8.86 6.79
CA LEU B 4 -3.79 7.59 7.18
C LEU B 4 -3.71 6.71 5.94
N THR B 5 -2.59 6.03 5.75
CA THR B 5 -2.39 5.18 4.58
C THR B 5 -2.28 3.72 5.00
N GLN B 6 -3.13 2.88 4.43
CA GLN B 6 -3.04 1.44 4.47
C GLN B 6 -2.60 0.94 3.12
N PRO B 7 -2.10 -0.29 3.04
CA PRO B 7 -1.92 -0.92 1.72
C PRO B 7 -3.24 -1.44 1.19
N PRO B 8 -3.51 -1.28 -0.10
CA PRO B 8 -4.55 -2.12 -0.69
C PRO B 8 -4.02 -3.55 -0.70
N SER B 9 -4.93 -4.52 -0.63
CA SER B 9 -4.52 -5.89 -0.97
C SER B 9 -3.43 -6.49 -0.06
N VAL B 10 -3.80 -7.06 1.07
CA VAL B 10 -2.90 -7.96 1.77
C VAL B 10 -3.32 -9.41 1.51
N SER B 11 -2.33 -10.29 1.31
CA SER B 11 -2.56 -11.70 0.99
C SER B 11 -1.89 -12.61 2.02
N VAL B 12 -2.56 -13.72 2.32
CA VAL B 12 -2.13 -14.62 3.38
C VAL B 12 -2.73 -16.01 3.10
N SER B 13 -1.91 -17.08 3.35
CA SER B 13 -2.44 -18.44 3.23
C SER B 13 -3.06 -18.88 4.55
N PRO B 14 -4.09 -19.74 4.52
CA PRO B 14 -4.85 -20.04 5.74
C PRO B 14 -3.95 -20.54 6.87
N GLY B 15 -4.43 -20.35 8.10
CA GLY B 15 -3.68 -20.68 9.30
C GLY B 15 -2.48 -19.80 9.59
N GLN B 16 -2.04 -19.00 8.63
CA GLN B 16 -0.89 -18.12 8.81
C GLN B 16 -1.35 -16.79 9.43
N THR B 17 -0.43 -15.82 9.53
CA THR B 17 -0.65 -14.61 10.33
C THR B 17 -0.65 -13.39 9.42
N ALA B 18 -1.83 -12.80 9.22
CA ALA B 18 -1.97 -11.60 8.42
C ALA B 18 -1.74 -10.36 9.28
N SER B 19 -1.15 -9.36 8.67
CA SER B 19 -0.85 -8.12 9.39
C SER B 19 -1.18 -6.94 8.48
N ILE B 20 -2.10 -6.07 8.95
CA ILE B 20 -2.54 -4.89 8.21
C ILE B 20 -1.91 -3.65 8.84
N THR B 21 -1.21 -2.86 8.04
CA THR B 21 -0.51 -1.69 8.56
C THR B 21 -1.29 -0.41 8.26
N CYS B 22 -1.08 0.61 9.08
CA CYS B 22 -1.79 1.86 8.91
C CYS B 22 -0.91 2.97 9.45
N SER B 23 -0.49 3.91 8.59
CA SER B 23 0.57 4.87 8.89
C SER B 23 0.09 6.31 8.82
N GLY B 24 0.65 7.12 9.70
CA GLY B 24 0.39 8.56 9.73
C GLY B 24 1.29 9.17 10.80
N ASP B 25 1.48 10.48 10.67
CA ASP B 25 2.53 11.14 11.45
C ASP B 25 2.12 11.28 12.92
N LYS B 26 2.95 10.71 13.80
CA LYS B 26 2.68 10.66 15.24
C LYS B 26 1.36 9.93 15.50
N LEU B 27 1.04 8.94 14.66
CA LEU B 27 -0.15 8.12 14.88
C LEU B 27 -0.13 7.45 16.24
N GLY B 28 1.06 7.19 16.78
CA GLY B 28 1.18 6.58 18.09
C GLY B 28 0.68 7.44 19.23
N ASP B 29 0.42 8.72 19.00
CA ASP B 29 -0.18 9.56 20.03
C ASP B 29 -1.70 9.51 20.03
N LYS B 30 -2.31 8.94 19.00
CA LYS B 30 -3.75 8.84 18.89
C LYS B 30 -4.18 7.40 19.12
N TYR B 31 -5.39 7.22 19.66
CA TYR B 31 -5.99 5.89 19.75
C TYR B 31 -6.55 5.49 18.39
N VAL B 32 -6.44 4.21 18.08
CA VAL B 32 -6.75 3.67 16.77
C VAL B 32 -7.80 2.58 16.93
N CYS B 33 -8.75 2.57 16.00
CA CYS B 33 -9.77 1.55 15.92
C CYS B 33 -9.65 0.85 14.57
N TRP B 34 -10.14 -0.38 14.51
CA TRP B 34 -10.14 -1.15 13.29
C TRP B 34 -11.54 -1.67 13.04
N TYR B 35 -11.98 -1.65 11.77
CA TYR B 35 -13.28 -2.14 11.37
C TYR B 35 -13.13 -3.11 10.21
N GLN B 36 -13.93 -4.15 10.25
CA GLN B 36 -13.98 -5.17 9.22
C GLN B 36 -15.29 -5.01 8.47
N GLN B 37 -15.23 -4.97 7.13
CA GLN B 37 -16.42 -4.85 6.30
C GLN B 37 -16.42 -5.97 5.26
N LYS B 38 -17.54 -6.66 5.19
CA LYS B 38 -17.77 -7.79 4.31
C LYS B 38 -18.79 -7.42 3.26
N PRO B 39 -18.82 -8.13 2.13
CA PRO B 39 -19.49 -7.59 0.94
C PRO B 39 -20.95 -7.33 1.23
N GLY B 40 -21.37 -6.09 0.99
CA GLY B 40 -22.76 -5.72 1.11
C GLY B 40 -23.25 -5.40 2.50
N GLN B 41 -22.37 -5.32 3.50
CA GLN B 41 -22.87 -5.00 4.84
C GLN B 41 -22.07 -3.90 5.52
N SER B 42 -22.57 -3.47 6.68
CA SER B 42 -21.97 -2.36 7.41
C SER B 42 -20.67 -2.77 8.08
N PRO B 43 -19.74 -1.83 8.24
CA PRO B 43 -18.54 -2.09 9.04
C PRO B 43 -18.86 -2.65 10.43
N VAL B 44 -17.92 -3.43 10.96
CA VAL B 44 -18.02 -4.02 12.28
C VAL B 44 -16.73 -3.70 13.01
N LEU B 45 -16.86 -3.17 14.23
CA LEU B 45 -15.69 -2.81 15.04
C LEU B 45 -14.97 -4.07 15.49
N VAL B 46 -13.66 -4.17 15.25
CA VAL B 46 -12.97 -5.39 15.67
C VAL B 46 -11.90 -5.10 16.70
N ILE B 47 -11.35 -3.89 16.67
CA ILE B 47 -10.33 -3.47 17.63
C ILE B 47 -10.58 -2.00 17.94
N TYR B 48 -10.51 -1.64 19.22
CA TYR B 48 -10.66 -0.28 19.64
C TYR B 48 -9.59 0.05 20.66
N GLN B 49 -9.27 1.34 20.76
CA GLN B 49 -8.24 1.84 21.67
C GLN B 49 -6.91 1.10 21.49
N ASP B 50 -6.51 0.97 20.21
CA ASP B 50 -5.28 0.35 19.72
C ASP B 50 -5.23 -1.17 19.87
N SER B 51 -5.88 -1.73 20.90
CA SER B 51 -5.62 -3.14 21.23
C SER B 51 -6.77 -3.86 21.92
N LYS B 52 -7.90 -3.24 22.18
CA LYS B 52 -8.95 -3.91 22.92
C LYS B 52 -9.93 -4.51 21.94
N ARG B 53 -10.67 -5.51 22.41
CA ARG B 53 -11.53 -6.33 21.59
C ARG B 53 -12.96 -6.20 22.09
N PRO B 54 -13.92 -5.89 21.24
CA PRO B 54 -15.32 -5.87 21.69
C PRO B 54 -15.79 -7.25 22.10
N SER B 55 -16.74 -7.27 23.03
CA SER B 55 -17.31 -8.52 23.53
C SER B 55 -17.89 -9.33 22.37
N GLY B 56 -17.32 -10.51 22.12
CA GLY B 56 -17.83 -11.40 21.10
C GLY B 56 -17.00 -11.49 19.84
N ILE B 57 -15.78 -10.98 19.85
CA ILE B 57 -14.94 -10.92 18.67
C ILE B 57 -13.82 -11.94 18.84
N PRO B 58 -13.58 -12.82 17.86
CA PRO B 58 -12.62 -13.90 18.04
C PRO B 58 -11.26 -13.39 18.49
N GLU B 59 -10.64 -14.13 19.41
CA GLU B 59 -9.42 -13.67 20.05
C GLU B 59 -8.22 -13.69 19.11
N ARG B 60 -8.33 -14.34 17.96
CA ARG B 60 -7.23 -14.24 16.99
C ARG B 60 -7.05 -12.82 16.48
N PHE B 61 -8.00 -11.93 16.75
CA PHE B 61 -7.87 -10.52 16.39
C PHE B 61 -7.14 -9.78 17.50
N SER B 62 -6.05 -9.13 17.12
CA SER B 62 -5.29 -8.28 18.05
C SER B 62 -4.76 -7.08 17.27
N GLY B 63 -4.28 -6.08 18.00
CA GLY B 63 -3.76 -4.87 17.39
C GLY B 63 -2.72 -4.22 18.27
N SER B 64 -2.02 -3.25 17.69
CA SER B 64 -0.97 -2.55 18.40
C SER B 64 -0.69 -1.25 17.67
N ASN B 65 -0.10 -0.29 18.40
CA ASN B 65 0.14 1.03 17.84
C ASN B 65 1.32 1.65 18.55
N SER B 66 2.27 2.19 17.78
CA SER B 66 3.51 2.76 18.29
C SER B 66 4.17 3.53 17.16
N GLY B 67 4.79 4.66 17.50
CA GLY B 67 5.51 5.45 16.51
C GLY B 67 4.61 6.09 15.47
N ASN B 68 4.80 5.75 14.19
CA ASN B 68 3.96 6.26 13.11
C ASN B 68 3.06 5.17 12.53
N THR B 69 2.86 4.07 13.25
CA THR B 69 2.31 2.88 12.63
C THR B 69 1.44 2.10 13.61
N ALA B 70 0.20 1.82 13.20
CA ALA B 70 -0.69 0.89 13.86
C ALA B 70 -0.78 -0.37 13.02
N THR B 71 -1.12 -1.48 13.66
CA THR B 71 -1.09 -2.78 13.01
C THR B 71 -2.24 -3.61 13.54
N LEU B 72 -2.98 -4.21 12.62
CA LEU B 72 -4.04 -5.14 12.97
C LEU B 72 -3.53 -6.50 12.53
N THR B 73 -3.59 -7.48 13.42
CA THR B 73 -3.05 -8.79 13.11
C THR B 73 -4.09 -9.86 13.38
N ILE B 74 -4.23 -10.78 12.45
CA ILE B 74 -5.08 -11.95 12.60
C ILE B 74 -4.15 -13.14 12.60
N SER B 75 -4.13 -13.87 13.71
CA SER B 75 -3.40 -15.13 13.81
C SER B 75 -4.30 -16.27 13.32
N GLY B 76 -3.70 -17.20 12.57
CA GLY B 76 -4.46 -18.32 12.06
C GLY B 76 -5.64 -17.92 11.20
N THR B 77 -5.38 -17.11 10.19
CA THR B 77 -6.44 -16.52 9.39
C THR B 77 -7.28 -17.59 8.70
N GLN B 78 -8.60 -17.46 8.80
CA GLN B 78 -9.55 -18.37 8.18
C GLN B 78 -10.00 -17.84 6.82
N ALA B 79 -10.85 -18.61 6.14
CA ALA B 79 -11.58 -18.07 5.00
C ALA B 79 -12.60 -17.03 5.45
N MET B 80 -13.11 -17.19 6.68
CA MET B 80 -14.08 -16.28 7.27
C MET B 80 -13.61 -14.83 7.26
N ASP B 81 -12.30 -14.61 7.22
CA ASP B 81 -11.75 -13.29 7.46
C ASP B 81 -11.45 -12.52 6.18
N GLU B 82 -11.85 -13.06 5.02
CA GLU B 82 -11.79 -12.31 3.78
C GLU B 82 -12.75 -11.12 3.86
N ALA B 83 -12.21 -9.90 3.80
CA ALA B 83 -12.99 -8.69 4.02
C ALA B 83 -12.11 -7.48 3.75
N ASP B 84 -12.71 -6.29 3.83
CA ASP B 84 -11.97 -5.04 3.87
C ASP B 84 -11.80 -4.60 5.33
N TYR B 85 -10.65 -3.98 5.60
CA TYR B 85 -10.26 -3.60 6.95
C TYR B 85 -9.92 -2.12 6.94
N TYR B 86 -10.59 -1.34 7.78
CA TYR B 86 -10.39 0.10 7.88
C TYR B 86 -9.83 0.45 9.25
N CYS B 87 -8.78 1.25 9.27
CA CYS B 87 -8.30 1.84 10.50
C CYS B 87 -8.85 3.25 10.60
N GLN B 88 -9.03 3.70 11.84
CA GLN B 88 -9.57 5.01 12.11
C GLN B 88 -8.78 5.58 13.26
N ALA B 89 -8.48 6.88 13.20
CA ALA B 89 -8.00 7.57 14.41
C ALA B 89 -9.24 7.88 15.25
N CYS B 90 -9.59 6.98 16.18
CA CYS B 90 -10.74 7.23 17.07
C CYS B 90 -10.25 8.09 18.23
N ASP B 91 -9.87 9.31 17.85
CA ASP B 91 -9.36 10.34 18.73
C ASP B 91 -9.78 11.69 18.15
N SER B 92 -9.26 12.76 18.73
CA SER B 92 -9.74 14.13 18.50
C SER B 92 -10.09 14.46 17.03
N SER B 93 -9.11 14.39 16.13
CA SER B 93 -9.34 14.75 14.72
C SER B 93 -9.50 13.46 13.92
N THR B 94 -10.74 12.98 13.84
CA THR B 94 -10.98 11.62 13.37
C THR B 94 -10.82 11.54 11.84
N VAL B 95 -10.26 10.41 11.39
CA VAL B 95 -10.11 10.14 9.98
C VAL B 95 -10.03 8.64 9.82
N PHE B 96 -10.49 8.14 8.68
CA PHE B 96 -10.35 6.74 8.35
C PHE B 96 -9.15 6.56 7.44
N GLY B 97 -8.58 5.35 7.45
CA GLY B 97 -7.65 4.93 6.42
C GLY B 97 -8.38 4.51 5.16
N GLY B 98 -7.62 4.39 4.08
CA GLY B 98 -8.19 4.06 2.78
C GLY B 98 -8.74 2.65 2.68
N GLY B 99 -8.30 1.75 3.54
CA GLY B 99 -8.88 0.42 3.52
C GLY B 99 -7.96 -0.61 2.88
N THR B 100 -8.07 -1.85 3.35
CA THR B 100 -7.23 -2.94 2.89
C THR B 100 -8.15 -4.11 2.59
N LYS B 101 -8.11 -4.62 1.36
CA LYS B 101 -8.76 -5.87 1.05
C LYS B 101 -7.85 -7.01 1.46
N LEU B 102 -8.41 -8.00 2.14
CA LEU B 102 -7.68 -9.15 2.67
C LEU B 102 -8.12 -10.37 1.87
N THR B 103 -7.24 -10.93 1.06
CA THR B 103 -7.53 -12.17 0.35
C THR B 103 -6.75 -13.30 1.00
N VAL B 104 -7.45 -14.39 1.33
CA VAL B 104 -6.86 -15.56 1.98
C VAL B 104 -6.69 -16.66 0.93
N LEU B 105 -5.44 -17.02 0.63
CA LEU B 105 -5.10 -17.83 -0.54
C LEU B 105 -5.49 -19.31 -0.37
N GLY B 106 -5.33 -20.07 -1.44
CA GLY B 106 -5.45 -21.52 -1.41
C GLY B 106 -6.84 -22.08 -1.36
N GLN B 107 -7.88 -21.26 -1.51
CA GLN B 107 -9.23 -21.77 -1.56
C GLN B 107 -9.47 -22.53 -2.88
N PRO B 108 -10.31 -23.56 -2.85
CA PRO B 108 -10.39 -24.48 -3.99
C PRO B 108 -11.18 -23.89 -5.16
N LYS B 109 -10.69 -24.18 -6.37
CA LYS B 109 -11.43 -23.80 -7.57
C LYS B 109 -12.81 -24.45 -7.56
N ALA B 110 -13.80 -23.70 -8.05
CA ALA B 110 -15.13 -24.24 -8.27
C ALA B 110 -15.67 -23.68 -9.58
N ALA B 111 -16.39 -24.47 -10.26
CA ALA B 111 -16.93 -24.14 -11.57
C ALA B 111 -18.29 -23.47 -11.42
N PRO B 112 -18.62 -22.58 -12.35
CA PRO B 112 -19.91 -21.88 -12.26
C PRO B 112 -21.06 -22.85 -12.40
N SER B 113 -22.13 -22.59 -11.66
CA SER B 113 -23.42 -23.23 -11.91
C SER B 113 -24.29 -22.24 -12.67
N VAL B 114 -24.80 -22.66 -13.82
CA VAL B 114 -25.44 -21.77 -14.79
C VAL B 114 -26.89 -22.19 -14.96
N THR B 115 -27.80 -21.24 -14.79
CA THR B 115 -29.22 -21.39 -15.07
C THR B 115 -29.60 -20.41 -16.16
N LEU B 116 -30.42 -20.83 -17.12
CA LEU B 116 -30.72 -20.02 -18.29
C LEU B 116 -32.22 -20.01 -18.53
N PHE B 117 -32.84 -18.82 -18.40
CA PHE B 117 -34.29 -18.73 -18.59
C PHE B 117 -34.64 -18.09 -19.94
N PRO B 118 -35.69 -18.57 -20.59
CA PRO B 118 -36.14 -17.99 -21.86
C PRO B 118 -36.99 -16.75 -21.62
N PRO B 119 -37.42 -16.08 -22.68
CA PRO B 119 -38.38 -14.99 -22.50
C PRO B 119 -39.69 -15.50 -21.89
N SER B 120 -40.17 -14.80 -20.87
CA SER B 120 -41.52 -15.03 -20.38
C SER B 120 -42.55 -14.61 -21.43
N SER B 121 -43.70 -15.29 -21.40
CA SER B 121 -44.77 -14.95 -22.35
C SER B 121 -45.40 -13.59 -22.05
N GLU B 122 -45.31 -13.12 -20.80
CA GLU B 122 -45.71 -11.75 -20.50
C GLU B 122 -44.82 -10.75 -21.22
N GLU B 123 -43.50 -11.02 -21.25
CA GLU B 123 -42.61 -10.10 -21.93
C GLU B 123 -42.84 -10.14 -23.44
N LEU B 124 -43.08 -11.34 -23.98
CA LEU B 124 -43.37 -11.45 -25.40
C LEU B 124 -44.67 -10.71 -25.74
N GLN B 125 -45.66 -10.75 -24.85
CA GLN B 125 -46.84 -9.90 -25.01
C GLN B 125 -46.49 -8.41 -24.96
N ALA B 126 -45.44 -8.02 -24.24
CA ALA B 126 -44.95 -6.64 -24.25
C ALA B 126 -44.10 -6.33 -25.47
N ASN B 127 -44.14 -7.19 -26.48
CA ASN B 127 -43.22 -7.20 -27.60
C ASN B 127 -41.80 -6.82 -27.18
N LYS B 128 -41.29 -7.59 -26.20
CA LYS B 128 -39.89 -7.58 -25.80
C LYS B 128 -39.48 -9.02 -25.52
N ALA B 129 -38.17 -9.26 -25.41
CA ALA B 129 -37.66 -10.60 -25.19
C ALA B 129 -36.27 -10.51 -24.57
N THR B 130 -36.08 -11.12 -23.39
CA THR B 130 -34.80 -11.16 -22.70
C THR B 130 -34.49 -12.58 -22.29
N LEU B 131 -33.25 -13.00 -22.47
CA LEU B 131 -32.75 -14.26 -21.96
C LEU B 131 -31.84 -13.97 -20.79
N VAL B 132 -31.98 -14.73 -19.70
CA VAL B 132 -31.25 -14.46 -18.47
C VAL B 132 -30.31 -15.62 -18.18
N CYS B 133 -29.04 -15.31 -18.00
CA CYS B 133 -28.01 -16.31 -17.73
C CYS B 133 -27.44 -16.01 -16.36
N LEU B 134 -27.72 -16.88 -15.39
CA LEU B 134 -27.35 -16.66 -14.00
C LEU B 134 -26.20 -17.57 -13.62
N ILE B 135 -25.13 -16.98 -13.10
CA ILE B 135 -23.83 -17.64 -12.95
C ILE B 135 -23.42 -17.48 -11.49
N SER B 136 -23.38 -18.59 -10.74
CA SER B 136 -23.19 -18.55 -9.30
C SER B 136 -22.11 -19.51 -8.84
N ASP B 137 -21.51 -19.18 -7.69
CA ASP B 137 -20.72 -20.12 -6.87
C ASP B 137 -19.46 -20.59 -7.58
N PHE B 138 -18.75 -19.66 -8.20
CA PHE B 138 -17.50 -20.00 -8.84
C PHE B 138 -16.36 -19.28 -8.16
N TYR B 139 -15.21 -19.95 -8.09
CA TYR B 139 -13.99 -19.37 -7.60
C TYR B 139 -12.90 -19.94 -8.50
N PRO B 140 -11.89 -19.13 -8.87
CA PRO B 140 -11.67 -17.68 -8.77
C PRO B 140 -12.77 -16.80 -9.44
N GLY B 141 -12.63 -15.48 -9.33
CA GLY B 141 -13.72 -14.58 -9.71
C GLY B 141 -13.68 -14.01 -11.11
N ALA B 142 -13.48 -14.84 -12.13
CA ALA B 142 -13.43 -14.34 -13.50
C ALA B 142 -14.09 -15.34 -14.44
N VAL B 143 -15.03 -14.85 -15.25
CA VAL B 143 -15.65 -15.64 -16.30
C VAL B 143 -15.68 -14.78 -17.55
N THR B 144 -15.88 -15.44 -18.69
CA THR B 144 -16.25 -14.80 -19.92
C THR B 144 -17.52 -15.48 -20.45
N VAL B 145 -18.39 -14.71 -21.08
CA VAL B 145 -19.72 -15.18 -21.46
C VAL B 145 -19.93 -14.92 -22.95
N ALA B 146 -20.11 -15.99 -23.73
CA ALA B 146 -20.41 -15.88 -25.16
C ALA B 146 -21.81 -16.40 -25.43
N TRP B 147 -22.54 -15.73 -26.30
CA TRP B 147 -23.89 -16.12 -26.65
C TRP B 147 -23.96 -16.57 -28.10
N LYS B 148 -24.70 -17.66 -28.36
CA LYS B 148 -24.89 -18.18 -29.71
C LYS B 148 -26.37 -18.27 -30.04
N ALA B 149 -26.71 -17.93 -31.27
CA ALA B 149 -28.01 -18.23 -31.86
C ALA B 149 -27.78 -19.35 -32.87
N ASP B 150 -28.03 -20.58 -32.41
CA ASP B 150 -27.94 -21.89 -33.05
C ASP B 150 -26.51 -22.35 -33.31
N SER B 151 -25.66 -21.44 -33.72
CA SER B 151 -24.34 -21.86 -34.18
C SER B 151 -23.32 -20.74 -34.04
N SER B 152 -23.82 -19.52 -34.17
CA SER B 152 -22.98 -18.40 -34.52
C SER B 152 -23.10 -17.30 -33.48
N PRO B 153 -22.02 -16.59 -33.21
CA PRO B 153 -22.02 -15.60 -32.14
C PRO B 153 -23.15 -14.58 -32.33
N VAL B 154 -23.72 -14.15 -31.21
CA VAL B 154 -24.83 -13.21 -31.27
C VAL B 154 -24.28 -11.82 -31.51
N LYS B 155 -24.85 -11.16 -32.53
CA LYS B 155 -24.44 -9.84 -33.00
C LYS B 155 -24.30 -8.84 -31.86
N ALA B 156 -25.37 -8.63 -31.09
CA ALA B 156 -25.50 -7.46 -30.24
C ALA B 156 -26.47 -7.77 -29.10
N GLY B 157 -26.57 -6.80 -28.19
CA GLY B 157 -27.58 -6.86 -27.13
C GLY B 157 -27.28 -7.76 -25.95
N VAL B 158 -26.01 -8.02 -25.64
CA VAL B 158 -25.67 -8.74 -24.42
C VAL B 158 -25.04 -7.77 -23.43
N GLU B 159 -25.45 -7.91 -22.17
CA GLU B 159 -24.95 -7.12 -21.04
C GLU B 159 -24.56 -8.10 -19.94
N THR B 160 -23.33 -8.00 -19.45
CA THR B 160 -22.81 -8.91 -18.44
C THR B 160 -22.28 -8.07 -17.29
N THR B 161 -22.62 -8.49 -16.07
CA THR B 161 -22.13 -7.83 -14.86
C THR B 161 -20.66 -8.19 -14.64
N THR B 162 -19.93 -7.31 -13.97
CA THR B 162 -18.67 -7.77 -13.43
C THR B 162 -18.97 -8.74 -12.28
N PRO B 163 -18.05 -9.64 -11.97
CA PRO B 163 -18.34 -10.61 -10.90
C PRO B 163 -18.22 -9.98 -9.52
N SER B 164 -19.07 -10.47 -8.59
CA SER B 164 -19.11 -9.90 -7.25
C SER B 164 -19.12 -10.99 -6.17
N LYS B 165 -18.39 -10.75 -5.08
CA LYS B 165 -18.20 -11.74 -4.02
C LYS B 165 -19.51 -12.04 -3.30
N GLN B 166 -19.78 -13.34 -3.10
CA GLN B 166 -20.95 -13.77 -2.34
C GLN B 166 -20.59 -13.81 -0.85
N SER B 167 -21.51 -14.34 -0.03
CA SER B 167 -21.22 -14.51 1.38
C SER B 167 -20.26 -15.67 1.60
N ASN B 168 -20.47 -16.78 0.89
CA ASN B 168 -19.68 -18.00 1.07
C ASN B 168 -18.30 -17.91 0.42
N ASN B 169 -17.84 -16.72 0.06
CA ASN B 169 -16.54 -16.37 -0.52
C ASN B 169 -16.42 -16.68 -2.02
N LYS B 170 -17.42 -17.29 -2.65
CA LYS B 170 -17.42 -17.52 -4.08
C LYS B 170 -18.04 -16.33 -4.82
N TYR B 171 -18.06 -16.37 -6.15
CA TYR B 171 -18.50 -15.22 -6.92
C TYR B 171 -19.78 -15.52 -7.69
N ALA B 172 -20.45 -14.44 -8.12
CA ALA B 172 -21.69 -14.52 -8.88
C ALA B 172 -21.65 -13.54 -10.05
N ALA B 173 -22.45 -13.83 -11.08
CA ALA B 173 -22.51 -12.95 -12.26
C ALA B 173 -23.78 -13.23 -13.03
N SER B 174 -24.16 -12.28 -13.89
CA SER B 174 -25.39 -12.38 -14.67
C SER B 174 -25.09 -11.94 -16.09
N SER B 175 -25.73 -12.58 -17.06
CA SER B 175 -25.68 -12.11 -18.43
C SER B 175 -27.09 -12.07 -19.01
N TYR B 176 -27.41 -10.96 -19.65
CA TYR B 176 -28.71 -10.76 -20.24
C TYR B 176 -28.52 -10.59 -21.75
N LEU B 177 -29.41 -11.24 -22.51
CA LEU B 177 -29.48 -11.09 -23.97
C LEU B 177 -30.87 -10.58 -24.30
N SER B 178 -30.92 -9.45 -25.01
CA SER B 178 -32.16 -8.82 -25.45
C SER B 178 -32.40 -9.13 -26.92
N LEU B 179 -33.62 -9.50 -27.26
CA LEU B 179 -33.97 -9.82 -28.64
C LEU B 179 -35.33 -9.25 -28.95
N THR B 180 -35.57 -9.08 -30.23
CA THR B 180 -36.95 -8.88 -30.62
C THR B 180 -37.68 -10.22 -30.57
N PRO B 181 -38.99 -10.21 -30.29
CA PRO B 181 -39.79 -11.45 -30.41
C PRO B 181 -39.53 -12.22 -31.71
N GLU B 182 -39.30 -11.51 -32.82
CA GLU B 182 -39.05 -12.16 -34.10
C GLU B 182 -37.70 -12.88 -34.11
N GLN B 183 -36.66 -12.25 -33.55
CA GLN B 183 -35.37 -12.94 -33.43
C GLN B 183 -35.47 -14.16 -32.53
N TRP B 184 -36.23 -14.06 -31.45
CA TRP B 184 -36.42 -15.22 -30.57
C TRP B 184 -37.02 -16.38 -31.35
N LYS B 185 -38.13 -16.13 -32.05
CA LYS B 185 -38.86 -17.21 -32.73
C LYS B 185 -38.15 -17.73 -33.97
N SER B 186 -37.31 -16.90 -34.62
CA SER B 186 -36.73 -17.26 -35.91
C SER B 186 -35.59 -18.29 -35.83
N HIS B 187 -35.03 -18.52 -34.65
CA HIS B 187 -33.95 -19.47 -34.46
C HIS B 187 -34.45 -20.69 -33.70
N ARG B 188 -33.68 -21.77 -33.77
CA ARG B 188 -34.12 -23.02 -33.14
C ARG B 188 -33.61 -23.17 -31.71
N SER B 189 -32.54 -22.46 -31.34
CA SER B 189 -32.04 -22.52 -29.98
C SER B 189 -31.16 -21.29 -29.71
N TYR B 190 -30.96 -21.01 -28.43
CA TYR B 190 -29.99 -20.02 -27.96
C TYR B 190 -29.16 -20.65 -26.86
N SER B 191 -27.89 -20.27 -26.82
CA SER B 191 -26.98 -20.82 -25.83
C SER B 191 -26.27 -19.70 -25.09
N CYS B 192 -26.11 -19.91 -23.79
CA CYS B 192 -25.21 -19.17 -22.93
C CYS B 192 -24.00 -20.05 -22.68
N GLN B 193 -22.81 -19.56 -23.03
CA GLN B 193 -21.58 -20.30 -22.88
C GLN B 193 -20.71 -19.56 -21.89
N VAL B 194 -20.45 -20.16 -20.74
CA VAL B 194 -19.70 -19.51 -19.66
C VAL B 194 -18.38 -20.23 -19.51
N THR B 195 -17.28 -19.50 -19.62
CA THR B 195 -15.96 -20.12 -19.59
C THR B 195 -15.23 -19.66 -18.36
N HIS B 196 -14.78 -20.63 -17.57
CA HIS B 196 -14.17 -20.39 -16.27
C HIS B 196 -12.89 -21.23 -16.22
N GLU B 197 -11.74 -20.56 -16.22
CA GLU B 197 -10.45 -21.24 -16.04
C GLU B 197 -10.24 -22.34 -17.07
N GLY B 198 -10.48 -22.01 -18.34
CA GLY B 198 -10.21 -22.89 -19.45
C GLY B 198 -11.37 -23.79 -19.85
N SER B 199 -12.24 -24.15 -18.92
CA SER B 199 -13.37 -25.04 -19.21
C SER B 199 -14.67 -24.25 -19.36
N THR B 200 -15.54 -24.72 -20.27
CA THR B 200 -16.77 -24.04 -20.64
C THR B 200 -18.00 -24.82 -20.18
N VAL B 201 -18.97 -24.11 -19.61
CA VAL B 201 -20.25 -24.66 -19.19
C VAL B 201 -21.34 -24.00 -20.04
N GLU B 202 -22.22 -24.82 -20.64
CA GLU B 202 -23.12 -24.34 -21.67
C GLU B 202 -24.53 -24.85 -21.42
N LYS B 203 -25.49 -23.92 -21.28
CA LYS B 203 -26.92 -24.24 -21.25
C LYS B 203 -27.60 -23.68 -22.50
N THR B 204 -28.69 -24.32 -22.93
CA THR B 204 -29.43 -23.91 -24.14
C THR B 204 -30.92 -23.76 -23.84
N VAL B 205 -31.60 -22.93 -24.63
CA VAL B 205 -33.07 -22.85 -24.63
C VAL B 205 -33.57 -22.72 -26.06
N ALA B 206 -34.85 -23.01 -26.27
CA ALA B 206 -35.47 -23.02 -27.58
C ALA B 206 -36.92 -22.55 -27.46
N PRO B 207 -37.45 -21.84 -28.47
CA PRO B 207 -38.83 -21.33 -28.46
C PRO B 207 -39.90 -22.39 -28.30
N GLU C 1 1.68 8.62 -42.78
CA GLU C 1 2.82 7.84 -42.29
C GLU C 1 2.70 7.50 -40.83
N ASP C 2 2.00 6.40 -40.53
CA ASP C 2 1.45 6.01 -39.23
C ASP C 2 2.50 5.87 -38.12
N PRO C 3 2.50 6.79 -37.15
CA PRO C 3 3.54 6.79 -36.11
C PRO C 3 3.41 5.67 -35.08
N HIS C 4 2.31 4.92 -35.06
CA HIS C 4 1.99 4.03 -33.96
C HIS C 4 2.03 2.55 -34.31
N LEU C 5 2.71 2.18 -35.40
CA LEU C 5 2.86 0.78 -35.79
C LEU C 5 3.28 -0.13 -34.63
N ARG C 6 4.12 0.37 -33.72
CA ARG C 6 4.65 -0.44 -32.63
C ARG C 6 3.78 -0.37 -31.38
N ASN C 7 2.74 0.44 -31.38
CA ASN C 7 1.77 0.46 -30.28
C ASN C 7 0.78 -0.67 -30.57
N ARG C 8 1.01 -1.81 -29.94
CA ARG C 8 0.38 -3.04 -30.38
C ARG C 8 -0.99 -3.23 -29.74
N PRO C 9 -1.92 -3.87 -30.44
CA PRO C 9 -3.14 -4.33 -29.80
C PRO C 9 -2.86 -5.56 -28.93
N GLY C 10 -3.79 -5.81 -28.02
CA GLY C 10 -3.63 -6.90 -27.08
C GLY C 10 -2.45 -6.64 -26.16
N LYS C 11 -1.84 -7.74 -25.71
CA LYS C 11 -0.66 -7.65 -24.87
C LYS C 11 0.58 -7.27 -25.66
N GLY C 12 0.61 -7.56 -26.96
CA GLY C 12 1.75 -7.24 -27.80
C GLY C 12 3.00 -8.08 -27.58
N HIS C 13 2.85 -9.32 -27.11
CA HIS C 13 3.99 -10.20 -26.86
C HIS C 13 4.44 -10.84 -28.17
N ASN C 14 5.60 -10.43 -28.67
CA ASN C 14 6.24 -11.07 -29.83
C ASN C 14 7.48 -11.86 -29.41
N TYR C 15 7.24 -12.99 -28.78
CA TYR C 15 8.29 -13.92 -28.44
C TYR C 15 7.70 -15.32 -28.56
N ILE C 16 8.58 -16.28 -28.81
CA ILE C 16 8.19 -17.68 -28.86
C ILE C 16 8.70 -18.31 -27.58
N ASP C 17 7.95 -19.29 -27.08
CA ASP C 17 8.32 -19.94 -25.83
C ASP C 17 9.68 -20.60 -25.94
N GLY C 18 10.54 -20.35 -24.96
CA GLY C 18 11.89 -20.86 -24.95
C GLY C 18 12.94 -19.91 -25.48
N MET C 19 12.55 -18.72 -25.93
CA MET C 19 13.49 -17.72 -26.41
C MET C 19 13.12 -16.37 -25.77
N THR C 20 13.53 -16.21 -24.51
CA THR C 20 13.03 -15.18 -23.62
C THR C 20 14.07 -14.10 -23.31
N GLN C 21 15.07 -13.96 -24.16
CA GLN C 21 16.22 -13.13 -23.88
C GLN C 21 16.15 -11.75 -24.52
N GLU C 22 15.10 -11.45 -25.30
CA GLU C 22 14.74 -10.07 -25.61
C GLU C 22 13.34 -9.73 -25.11
N ASP C 23 12.96 -10.24 -23.94
CA ASP C 23 11.65 -9.91 -23.40
C ASP C 23 11.49 -8.42 -23.13
N ALA C 24 12.58 -7.75 -22.78
CA ALA C 24 12.44 -6.35 -22.38
C ALA C 24 11.94 -5.50 -23.53
N THR C 25 12.21 -5.92 -24.77
CA THR C 25 11.80 -5.19 -25.95
C THR C 25 10.74 -5.91 -26.76
N CYS C 26 10.44 -7.17 -26.43
CA CYS C 26 9.45 -7.96 -27.13
C CYS C 26 8.25 -8.31 -26.30
N LYS C 27 8.28 -8.03 -25.00
CA LYS C 27 7.22 -8.42 -24.06
C LYS C 27 6.80 -7.22 -23.21
N PRO C 28 6.12 -6.24 -23.79
CA PRO C 28 5.63 -6.11 -25.17
C PRO C 28 6.57 -5.38 -26.13
N VAL C 29 6.35 -5.57 -27.43
CA VAL C 29 6.82 -4.60 -28.42
C VAL C 29 6.17 -3.27 -28.12
N THR C 30 6.94 -2.19 -28.24
CA THR C 30 6.45 -0.83 -28.08
C THR C 30 7.41 0.08 -28.85
N TYR C 31 7.31 1.39 -28.61
CA TYR C 31 8.02 2.36 -29.45
C TYR C 31 9.53 2.15 -29.44
N ALA C 32 10.10 1.97 -28.25
CA ALA C 32 11.54 1.90 -28.03
C ALA C 32 12.04 0.47 -28.20
N GLY C 33 13.25 0.34 -28.76
CA GLY C 33 13.94 -0.93 -28.80
C GLY C 33 13.66 -1.73 -30.05
N ALA C 34 14.32 -2.89 -30.14
CA ALA C 34 14.27 -3.74 -31.33
C ALA C 34 13.88 -5.15 -30.94
N CYS C 35 13.19 -5.82 -31.85
CA CYS C 35 12.67 -7.16 -31.60
C CYS C 35 12.88 -7.97 -32.86
N SER C 36 13.74 -8.99 -32.79
CA SER C 36 14.01 -9.75 -34.00
C SER C 36 12.76 -10.46 -34.51
N SER C 37 11.77 -10.70 -33.63
CA SER C 37 10.56 -11.39 -34.07
C SER C 37 9.56 -10.47 -34.72
N PHE C 38 9.71 -9.18 -34.54
CA PHE C 38 8.69 -8.27 -34.97
C PHE C 38 9.18 -7.25 -35.98
N ASP C 39 10.41 -6.72 -35.83
CA ASP C 39 10.83 -5.59 -36.66
C ASP C 39 10.83 -5.96 -38.14
N VAL C 40 11.10 -7.22 -38.48
CA VAL C 40 11.13 -7.63 -39.88
C VAL C 40 9.78 -7.41 -40.54
N LEU C 41 8.68 -7.58 -39.79
CA LEU C 41 7.34 -7.39 -40.36
C LEU C 41 7.11 -5.98 -40.87
N LEU C 42 7.86 -4.98 -40.39
CA LEU C 42 7.62 -3.58 -40.73
C LEU C 42 8.55 -3.06 -41.81
N GLU C 43 9.48 -3.86 -42.31
CA GLU C 43 10.31 -3.42 -43.42
C GLU C 43 9.46 -3.33 -44.68
N LYS C 44 9.55 -2.21 -45.39
CA LYS C 44 8.55 -1.91 -46.40
C LYS C 44 8.75 -2.80 -47.62
N GLY C 45 7.66 -3.40 -48.09
CA GLY C 45 7.69 -4.32 -49.21
C GLY C 45 8.03 -5.75 -48.88
N LYS C 46 7.99 -6.15 -47.61
CA LYS C 46 8.36 -7.51 -47.24
C LYS C 46 7.23 -8.32 -46.65
N PHE C 47 6.24 -7.69 -46.03
CA PHE C 47 5.04 -8.38 -45.56
C PHE C 47 3.85 -7.50 -45.93
N PRO C 48 3.52 -7.44 -47.23
CA PRO C 48 2.52 -6.45 -47.67
C PRO C 48 1.16 -6.61 -47.00
N LEU C 49 0.71 -7.85 -46.79
CA LEU C 49 -0.61 -8.07 -46.19
C LEU C 49 -0.64 -7.62 -44.74
N PHE C 50 0.36 -8.01 -43.95
CA PHE C 50 0.36 -7.55 -42.57
C PHE C 50 0.52 -6.04 -42.53
N GLN C 51 1.23 -5.45 -43.48
CA GLN C 51 1.39 -3.99 -43.45
C GLN C 51 0.14 -3.21 -43.88
N SER C 52 -0.86 -3.86 -44.47
CA SER C 52 -2.17 -3.26 -44.69
C SER C 52 -3.09 -3.43 -43.50
N TYR C 53 -2.73 -4.27 -42.53
CA TYR C 53 -3.53 -4.61 -41.37
C TYR C 53 -2.68 -4.54 -40.12
N ALA C 54 -1.81 -3.53 -40.07
CA ALA C 54 -0.71 -3.57 -39.12
C ALA C 54 -1.15 -3.35 -37.68
N HIS C 55 -2.42 -2.97 -37.45
CA HIS C 55 -2.94 -2.83 -36.09
C HIS C 55 -3.73 -4.04 -35.64
N HIS C 56 -3.78 -5.11 -36.45
CA HIS C 56 -4.18 -6.43 -36.00
C HIS C 56 -2.95 -7.21 -35.52
N ARG C 57 -3.16 -8.44 -35.07
CA ARG C 57 -2.16 -9.19 -34.32
C ARG C 57 -1.23 -10.00 -35.21
N THR C 58 0.04 -10.10 -34.79
CA THR C 58 0.96 -11.05 -35.39
C THR C 58 0.57 -12.47 -34.97
N LEU C 59 1.17 -13.46 -35.62
CA LEU C 59 0.90 -14.83 -35.19
C LEU C 59 1.35 -15.05 -33.75
N LEU C 60 2.53 -14.51 -33.40
CA LEU C 60 3.02 -14.67 -32.02
C LEU C 60 2.09 -13.99 -31.02
N GLU C 61 1.68 -12.74 -31.30
CA GLU C 61 0.73 -12.03 -30.44
C GLU C 61 -0.55 -12.83 -30.25
N ALA C 62 -1.06 -13.44 -31.33
CA ALA C 62 -2.28 -14.24 -31.23
C ALA C 62 -2.10 -15.45 -30.31
N VAL C 63 -0.92 -16.10 -30.38
CA VAL C 63 -0.66 -17.20 -29.45
C VAL C 63 -0.73 -16.71 -28.01
N HIS C 64 -0.11 -15.56 -27.74
CA HIS C 64 -0.07 -15.16 -26.33
C HIS C 64 -1.38 -14.55 -25.86
N ASP C 65 -2.16 -13.95 -26.77
CA ASP C 65 -3.54 -13.63 -26.45
C ASP C 65 -4.48 -14.85 -26.49
N THR C 66 -3.94 -16.08 -26.51
CA THR C 66 -4.70 -17.35 -26.52
C THR C 66 -5.77 -17.39 -27.63
N ILE C 67 -5.53 -16.70 -28.74
CA ILE C 67 -6.39 -16.84 -29.91
C ILE C 67 -6.00 -18.08 -30.72
N ILE C 68 -4.71 -18.33 -30.90
CA ILE C 68 -4.21 -19.48 -31.63
C ILE C 68 -3.50 -20.39 -30.63
N ALA C 69 -3.82 -21.70 -30.67
CA ALA C 69 -3.17 -22.68 -29.84
C ALA C 69 -1.77 -23.00 -30.35
N LYS C 70 -0.89 -23.45 -29.45
CA LYS C 70 0.43 -23.96 -29.83
C LYS C 70 0.33 -25.39 -30.36
N ALA C 71 1.09 -25.68 -31.43
CA ALA C 71 1.14 -27.05 -31.94
C ALA C 71 1.83 -27.97 -30.93
N ASP C 72 1.59 -29.27 -31.10
CA ASP C 72 2.13 -30.30 -30.21
C ASP C 72 2.86 -31.36 -31.03
N PRO C 73 4.21 -31.40 -31.00
CA PRO C 73 5.10 -30.60 -30.17
C PRO C 73 5.33 -29.20 -30.75
N PRO C 74 5.67 -28.22 -29.90
CA PRO C 74 5.68 -26.83 -30.36
C PRO C 74 6.81 -26.49 -31.31
N SER C 75 8.00 -27.07 -31.11
CA SER C 75 9.11 -26.91 -32.03
C SER C 75 9.43 -28.26 -32.66
N CYS C 76 10.50 -28.26 -33.44
CA CYS C 76 11.14 -29.48 -33.88
C CYS C 76 12.50 -29.11 -34.43
N ASP C 77 13.53 -29.87 -34.04
CA ASP C 77 14.88 -29.53 -34.43
C ASP C 77 15.27 -30.29 -35.69
N LEU C 78 16.23 -29.73 -36.41
CA LEU C 78 16.62 -30.27 -37.71
C LEU C 78 17.89 -31.11 -37.63
N ASN C 84 11.65 -34.42 -39.14
CA ASN C 84 10.50 -35.10 -39.76
C ASN C 84 9.08 -34.70 -39.27
N PRO C 85 8.83 -34.66 -37.95
CA PRO C 85 7.44 -34.51 -37.47
C PRO C 85 6.78 -33.23 -37.95
N CYS C 86 7.57 -32.40 -38.60
CA CYS C 86 7.26 -31.03 -38.96
C CYS C 86 7.71 -30.68 -40.36
N MET C 87 8.66 -31.46 -40.91
CA MET C 87 9.31 -31.09 -42.16
C MET C 87 8.42 -31.31 -43.36
N LYS C 88 7.49 -32.27 -43.30
CA LYS C 88 6.52 -32.42 -44.38
C LYS C 88 5.89 -31.07 -44.74
N GLU C 89 5.41 -30.35 -43.73
CA GLU C 89 4.74 -29.07 -43.93
C GLU C 89 5.72 -27.98 -44.33
N LYS C 90 6.86 -27.89 -43.64
CA LYS C 90 7.84 -26.90 -44.04
C LYS C 90 8.40 -27.20 -45.42
N LEU C 91 8.46 -28.48 -45.80
CA LEU C 91 9.15 -28.82 -47.04
C LEU C 91 8.34 -28.39 -48.26
N VAL C 92 7.01 -28.32 -48.15
CA VAL C 92 6.20 -27.87 -49.29
C VAL C 92 6.14 -26.36 -49.40
N MET C 93 6.77 -25.62 -48.50
CA MET C 93 6.71 -24.16 -48.57
C MET C 93 8.10 -23.60 -48.88
N LYS C 94 8.15 -22.64 -49.80
CA LYS C 94 9.40 -22.04 -50.22
C LYS C 94 9.60 -20.74 -49.43
N THR C 95 10.58 -20.74 -48.55
CA THR C 95 10.76 -19.60 -47.65
C THR C 95 12.20 -19.12 -47.68
N HIS C 96 12.38 -17.82 -47.54
CA HIS C 96 13.68 -17.22 -47.34
C HIS C 96 13.79 -16.77 -45.89
N CYS C 97 14.90 -17.13 -45.23
CA CYS C 97 15.30 -16.76 -43.87
C CYS C 97 16.53 -15.90 -43.94
N PRO C 98 16.53 -14.72 -43.33
CA PRO C 98 17.78 -13.97 -43.15
C PRO C 98 18.76 -14.76 -42.29
N ASN C 99 20.02 -14.31 -42.30
CA ASN C 99 21.00 -14.95 -41.44
C ASN C 99 20.67 -14.72 -39.97
N ASP C 100 21.28 -15.56 -39.11
CA ASP C 100 21.40 -15.42 -37.65
C ASP C 100 20.16 -15.78 -36.84
N TYR C 101 19.18 -16.47 -37.42
CA TYR C 101 17.99 -16.92 -36.71
C TYR C 101 18.12 -18.37 -36.29
N GLN C 102 17.82 -18.65 -35.02
CA GLN C 102 17.80 -20.02 -34.52
C GLN C 102 16.43 -20.67 -34.63
N SER C 103 15.40 -19.89 -34.99
CA SER C 103 14.01 -20.31 -34.90
C SER C 103 13.20 -19.62 -35.98
N ALA C 104 12.08 -20.24 -36.36
CA ALA C 104 11.17 -19.64 -37.33
C ALA C 104 9.82 -20.33 -37.20
N HIS C 105 8.73 -19.57 -37.31
CA HIS C 105 7.42 -20.06 -36.88
C HIS C 105 6.40 -19.82 -37.98
N TYR C 106 5.39 -20.67 -38.01
CA TYR C 106 4.40 -20.67 -39.07
C TYR C 106 3.09 -21.27 -38.54
N LEU C 107 1.97 -20.86 -39.12
CA LEU C 107 0.69 -21.49 -38.84
C LEU C 107 0.59 -22.77 -39.65
N ASN C 108 0.40 -23.90 -38.98
CA ASN C 108 0.43 -25.19 -39.64
C ASN C 108 -0.96 -25.52 -40.20
N ASN C 109 -1.16 -26.77 -40.62
CA ASN C 109 -2.41 -27.15 -41.29
C ASN C 109 -3.60 -27.29 -40.34
N ASP C 110 -3.34 -27.50 -39.05
CA ASP C 110 -4.39 -27.60 -38.05
C ASP C 110 -4.81 -26.26 -37.48
N GLY C 111 -4.26 -25.15 -37.98
CA GLY C 111 -4.51 -23.85 -37.38
C GLY C 111 -3.72 -23.54 -36.11
N LYS C 112 -2.66 -24.28 -35.82
CA LYS C 112 -1.86 -24.02 -34.63
C LYS C 112 -0.49 -23.47 -35.02
N MET C 113 0.19 -22.85 -34.06
CA MET C 113 1.51 -22.33 -34.33
C MET C 113 2.55 -23.42 -34.14
N ALA C 114 3.31 -23.72 -35.19
CA ALA C 114 4.44 -24.63 -35.12
C ALA C 114 5.70 -23.85 -35.42
N SER C 115 6.85 -24.46 -35.13
CA SER C 115 8.10 -23.77 -35.36
C SER C 115 9.21 -24.77 -35.61
N VAL C 116 10.22 -24.33 -36.36
CA VAL C 116 11.46 -25.09 -36.53
C VAL C 116 12.54 -24.41 -35.72
N LYS C 117 13.33 -25.21 -34.99
CA LYS C 117 14.35 -24.68 -34.10
C LYS C 117 15.68 -25.42 -34.27
N CYS C 118 16.74 -24.67 -34.47
CA CYS C 118 18.09 -25.20 -34.61
C CYS C 118 18.72 -25.48 -33.26
N PRO C 119 19.71 -26.40 -33.19
CA PRO C 119 20.48 -26.61 -31.95
C PRO C 119 21.19 -25.32 -31.53
N PRO C 120 21.56 -25.22 -30.25
CA PRO C 120 22.23 -24.00 -29.76
C PRO C 120 23.47 -23.68 -30.57
N LYS C 121 23.70 -22.38 -30.77
CA LYS C 121 24.81 -21.83 -31.55
C LYS C 121 24.74 -22.19 -33.03
N TYR C 122 23.60 -22.69 -33.51
CA TYR C 122 23.36 -22.94 -34.92
C TYR C 122 22.31 -21.96 -35.44
N GLU C 123 22.42 -21.61 -36.74
CA GLU C 123 21.50 -20.72 -37.44
C GLU C 123 20.80 -21.47 -38.55
N LEU C 124 19.68 -20.93 -39.01
CA LEU C 124 18.94 -21.55 -40.09
C LEU C 124 19.58 -21.22 -41.42
N THR C 125 19.49 -22.16 -42.35
CA THR C 125 19.91 -21.87 -43.71
C THR C 125 18.86 -20.99 -44.38
N GLU C 126 19.28 -20.35 -45.49
CA GLU C 126 18.46 -19.33 -46.14
C GLU C 126 17.17 -19.89 -46.69
N ASP C 127 17.04 -21.20 -46.82
CA ASP C 127 15.78 -21.84 -47.20
C ASP C 127 15.03 -22.36 -45.99
N CYS C 128 15.55 -22.14 -44.78
CA CYS C 128 14.95 -22.56 -43.50
C CYS C 128 14.69 -24.07 -43.45
N ASN C 129 15.42 -24.87 -44.23
CA ASN C 129 15.29 -26.32 -44.21
C ASN C 129 16.40 -27.04 -43.43
N PHE C 130 17.53 -26.38 -43.19
CA PHE C 130 18.68 -27.00 -42.55
C PHE C 130 19.27 -26.04 -41.53
N CYS C 131 20.11 -26.58 -40.65
CA CYS C 131 20.86 -25.80 -39.65
C CYS C 131 22.35 -25.87 -39.96
N ARG C 132 23.08 -24.81 -39.60
CA ARG C 132 24.52 -24.76 -39.78
C ARG C 132 25.14 -23.92 -38.68
N GLN C 133 26.38 -24.25 -38.32
CA GLN C 133 27.08 -23.58 -37.23
C GLN C 133 27.24 -22.09 -37.52
N MET C 134 27.46 -21.32 -36.46
CA MET C 134 27.38 -19.86 -36.49
C MET C 134 28.40 -19.22 -37.41
N GLY C 136 28.71 -15.69 -38.51
CA GLY C 136 28.25 -14.34 -38.30
C GLY C 136 28.64 -13.83 -36.92
N ALA C 137 28.10 -12.65 -36.61
CA ALA C 137 28.47 -11.97 -35.37
C ALA C 137 27.74 -12.57 -34.17
N SER C 138 26.41 -12.62 -34.23
CA SER C 138 25.62 -13.05 -33.07
C SER C 138 24.32 -13.68 -33.53
N LEU C 139 23.91 -14.73 -32.82
CA LEU C 139 22.58 -15.30 -33.01
C LEU C 139 21.51 -14.31 -32.55
N LYS C 140 20.49 -14.06 -33.39
CA LYS C 140 19.38 -13.24 -32.93
C LYS C 140 18.63 -13.98 -31.83
N LYS C 141 17.88 -13.23 -31.02
CA LYS C 141 17.24 -13.78 -29.83
C LYS C 141 15.78 -14.17 -30.04
N GLY C 142 15.21 -13.96 -31.23
CA GLY C 142 13.81 -14.29 -31.47
C GLY C 142 13.54 -15.28 -32.59
N SER C 143 12.33 -15.29 -33.12
CA SER C 143 11.91 -16.26 -34.13
C SER C 143 11.40 -15.49 -35.34
N TYR C 144 11.71 -15.99 -36.55
CA TYR C 144 11.37 -15.35 -37.83
C TYR C 144 10.00 -15.82 -38.32
N PRO C 145 9.06 -14.91 -38.59
CA PRO C 145 7.72 -15.25 -39.14
C PRO C 145 7.76 -15.63 -40.61
N LEU C 146 7.38 -16.88 -40.91
CA LEU C 146 7.51 -17.42 -42.26
C LEU C 146 6.36 -17.07 -43.19
N GLN C 147 5.31 -16.44 -42.70
CA GLN C 147 4.14 -16.15 -43.52
C GLN C 147 3.85 -14.66 -43.43
N ASP C 148 2.91 -14.22 -44.24
CA ASP C 148 2.44 -12.85 -44.26
C ASP C 148 1.01 -12.92 -43.74
N LEU C 149 0.83 -12.65 -42.48
CA LEU C 149 -0.48 -12.80 -41.93
C LEU C 149 -0.88 -11.90 -40.80
N PHE C 150 -2.16 -11.92 -40.48
CA PHE C 150 -2.69 -11.15 -39.35
C PHE C 150 -3.85 -11.91 -38.73
N CYS C 151 -4.13 -11.63 -37.45
CA CYS C 151 -5.04 -12.43 -36.64
C CYS C 151 -5.95 -11.54 -35.80
N GLN C 152 -7.02 -12.16 -35.30
CA GLN C 152 -8.08 -11.54 -34.50
C GLN C 152 -8.82 -12.67 -33.81
N SER C 153 -9.36 -12.36 -32.65
CA SER C 153 -10.26 -13.31 -31.98
C SER C 153 -11.55 -13.43 -32.77
N SER C 154 -12.18 -14.60 -32.67
CA SER C 154 -13.36 -14.92 -33.46
C SER C 154 -14.09 -16.10 -32.82
N GLU C 155 -15.41 -15.99 -32.74
CA GLU C 155 -16.26 -17.08 -32.31
C GLU C 155 -16.99 -17.71 -33.49
N ASP C 156 -16.70 -17.26 -34.72
CA ASP C 156 -17.41 -17.73 -35.90
C ASP C 156 -17.00 -19.16 -36.25
N ASP C 157 -17.98 -20.03 -36.48
CA ASP C 157 -17.73 -21.45 -36.64
C ASP C 157 -17.38 -21.77 -38.09
N GLY C 158 -16.23 -22.38 -38.30
CA GLY C 158 -15.88 -22.79 -39.63
C GLY C 158 -15.74 -24.29 -39.78
N SER C 159 -16.50 -25.09 -38.99
CA SER C 159 -16.34 -26.54 -39.11
C SER C 159 -16.93 -27.09 -40.40
N LYS C 160 -17.53 -26.27 -41.25
CA LYS C 160 -18.04 -26.71 -42.54
C LYS C 160 -17.28 -26.09 -43.70
N LEU C 161 -16.15 -25.44 -43.43
CA LEU C 161 -15.36 -24.77 -44.46
C LEU C 161 -14.13 -25.61 -44.81
N LYS C 162 -13.91 -25.81 -46.11
CA LYS C 162 -12.79 -26.59 -46.61
C LYS C 162 -12.28 -25.93 -47.88
N THR C 163 -11.01 -26.19 -48.19
CA THR C 163 -10.39 -25.64 -49.38
C THR C 163 -11.12 -26.09 -50.63
N LYS C 164 -11.43 -25.14 -51.51
CA LYS C 164 -12.00 -25.44 -52.82
C LYS C 164 -11.31 -24.50 -53.81
N MET C 165 -10.51 -25.05 -54.71
CA MET C 165 -9.83 -24.24 -55.72
C MET C 165 -10.04 -24.89 -57.08
N LYS C 166 -10.55 -24.12 -58.04
CA LYS C 166 -10.92 -24.69 -59.34
C LYS C 166 -9.69 -25.25 -60.05
N GLY C 167 -9.72 -26.56 -60.30
CA GLY C 167 -8.71 -27.22 -61.10
C GLY C 167 -7.46 -27.63 -60.37
N VAL C 168 -7.41 -27.45 -59.06
CA VAL C 168 -6.23 -27.72 -58.25
C VAL C 168 -6.34 -29.12 -57.66
N CYS C 169 -5.24 -29.88 -57.75
CA CYS C 169 -5.15 -31.22 -57.20
C CYS C 169 -4.51 -31.27 -55.82
N GLU C 170 -3.45 -30.48 -55.63
CA GLU C 170 -2.76 -30.43 -54.35
C GLU C 170 -2.31 -29.00 -54.11
N VAL C 171 -2.51 -28.53 -52.89
CA VAL C 171 -1.96 -27.25 -52.47
C VAL C 171 -1.37 -27.44 -51.08
N GLY C 172 -0.09 -27.08 -50.93
CA GLY C 172 0.63 -27.46 -49.73
C GLY C 172 0.48 -28.94 -49.46
N VAL C 173 0.05 -29.29 -48.24
CA VAL C 173 -0.11 -30.68 -47.87
C VAL C 173 -1.55 -31.16 -48.04
N GLN C 174 -2.41 -30.36 -48.66
CA GLN C 174 -3.81 -30.74 -48.88
C GLN C 174 -3.98 -31.32 -50.27
N ALA C 175 -4.42 -32.57 -50.35
CA ALA C 175 -4.81 -33.17 -51.63
C ALA C 175 -6.32 -32.97 -51.81
N LEU C 176 -6.70 -32.20 -52.83
CA LEU C 176 -8.11 -31.85 -52.98
C LEU C 176 -8.91 -32.93 -53.71
N LYS C 177 -8.35 -33.43 -54.81
CA LYS C 177 -8.94 -34.44 -55.68
C LYS C 177 -7.99 -35.64 -55.74
N LYS C 178 -8.27 -36.55 -56.67
CA LYS C 178 -7.26 -37.42 -57.26
C LYS C 178 -7.29 -37.20 -58.76
N CYS C 179 -6.16 -36.79 -59.31
CA CYS C 179 -6.07 -36.33 -60.69
C CYS C 179 -5.20 -37.30 -61.44
N ASP C 180 -5.86 -38.15 -62.18
CA ASP C 180 -5.15 -38.94 -63.10
C ASP C 180 -4.71 -37.91 -64.17
N GLY C 181 -3.68 -38.21 -64.91
CA GLY C 181 -3.26 -37.25 -65.89
C GLY C 181 -2.32 -36.23 -65.37
N GLN C 182 -1.55 -35.75 -66.28
CA GLN C 182 -0.50 -34.86 -66.02
C GLN C 182 -0.90 -33.59 -65.39
N LEU C 183 -0.03 -33.13 -64.52
CA LEU C 183 -0.24 -31.94 -63.80
C LEU C 183 0.85 -30.94 -63.97
N SER C 184 0.53 -29.67 -63.94
CA SER C 184 1.54 -28.62 -63.88
C SER C 184 1.83 -28.30 -62.41
N THR C 185 3.09 -28.01 -62.11
CA THR C 185 3.54 -27.80 -60.72
C THR C 185 4.28 -26.47 -60.64
N ALA C 186 3.94 -25.66 -59.65
CA ALA C 186 4.56 -24.35 -59.50
C ALA C 186 4.59 -24.00 -58.02
N HIS C 187 5.52 -23.12 -57.66
CA HIS C 187 5.48 -22.46 -56.36
C HIS C 187 4.60 -21.24 -56.49
N GLU C 188 3.49 -21.20 -55.75
CA GLU C 188 2.56 -20.08 -55.83
C GLU C 188 2.35 -19.45 -54.45
N VAL C 189 2.15 -18.14 -54.43
CA VAL C 189 1.78 -17.40 -53.23
C VAL C 189 0.26 -17.51 -53.10
N VAL C 190 -0.21 -18.29 -52.12
CA VAL C 190 -1.61 -18.71 -52.03
C VAL C 190 -2.23 -18.07 -50.79
N PRO C 191 -3.37 -17.37 -50.93
CA PRO C 191 -4.08 -16.88 -49.74
C PRO C 191 -4.72 -18.01 -48.97
N PHE C 192 -4.79 -17.84 -47.65
CA PHE C 192 -5.41 -18.84 -46.80
C PHE C 192 -6.08 -18.16 -45.62
N ALA C 193 -6.92 -18.91 -44.90
CA ALA C 193 -7.47 -18.44 -43.65
C ALA C 193 -7.77 -19.63 -42.77
N VAL C 194 -7.84 -19.37 -41.48
CA VAL C 194 -8.19 -20.36 -40.46
C VAL C 194 -9.35 -19.79 -39.66
N PHE C 195 -10.32 -20.63 -39.36
CA PHE C 195 -11.48 -20.26 -38.56
C PHE C 195 -11.52 -21.12 -37.31
N LYS C 196 -12.45 -20.79 -36.42
CA LYS C 196 -12.72 -21.69 -35.29
C LYS C 196 -13.21 -23.04 -35.82
N ASN C 197 -12.56 -24.11 -35.36
CA ASN C 197 -12.90 -25.51 -35.69
C ASN C 197 -12.60 -25.88 -37.14
N SER C 198 -11.66 -25.22 -37.80
CA SER C 198 -11.35 -25.56 -39.17
C SER C 198 -9.88 -25.96 -39.31
N LYS C 199 -9.56 -26.48 -40.49
CA LYS C 199 -8.17 -26.56 -40.90
C LYS C 199 -7.86 -25.37 -41.80
N LYS C 200 -6.59 -25.20 -42.14
CA LYS C 200 -6.24 -24.14 -43.05
C LYS C 200 -7.10 -24.26 -44.30
N VAL C 201 -7.64 -23.14 -44.76
CA VAL C 201 -8.49 -23.10 -45.94
C VAL C 201 -7.78 -22.24 -46.97
N TYR C 202 -7.21 -22.87 -47.99
CA TYR C 202 -6.60 -22.11 -49.06
C TYR C 202 -7.72 -21.59 -49.94
N LEU C 203 -7.43 -20.49 -50.64
CA LEU C 203 -8.45 -19.80 -51.42
C LEU C 203 -7.91 -19.46 -52.80
N ASP C 204 -8.82 -19.39 -53.76
CA ASP C 204 -8.46 -18.90 -55.08
C ASP C 204 -8.33 -17.40 -55.12
N LYS C 205 -9.10 -16.69 -54.29
CA LYS C 205 -9.14 -15.23 -54.28
C LYS C 205 -9.28 -14.75 -52.84
N LEU C 206 -8.61 -13.64 -52.52
CA LEU C 206 -8.64 -13.08 -51.18
C LEU C 206 -9.46 -11.81 -51.24
N ASP C 207 -10.64 -11.84 -50.63
CA ASP C 207 -11.60 -10.74 -50.62
C ASP C 207 -11.92 -10.41 -49.16
N LEU C 208 -11.54 -9.21 -48.73
CA LEU C 208 -11.61 -8.81 -47.33
C LEU C 208 -12.39 -7.52 -47.21
N LYS C 209 -13.06 -7.34 -46.08
CA LYS C 209 -13.66 -6.06 -45.74
C LYS C 209 -13.55 -5.88 -44.23
N THR C 210 -13.51 -4.62 -43.80
CA THR C 210 -13.36 -4.26 -42.40
C THR C 210 -14.57 -3.50 -41.90
N GLU C 211 -15.12 -3.91 -40.77
CA GLU C 211 -16.16 -3.15 -40.07
C GLU C 211 -15.54 -2.51 -38.83
N GLU C 212 -15.54 -1.17 -38.82
CA GLU C 212 -14.94 -0.37 -37.77
C GLU C 212 -15.86 -0.29 -36.57
N ASN C 213 -15.28 0.10 -35.43
CA ASN C 213 -15.99 0.09 -34.15
C ASN C 213 -15.20 0.89 -33.12
N LEU C 214 -15.72 0.92 -31.88
CA LEU C 214 -15.14 1.64 -30.76
C LEU C 214 -14.60 0.71 -29.66
N LEU C 215 -14.28 -0.55 -30.01
CA LEU C 215 -13.72 -1.50 -29.07
C LEU C 215 -12.28 -1.14 -28.72
N PRO C 216 -11.76 -1.67 -27.61
CA PRO C 216 -10.41 -1.23 -27.15
C PRO C 216 -9.30 -1.40 -28.18
N ASP C 217 -9.29 -2.48 -28.95
CA ASP C 217 -8.24 -2.64 -29.97
C ASP C 217 -8.37 -1.65 -31.13
N SER C 218 -9.40 -0.82 -31.16
CA SER C 218 -9.48 0.23 -32.16
C SER C 218 -8.73 1.49 -31.77
N PHE C 219 -8.19 1.58 -30.56
CA PHE C 219 -7.49 2.79 -30.12
C PHE C 219 -6.01 2.50 -29.84
N VAL C 220 -5.20 3.54 -29.96
CA VAL C 220 -3.80 3.50 -29.53
C VAL C 220 -3.53 4.74 -28.68
N CYS C 221 -2.94 4.51 -27.50
CA CYS C 221 -2.75 5.55 -26.49
C CYS C 221 -1.27 5.73 -26.19
N PHE C 222 -0.89 6.97 -25.93
CA PHE C 222 0.48 7.32 -25.62
C PHE C 222 0.48 8.52 -24.70
N GLU C 223 1.57 8.69 -23.95
CA GLU C 223 1.73 9.83 -23.04
C GLU C 223 2.41 11.01 -23.74
N GLU C 240 10.41 11.04 -28.33
CA GLU C 240 10.12 9.84 -27.55
C GLU C 240 8.63 9.70 -27.19
N LEU C 241 8.03 8.59 -27.61
CA LEU C 241 6.67 8.22 -27.24
C LEU C 241 6.71 7.03 -26.29
N LYS C 242 5.81 7.01 -25.31
CA LYS C 242 5.61 5.88 -24.43
C LYS C 242 4.15 5.44 -24.55
N SER C 243 3.93 4.13 -24.67
CA SER C 243 2.57 3.64 -24.79
C SER C 243 1.87 3.60 -23.43
N PHE C 244 0.57 3.35 -23.48
CA PHE C 244 -0.33 3.51 -22.34
C PHE C 244 -1.50 2.57 -22.53
N ASP C 245 -1.83 1.80 -21.50
CA ASP C 245 -2.92 0.83 -21.59
C ASP C 245 -4.25 1.56 -21.48
N ILE C 246 -5.10 1.44 -22.50
CA ILE C 246 -6.36 2.15 -22.48
C ILE C 246 -7.28 1.64 -21.36
N SER C 247 -7.03 0.44 -20.86
CA SER C 247 -7.82 -0.12 -19.75
C SER C 247 -7.74 0.74 -18.49
N GLN C 248 -6.75 1.59 -18.34
CA GLN C 248 -6.73 2.51 -17.21
C GLN C 248 -7.59 3.77 -17.43
N CYS C 249 -8.22 3.94 -18.61
CA CYS C 249 -9.07 5.10 -18.91
C CYS C 249 -10.51 4.82 -18.48
N PRO C 250 -11.12 5.65 -17.63
CA PRO C 250 -12.52 5.43 -17.28
C PRO C 250 -13.44 5.64 -18.47
N LYS C 251 -14.36 4.68 -18.67
CA LYS C 251 -15.48 4.94 -19.56
C LYS C 251 -16.37 6.01 -18.96
N ILE C 252 -17.11 6.71 -19.83
CA ILE C 252 -18.05 7.70 -19.34
C ILE C 252 -18.95 7.06 -18.30
N GLY C 253 -19.04 7.67 -17.12
CA GLY C 253 -19.76 7.07 -16.02
C GLY C 253 -19.11 5.76 -15.62
N GLY C 254 -17.88 5.85 -15.14
CA GLY C 254 -17.09 4.65 -14.93
C GLY C 254 -15.89 5.00 -14.09
N HIS C 255 -15.21 3.96 -13.63
CA HIS C 255 -14.11 4.11 -12.70
C HIS C 255 -12.80 3.85 -13.43
N GLY C 256 -11.75 4.52 -12.99
CA GLY C 256 -10.50 4.45 -13.71
C GLY C 256 -9.26 4.75 -12.90
N SER C 257 -8.18 4.05 -13.28
CA SER C 257 -6.87 4.27 -12.67
C SER C 257 -6.37 5.70 -12.91
N LYS C 258 -6.27 6.09 -14.18
CA LYS C 258 -5.66 7.36 -14.58
C LYS C 258 -6.69 8.24 -15.28
N LYS C 259 -6.22 9.35 -15.86
CA LYS C 259 -7.07 10.29 -16.59
C LYS C 259 -6.53 10.48 -18.01
N CYS C 260 -7.43 10.46 -19.00
CA CYS C 260 -7.06 10.40 -20.41
C CYS C 260 -7.80 11.47 -21.21
N THR C 261 -7.40 11.61 -22.47
CA THR C 261 -8.09 12.45 -23.45
C THR C 261 -7.85 11.82 -24.81
N GLY C 262 -8.58 12.28 -25.82
CA GLY C 262 -8.42 11.69 -27.13
C GLY C 262 -9.17 12.41 -28.23
N ASP C 263 -9.34 11.72 -29.36
CA ASP C 263 -10.09 12.31 -30.47
C ASP C 263 -11.60 12.13 -30.22
N ALA C 264 -12.41 12.53 -31.20
CA ALA C 264 -13.85 12.58 -30.99
C ALA C 264 -14.45 11.19 -30.79
N ALA C 265 -13.94 10.17 -31.49
CA ALA C 265 -14.45 8.81 -31.33
C ALA C 265 -14.17 8.27 -29.94
N PHE C 266 -13.01 8.59 -29.39
CA PHE C 266 -12.65 8.17 -28.04
C PHE C 266 -13.56 8.81 -27.00
N CYS C 267 -13.69 10.14 -27.04
CA CYS C 267 -14.54 10.89 -26.12
C CYS C 267 -16.01 10.54 -26.26
N SER C 268 -16.42 9.95 -27.37
CA SER C 268 -17.78 9.44 -27.44
C SER C 268 -18.00 8.33 -26.41
N ALA C 269 -16.97 7.56 -26.05
CA ALA C 269 -17.07 6.43 -25.14
C ALA C 269 -16.33 6.60 -23.81
N TYR C 270 -15.26 7.36 -23.76
CA TYR C 270 -14.42 7.49 -22.57
C TYR C 270 -14.44 8.93 -22.09
N GLU C 271 -14.22 9.17 -20.81
CA GLU C 271 -14.18 10.57 -20.42
C GLU C 271 -12.86 11.20 -20.85
N CYS C 272 -12.94 12.50 -21.13
CA CYS C 272 -11.86 13.27 -21.72
C CYS C 272 -11.64 14.50 -20.85
N THR C 273 -10.41 14.64 -20.35
CA THR C 273 -10.00 15.72 -19.48
C THR C 273 -8.83 16.44 -20.14
N ALA C 274 -9.12 17.41 -21.01
CA ALA C 274 -8.09 18.04 -21.84
C ALA C 274 -7.04 18.80 -21.04
N GLN C 275 -7.19 18.84 -19.72
CA GLN C 275 -6.27 19.55 -18.85
C GLN C 275 -5.47 18.63 -17.92
N TYR C 276 -6.08 17.54 -17.42
CA TYR C 276 -5.43 16.60 -16.51
C TYR C 276 -5.07 15.27 -17.19
N ALA C 277 -5.06 15.25 -18.52
CA ALA C 277 -4.85 14.02 -19.27
C ALA C 277 -3.42 13.51 -19.12
N ASN C 278 -3.26 12.27 -18.64
CA ASN C 278 -1.94 11.64 -18.72
C ASN C 278 -1.64 11.17 -20.14
N ALA C 279 -2.66 10.77 -20.90
CA ALA C 279 -2.50 10.07 -22.17
C ALA C 279 -3.48 10.61 -23.20
N TYR C 280 -3.20 10.27 -24.45
CA TYR C 280 -3.97 10.66 -25.62
C TYR C 280 -4.28 9.41 -26.42
N CYS C 281 -5.55 9.23 -26.80
CA CYS C 281 -5.97 8.03 -27.51
C CYS C 281 -6.60 8.40 -28.84
N SER C 282 -6.09 7.83 -29.93
CA SER C 282 -6.58 8.07 -31.28
C SER C 282 -7.06 6.77 -31.88
N HIS C 283 -7.80 6.89 -32.98
CA HIS C 283 -8.23 5.71 -33.72
C HIS C 283 -7.03 5.06 -34.37
N ALA C 284 -6.82 3.77 -34.07
CA ALA C 284 -5.85 2.93 -34.79
C ALA C 284 -6.40 2.68 -36.19
N ASN C 285 -5.86 3.37 -37.18
CA ASN C 285 -6.49 3.30 -38.49
C ASN C 285 -6.26 1.93 -39.10
N GLY C 286 -7.28 1.45 -39.81
CA GLY C 286 -7.30 0.10 -40.29
C GLY C 286 -7.86 -0.88 -39.29
N SER C 287 -8.00 -0.49 -38.03
CA SER C 287 -8.52 -1.43 -37.04
C SER C 287 -10.00 -1.67 -37.25
N GLY C 288 -10.46 -2.82 -36.79
CA GLY C 288 -11.85 -3.22 -36.90
C GLY C 288 -11.93 -4.73 -36.93
N ILE C 289 -13.16 -5.22 -37.13
CA ILE C 289 -13.41 -6.63 -37.41
C ILE C 289 -13.26 -6.87 -38.91
N VAL C 290 -12.43 -7.86 -39.27
CA VAL C 290 -12.16 -8.19 -40.67
C VAL C 290 -12.98 -9.42 -41.03
N GLN C 291 -13.56 -9.40 -42.23
CA GLN C 291 -14.30 -10.55 -42.74
C GLN C 291 -13.79 -10.92 -44.13
N ILE C 292 -13.80 -12.22 -44.40
CA ILE C 292 -13.32 -12.75 -45.67
C ILE C 292 -14.47 -13.43 -46.39
N GLN C 293 -14.51 -13.28 -47.71
CA GLN C 293 -15.51 -13.95 -48.52
C GLN C 293 -15.08 -15.41 -48.75
N VAL C 294 -15.86 -16.35 -48.22
CA VAL C 294 -15.59 -17.79 -48.35
C VAL C 294 -16.76 -18.40 -49.10
N SER C 295 -16.62 -18.51 -50.42
CA SER C 295 -17.63 -19.14 -51.28
C SER C 295 -18.95 -18.38 -51.21
N GLY C 296 -18.88 -17.10 -51.59
CA GLY C 296 -20.05 -16.24 -51.60
C GLY C 296 -20.49 -15.75 -50.24
N VAL C 297 -20.05 -16.43 -49.18
CA VAL C 297 -20.47 -16.16 -47.81
C VAL C 297 -19.35 -15.41 -47.07
N TRP C 298 -19.71 -14.31 -46.40
CA TRP C 298 -18.77 -13.60 -45.54
C TRP C 298 -18.68 -14.29 -44.18
N LYS C 299 -17.46 -14.63 -43.75
CA LYS C 299 -17.24 -15.18 -42.42
C LYS C 299 -16.07 -14.45 -41.77
N LYS C 300 -16.03 -14.54 -40.44
CA LYS C 300 -15.03 -13.89 -39.60
C LYS C 300 -13.92 -14.86 -39.28
N PRO C 301 -12.71 -14.69 -39.82
CA PRO C 301 -11.63 -15.65 -39.60
C PRO C 301 -10.83 -15.34 -38.35
N LEU C 302 -10.19 -16.39 -37.84
CA LEU C 302 -9.16 -16.23 -36.82
C LEU C 302 -7.89 -15.58 -37.38
N CYS C 303 -7.37 -16.09 -38.50
CA CYS C 303 -6.21 -15.46 -39.15
C CYS C 303 -6.39 -15.52 -40.66
N VAL C 304 -5.69 -14.61 -41.35
CA VAL C 304 -5.70 -14.54 -42.82
C VAL C 304 -4.29 -14.27 -43.30
N GLY C 305 -3.84 -15.03 -44.30
CA GLY C 305 -2.51 -14.74 -44.79
C GLY C 305 -2.17 -15.26 -46.17
N TYR C 306 -0.92 -15.00 -46.54
CA TYR C 306 -0.32 -15.49 -47.78
C TYR C 306 0.81 -16.45 -47.45
N GLU C 307 0.96 -17.48 -48.29
CA GLU C 307 1.94 -18.53 -48.11
C GLU C 307 2.43 -18.97 -49.49
N ARG C 308 3.74 -19.19 -49.62
CA ARG C 308 4.36 -19.58 -50.88
C ARG C 308 4.59 -21.09 -50.82
N VAL C 309 3.72 -21.85 -51.48
CA VAL C 309 3.69 -23.29 -51.33
C VAL C 309 3.60 -23.94 -52.70
N VAL C 310 3.80 -25.26 -52.71
CA VAL C 310 3.67 -26.08 -53.92
C VAL C 310 2.18 -26.23 -54.26
N VAL C 311 1.82 -25.88 -55.49
CA VAL C 311 0.48 -26.07 -56.03
C VAL C 311 0.57 -26.94 -57.27
N LYS C 312 -0.34 -27.92 -57.38
CA LYS C 312 -0.43 -28.83 -58.51
C LYS C 312 -1.81 -28.67 -59.16
N ARG C 313 -1.80 -28.22 -60.41
CA ARG C 313 -3.00 -27.98 -61.21
C ARG C 313 -3.10 -28.98 -62.36
N GLU C 314 -4.32 -29.29 -62.77
CA GLU C 314 -4.53 -30.12 -63.94
C GLU C 314 -4.21 -29.34 -65.21
N LEU C 315 -4.03 -30.10 -66.29
CA LEU C 315 -3.81 -29.51 -67.61
C LEU C 315 -4.97 -29.79 -68.58
N GLU D 1 -32.65 16.10 51.21
CA GLU D 1 -31.70 15.65 50.19
C GLU D 1 -32.07 16.17 48.79
N ASP D 2 -31.15 16.92 48.18
CA ASP D 2 -31.46 17.76 47.03
C ASP D 2 -31.39 16.96 45.73
N PRO D 3 -32.47 16.88 44.96
CA PRO D 3 -32.46 16.11 43.71
C PRO D 3 -31.98 16.89 42.49
N HIS D 4 -31.68 18.19 42.63
CA HIS D 4 -31.24 19.01 41.52
C HIS D 4 -29.78 19.47 41.64
N LEU D 5 -28.92 18.70 42.31
CA LEU D 5 -27.49 19.02 42.32
C LEU D 5 -26.87 19.07 40.91
N ARG D 6 -27.36 18.26 39.97
CA ARG D 6 -26.81 18.27 38.61
C ARG D 6 -27.47 19.33 37.73
N ASN D 7 -28.45 20.07 38.26
CA ASN D 7 -29.10 21.12 37.50
C ASN D 7 -28.35 22.40 37.85
N ARG D 8 -27.41 22.78 36.98
CA ARG D 8 -26.34 23.71 37.31
C ARG D 8 -26.77 25.15 37.02
N PRO D 9 -26.32 26.10 37.83
CA PRO D 9 -26.47 27.51 37.48
C PRO D 9 -25.54 27.88 36.33
N GLY D 10 -25.76 29.06 35.75
CA GLY D 10 -25.03 29.50 34.59
C GLY D 10 -25.16 28.51 33.46
N LYS D 11 -24.11 28.41 32.65
CA LYS D 11 -24.10 27.43 31.55
C LYS D 11 -23.86 25.99 32.01
N GLY D 12 -23.24 25.77 33.16
CA GLY D 12 -22.92 24.40 33.56
C GLY D 12 -21.88 23.67 32.72
N HIS D 13 -20.94 24.38 32.09
CA HIS D 13 -19.89 23.71 31.33
C HIS D 13 -18.81 23.19 32.28
N ASN D 14 -18.62 21.89 32.32
CA ASN D 14 -17.56 21.27 33.14
C ASN D 14 -16.64 20.44 32.23
N TYR D 15 -15.75 21.14 31.55
CA TYR D 15 -14.71 20.54 30.73
C TYR D 15 -13.57 21.55 30.71
N ILE D 16 -12.36 21.06 30.54
CA ILE D 16 -11.21 21.93 30.40
C ILE D 16 -10.87 21.98 28.91
N ASP D 17 -10.32 23.12 28.47
CA ASP D 17 -10.13 23.36 27.04
C ASP D 17 -9.16 22.35 26.43
N GLY D 18 -9.53 21.82 25.28
CA GLY D 18 -8.76 20.77 24.66
C GLY D 18 -8.98 19.39 25.23
N MET D 19 -10.08 19.16 26.00
CA MET D 19 -10.53 17.80 26.38
C MET D 19 -12.05 17.76 26.18
N THR D 20 -12.44 17.49 24.92
CA THR D 20 -13.75 17.79 24.36
C THR D 20 -14.62 16.55 24.19
N GLN D 21 -14.12 15.38 24.56
CA GLN D 21 -14.73 14.11 24.19
C GLN D 21 -15.85 13.63 25.12
N GLU D 22 -16.08 14.24 26.28
CA GLU D 22 -17.33 14.02 27.02
C GLU D 22 -18.22 15.27 27.06
N ASP D 23 -18.22 16.06 25.97
CA ASP D 23 -19.11 17.22 25.92
C ASP D 23 -20.59 16.84 26.07
N ALA D 24 -20.98 15.66 25.59
CA ALA D 24 -22.40 15.32 25.60
C ALA D 24 -22.96 15.23 27.02
N THR D 25 -22.14 14.82 27.97
CA THR D 25 -22.54 14.76 29.37
C THR D 25 -21.94 15.89 30.22
N CYS D 26 -21.00 16.67 29.69
CA CYS D 26 -20.32 17.68 30.48
C CYS D 26 -20.56 19.09 30.00
N LYS D 27 -21.20 19.26 28.84
CA LYS D 27 -21.36 20.58 28.21
C LYS D 27 -22.79 20.75 27.72
N PRO D 28 -23.75 20.99 28.63
CA PRO D 28 -23.63 21.11 30.09
C PRO D 28 -23.77 19.82 30.90
N VAL D 29 -23.25 19.82 32.14
CA VAL D 29 -23.67 18.83 33.10
C VAL D 29 -25.18 18.96 33.32
N THR D 30 -25.85 17.83 33.46
CA THR D 30 -27.29 17.82 33.75
C THR D 30 -27.64 16.46 34.37
N TYR D 31 -28.95 16.16 34.48
CA TYR D 31 -29.41 15.03 35.31
C TYR D 31 -28.84 13.70 34.82
N ALA D 32 -28.83 13.49 33.50
CA ALA D 32 -28.39 12.23 32.91
C ALA D 32 -26.89 12.23 32.60
N GLY D 33 -26.29 11.06 32.72
CA GLY D 33 -24.95 10.84 32.24
C GLY D 33 -23.88 11.09 33.30
N ALA D 34 -22.67 10.64 32.98
CA ALA D 34 -21.51 10.73 33.86
C ALA D 34 -20.48 11.70 33.28
N CYS D 35 -19.84 12.45 34.17
CA CYS D 35 -18.89 13.50 33.81
C CYS D 35 -17.68 13.34 34.70
N SER D 36 -16.55 13.01 34.11
CA SER D 36 -15.36 12.79 34.93
C SER D 36 -14.87 14.06 35.61
N SER D 37 -15.27 15.26 35.13
CA SER D 37 -14.81 16.48 35.75
C SER D 37 -15.69 16.94 36.89
N PHE D 38 -16.93 16.48 36.93
CA PHE D 38 -17.92 16.96 37.87
C PHE D 38 -18.35 15.92 38.91
N ASP D 39 -18.54 14.65 38.53
CA ASP D 39 -19.22 13.69 39.40
C ASP D 39 -18.52 13.52 40.73
N VAL D 40 -17.18 13.40 40.70
CA VAL D 40 -16.38 13.29 41.93
C VAL D 40 -16.74 14.34 42.98
N LEU D 41 -17.17 15.53 42.55
CA LEU D 41 -17.49 16.59 43.50
C LEU D 41 -18.73 16.28 44.32
N LEU D 42 -19.54 15.31 43.89
CA LEU D 42 -20.78 14.98 44.58
C LEU D 42 -20.68 13.72 45.41
N GLU D 43 -19.50 13.11 45.50
CA GLU D 43 -19.33 11.93 46.35
C GLU D 43 -19.16 12.30 47.82
N LYS D 44 -19.85 11.52 48.67
CA LYS D 44 -20.11 11.86 50.06
C LYS D 44 -18.83 12.15 50.85
N GLY D 45 -18.72 13.39 51.35
CA GLY D 45 -17.61 13.84 52.19
C GLY D 45 -16.27 13.99 51.50
N LYS D 46 -16.24 14.02 50.17
CA LYS D 46 -14.98 14.23 49.46
C LYS D 46 -14.71 15.71 49.20
N PHE D 47 -15.74 16.53 49.02
CA PHE D 47 -15.59 17.97 48.75
C PHE D 47 -16.57 18.72 49.64
N PRO D 48 -16.32 18.76 50.97
CA PRO D 48 -17.36 19.27 51.89
C PRO D 48 -17.79 20.71 51.61
N LEU D 49 -16.85 21.61 51.37
CA LEU D 49 -17.23 23.00 51.12
C LEU D 49 -18.10 23.12 49.88
N PHE D 50 -17.72 22.44 48.78
CA PHE D 50 -18.54 22.59 47.58
C PHE D 50 -19.92 21.99 47.79
N GLN D 51 -20.00 20.89 48.55
CA GLN D 51 -21.28 20.25 48.81
C GLN D 51 -22.21 21.12 49.68
N SER D 52 -21.65 22.01 50.51
CA SER D 52 -22.51 22.97 51.22
C SER D 52 -22.91 24.16 50.36
N TYR D 53 -22.34 24.29 49.16
CA TYR D 53 -22.69 25.36 48.25
C TYR D 53 -22.81 24.81 46.84
N ALA D 54 -23.49 23.67 46.70
CA ALA D 54 -23.47 22.95 45.44
C ALA D 54 -24.21 23.68 44.33
N HIS D 55 -25.03 24.68 44.65
CA HIS D 55 -25.68 25.46 43.60
C HIS D 55 -24.88 26.67 43.18
N HIS D 56 -23.71 26.85 43.75
CA HIS D 56 -22.75 27.80 43.23
C HIS D 56 -21.87 27.11 42.17
N ARG D 57 -20.98 27.87 41.54
CA ARG D 57 -20.25 27.39 40.37
C ARG D 57 -19.00 26.61 40.72
N THR D 58 -18.70 25.57 39.93
CA THR D 58 -17.40 24.91 40.02
C THR D 58 -16.33 25.84 39.43
N LEU D 59 -15.06 25.47 39.64
CA LEU D 59 -13.98 26.22 39.01
C LEU D 59 -14.11 26.21 37.49
N LEU D 60 -14.46 25.05 36.92
CA LEU D 60 -14.56 24.98 35.46
C LEU D 60 -15.75 25.80 34.96
N GLU D 61 -16.89 25.68 35.63
CA GLU D 61 -18.04 26.49 35.27
C GLU D 61 -17.70 27.97 35.34
N ALA D 62 -16.95 28.38 36.36
CA ALA D 62 -16.56 29.79 36.46
C ALA D 62 -15.66 30.21 35.30
N VAL D 63 -14.76 29.34 34.84
CA VAL D 63 -13.95 29.67 33.66
C VAL D 63 -14.84 29.92 32.44
N HIS D 64 -15.71 28.96 32.12
CA HIS D 64 -16.58 29.10 30.95
C HIS D 64 -17.66 30.14 31.13
N ASP D 65 -17.89 30.63 32.34
CA ASP D 65 -18.77 31.76 32.53
C ASP D 65 -18.01 33.10 32.55
N THR D 66 -16.73 33.10 32.15
CA THR D 66 -15.81 34.26 32.20
C THR D 66 -15.74 34.93 33.58
N ILE D 67 -15.98 34.20 34.66
CA ILE D 67 -15.75 34.76 35.99
C ILE D 67 -14.26 34.66 36.36
N ILE D 68 -13.59 33.61 35.89
CA ILE D 68 -12.21 33.33 36.23
C ILE D 68 -11.44 33.22 34.93
N ALA D 69 -10.28 33.82 34.87
CA ALA D 69 -9.47 33.71 33.65
C ALA D 69 -8.61 32.46 33.71
N LYS D 70 -8.26 31.95 32.53
CA LYS D 70 -7.34 30.83 32.38
C LYS D 70 -5.91 31.30 32.52
N ALA D 71 -5.09 30.55 33.25
CA ALA D 71 -3.69 30.91 33.38
C ALA D 71 -3.04 31.01 32.01
N ASP D 72 -1.81 31.53 32.02
CA ASP D 72 -1.05 31.81 30.81
C ASP D 72 0.37 31.31 30.99
N PRO D 73 0.73 30.14 30.42
CA PRO D 73 0.00 29.13 29.64
C PRO D 73 -1.02 28.36 30.47
N PRO D 74 -2.03 27.75 29.81
CA PRO D 74 -3.19 27.23 30.56
C PRO D 74 -2.98 25.83 31.12
N SER D 75 -2.13 25.03 30.47
CA SER D 75 -1.73 23.72 30.94
C SER D 75 -0.28 23.77 31.32
N CYS D 76 0.23 22.62 31.66
CA CYS D 76 1.66 22.43 31.68
C CYS D 76 1.88 20.92 31.68
N ASP D 77 2.89 20.44 30.97
CA ASP D 77 3.11 19.00 30.93
C ASP D 77 4.33 18.61 31.75
N LEU D 78 4.31 17.38 32.26
CA LEU D 78 5.31 16.93 33.24
C LEU D 78 6.22 15.87 32.64
N GLY D 83 7.60 21.41 34.00
CA GLY D 83 8.63 21.13 34.98
C GLY D 83 9.02 22.35 35.79
N ASN D 84 9.18 23.49 35.11
CA ASN D 84 9.42 24.76 35.80
C ASN D 84 8.18 25.57 36.20
N PRO D 85 7.25 25.90 35.25
CA PRO D 85 6.25 26.95 35.53
C PRO D 85 5.22 26.45 36.52
N CYS D 86 4.67 25.29 36.15
CA CYS D 86 3.98 24.46 37.10
C CYS D 86 5.00 23.87 38.04
N MET D 87 4.48 23.06 38.94
CA MET D 87 5.28 22.25 39.84
C MET D 87 5.94 23.14 40.87
N LYS D 88 6.03 24.45 40.70
CA LYS D 88 6.34 25.27 41.87
C LYS D 88 5.11 25.35 42.76
N GLU D 89 4.03 25.88 42.20
CA GLU D 89 2.75 25.94 42.90
C GLU D 89 2.20 24.54 43.15
N LYS D 90 2.35 23.65 42.18
CA LYS D 90 1.83 22.31 42.40
C LYS D 90 2.61 21.58 43.51
N LEU D 91 3.92 21.80 43.64
CA LEU D 91 4.68 20.97 44.56
C LEU D 91 4.48 21.36 46.02
N VAL D 92 4.15 22.62 46.30
CA VAL D 92 3.80 22.98 47.67
C VAL D 92 2.44 22.47 48.09
N MET D 93 1.66 21.86 47.19
CA MET D 93 0.32 21.44 47.55
C MET D 93 0.22 19.92 47.52
N LYS D 94 -0.34 19.33 48.59
CA LYS D 94 -0.44 17.89 48.75
C LYS D 94 -1.83 17.39 48.34
N THR D 95 -1.88 16.58 47.27
CA THR D 95 -3.15 16.17 46.68
C THR D 95 -3.11 14.69 46.34
N HIS D 96 -4.27 14.04 46.44
CA HIS D 96 -4.41 12.68 45.96
C HIS D 96 -5.32 12.73 44.75
N CYS D 97 -4.86 12.13 43.62
CA CYS D 97 -5.56 11.95 42.35
C CYS D 97 -6.00 10.51 42.21
N PRO D 98 -7.26 10.24 41.96
CA PRO D 98 -7.64 8.88 41.53
C PRO D 98 -6.93 8.50 40.24
N ASN D 99 -6.93 7.20 39.94
CA ASN D 99 -6.34 6.66 38.73
C ASN D 99 -7.06 7.15 37.47
N ASP D 100 -6.36 7.08 36.33
CA ASP D 100 -6.87 7.24 34.96
C ASP D 100 -7.16 8.69 34.55
N TYR D 101 -6.62 9.66 35.24
CA TYR D 101 -6.75 11.03 34.82
C TYR D 101 -5.55 11.47 34.02
N GLN D 102 -5.80 12.20 32.95
CA GLN D 102 -4.76 12.81 32.15
C GLN D 102 -4.50 14.25 32.53
N SER D 103 -5.42 14.86 33.28
CA SER D 103 -5.44 16.28 33.56
C SER D 103 -5.93 16.53 34.98
N ALA D 104 -5.48 17.60 35.61
CA ALA D 104 -6.07 18.07 36.87
C ALA D 104 -5.85 19.57 36.98
N HIS D 105 -6.80 20.28 37.60
CA HIS D 105 -6.85 21.74 37.49
C HIS D 105 -7.02 22.38 38.86
N TYR D 106 -6.59 23.63 38.96
CA TYR D 106 -6.55 24.34 40.23
C TYR D 106 -6.50 25.85 40.00
N LEU D 107 -6.82 26.56 41.02
CA LEU D 107 -6.81 27.96 41.09
C LEU D 107 -5.40 28.31 41.53
N ASN D 108 -4.67 29.15 40.81
CA ASN D 108 -3.27 29.41 41.10
C ASN D 108 -3.16 30.67 41.95
N ASN D 109 -1.93 31.13 42.22
CA ASN D 109 -1.76 32.27 43.12
C ASN D 109 -2.33 33.57 42.54
N ASP D 110 -2.34 33.72 41.23
CA ASP D 110 -2.89 34.92 40.61
C ASP D 110 -4.40 34.86 40.49
N GLY D 111 -5.04 33.79 40.97
CA GLY D 111 -6.46 33.67 40.82
C GLY D 111 -6.92 33.19 39.46
N LYS D 112 -6.05 32.56 38.68
CA LYS D 112 -6.44 32.03 37.38
C LYS D 112 -6.47 30.51 37.43
N MET D 113 -7.08 29.91 36.42
CA MET D 113 -7.15 28.46 36.39
C MET D 113 -5.96 27.91 35.63
N ALA D 114 -5.13 27.14 36.32
CA ALA D 114 -4.00 26.45 35.76
C ALA D 114 -4.33 24.96 35.73
N SER D 115 -3.55 24.21 34.97
CA SER D 115 -3.75 22.77 34.97
C SER D 115 -2.43 22.05 34.73
N VAL D 116 -2.35 20.80 35.19
CA VAL D 116 -1.28 19.89 34.81
C VAL D 116 -1.88 18.87 33.86
N LYS D 117 -1.18 18.60 32.76
CA LYS D 117 -1.64 17.65 31.76
C LYS D 117 -0.54 16.68 31.40
N CYS D 118 -0.88 15.40 31.39
CA CYS D 118 0.02 14.32 31.00
C CYS D 118 0.04 14.16 29.49
N PRO D 119 1.04 13.45 28.95
CA PRO D 119 1.07 13.19 27.49
C PRO D 119 -0.04 12.24 27.09
N PRO D 120 -0.28 12.05 25.80
CA PRO D 120 -1.29 11.07 25.38
C PRO D 120 -1.00 9.66 25.91
N LYS D 121 -2.06 8.97 26.32
CA LYS D 121 -2.00 7.63 26.88
C LYS D 121 -1.20 7.55 28.18
N TYR D 122 -0.93 8.68 28.82
CA TYR D 122 -0.33 8.71 30.16
C TYR D 122 -1.38 9.18 31.16
N GLU D 123 -1.22 8.79 32.44
CA GLU D 123 -2.08 9.23 33.53
C GLU D 123 -1.24 9.91 34.63
N LEU D 124 -1.94 10.65 35.49
CA LEU D 124 -1.32 11.25 36.67
C LEU D 124 -1.11 10.20 37.75
N THR D 125 0.03 10.29 38.44
CA THR D 125 0.27 9.48 39.63
C THR D 125 -0.60 9.96 40.78
N GLU D 126 -0.77 9.08 41.76
CA GLU D 126 -1.66 9.33 42.90
C GLU D 126 -1.40 10.68 43.57
N ASP D 127 -0.15 11.14 43.61
CA ASP D 127 0.16 12.46 44.16
C ASP D 127 0.07 13.60 43.15
N CYS D 128 -0.31 13.30 41.91
CA CYS D 128 -0.44 14.23 40.78
C CYS D 128 0.83 15.04 40.49
N ASN D 129 2.02 14.54 40.85
CA ASN D 129 3.26 15.23 40.52
C ASN D 129 3.96 14.65 39.30
N PHE D 130 3.58 13.46 38.85
CA PHE D 130 4.24 12.77 37.75
C PHE D 130 3.19 12.17 36.84
N CYS D 131 3.63 11.77 35.66
CA CYS D 131 2.81 11.06 34.70
C CYS D 131 3.44 9.70 34.47
N ARG D 132 2.61 8.70 34.27
CA ARG D 132 3.11 7.38 33.92
C ARG D 132 2.22 6.79 32.84
N GLN D 133 2.78 5.81 32.13
CA GLN D 133 2.09 5.20 30.99
C GLN D 133 0.84 4.48 31.46
N MET D 134 -0.20 4.54 30.64
CA MET D 134 -1.52 4.04 31.00
C MET D 134 -1.46 2.66 31.63
N THR D 135 -1.83 2.62 32.91
CA THR D 135 -2.15 1.41 33.65
C THR D 135 -3.66 1.37 33.81
N GLY D 136 -4.27 0.25 33.45
CA GLY D 136 -5.70 0.13 33.61
C GLY D 136 -6.44 0.22 32.29
N ALA D 137 -7.74 0.48 32.40
CA ALA D 137 -8.60 0.30 31.25
C ALA D 137 -8.56 1.51 30.34
N SER D 138 -9.00 2.66 30.81
CA SER D 138 -9.20 3.74 29.87
C SER D 138 -8.89 5.04 30.57
N LEU D 139 -8.19 5.93 29.88
CA LEU D 139 -8.07 7.30 30.34
C LEU D 139 -9.46 7.92 30.41
N LYS D 140 -9.71 8.69 31.46
CA LYS D 140 -10.92 9.49 31.49
C LYS D 140 -10.78 10.67 30.54
N LYS D 141 -11.93 11.26 30.21
CA LYS D 141 -12.02 12.34 29.23
C LYS D 141 -12.06 13.73 29.86
N GLY D 142 -12.03 13.84 31.20
CA GLY D 142 -12.05 15.16 31.80
C GLY D 142 -10.83 15.49 32.63
N SER D 143 -10.97 16.39 33.61
CA SER D 143 -9.87 16.86 34.43
C SER D 143 -10.28 16.80 35.89
N TYR D 144 -9.37 16.47 36.76
CA TYR D 144 -9.71 16.26 38.16
C TYR D 144 -9.55 17.55 38.99
N PRO D 145 -10.57 17.98 39.73
CA PRO D 145 -10.45 19.19 40.59
C PRO D 145 -9.59 18.94 41.83
N LEU D 146 -8.52 19.71 41.97
CA LEU D 146 -7.58 19.49 43.08
C LEU D 146 -7.92 20.28 44.34
N GLN D 147 -9.02 21.02 44.36
CA GLN D 147 -9.35 21.95 45.44
C GLN D 147 -10.83 21.85 45.69
N ASP D 148 -11.21 22.27 46.88
CA ASP D 148 -12.58 22.20 47.33
C ASP D 148 -13.07 23.65 47.32
N LEU D 149 -13.78 24.05 46.31
CA LEU D 149 -14.20 25.43 46.17
C LEU D 149 -15.50 25.68 45.45
N PHE D 150 -15.91 26.92 45.42
CA PHE D 150 -17.09 27.35 44.66
C PHE D 150 -16.90 28.81 44.30
N CYS D 151 -17.63 29.26 43.27
CA CYS D 151 -17.33 30.54 42.67
C CYS D 151 -18.61 31.28 42.39
N GLN D 152 -18.46 32.59 42.10
CA GLN D 152 -19.58 33.47 41.78
C GLN D 152 -19.02 34.73 41.14
N SER D 153 -19.83 35.35 40.30
CA SER D 153 -19.42 36.64 39.77
C SER D 153 -19.44 37.68 40.87
N SER D 154 -18.54 38.65 40.75
CA SER D 154 -18.40 39.72 41.72
C SER D 154 -17.69 40.91 41.07
N GLU D 155 -18.12 42.11 41.44
CA GLU D 155 -17.44 43.34 41.07
C GLU D 155 -16.72 43.98 42.24
N ASP D 156 -16.75 43.34 43.41
CA ASP D 156 -16.16 43.93 44.61
C ASP D 156 -14.64 43.95 44.49
N ASP D 157 -14.04 45.13 44.68
CA ASP D 157 -12.60 45.25 44.47
C ASP D 157 -11.84 44.75 45.70
N GLY D 158 -10.83 43.93 45.46
CA GLY D 158 -10.03 43.46 46.55
C GLY D 158 -8.56 43.75 46.33
N SER D 159 -8.28 44.80 45.55
CA SER D 159 -6.89 45.15 45.23
C SER D 159 -6.07 45.47 46.46
N LYS D 160 -6.70 45.57 47.62
CA LYS D 160 -6.05 45.91 48.88
C LYS D 160 -5.97 44.74 49.86
N LEU D 161 -6.62 43.60 49.55
CA LEU D 161 -6.64 42.45 50.43
C LEU D 161 -5.43 41.55 50.15
N LYS D 162 -4.65 41.29 51.21
CA LYS D 162 -3.44 40.47 51.17
C LYS D 162 -3.53 39.47 52.31
N THR D 163 -3.01 38.26 52.09
CA THR D 163 -2.98 37.23 53.12
C THR D 163 -2.44 37.77 54.44
N LYS D 164 -3.18 37.57 55.53
CA LYS D 164 -2.72 37.90 56.88
C LYS D 164 -3.02 36.72 57.79
N MET D 165 -1.99 36.16 58.42
CA MET D 165 -2.13 34.94 59.21
C MET D 165 -1.17 35.00 60.39
N LYS D 166 -1.69 34.85 61.60
CA LYS D 166 -0.85 35.11 62.77
C LYS D 166 0.18 34.00 62.93
N GLY D 167 1.45 34.41 63.03
CA GLY D 167 2.56 33.52 63.32
C GLY D 167 3.00 32.67 62.15
N VAL D 168 2.37 32.84 60.99
CA VAL D 168 2.68 32.06 59.80
C VAL D 168 3.80 32.76 59.04
N CYS D 169 4.80 31.99 58.64
CA CYS D 169 5.92 32.55 57.89
C CYS D 169 5.77 32.32 56.39
N GLU D 170 5.42 31.12 55.97
CA GLU D 170 5.16 30.80 54.58
C GLU D 170 3.89 29.97 54.52
N VAL D 171 3.01 30.29 53.57
CA VAL D 171 1.86 29.46 53.29
C VAL D 171 1.78 29.27 51.78
N GLY D 172 1.96 28.04 51.33
CA GLY D 172 2.01 27.79 49.88
C GLY D 172 3.22 28.47 49.27
N VAL D 173 3.02 29.27 48.21
CA VAL D 173 4.11 29.99 47.57
C VAL D 173 4.31 31.40 48.12
N GLN D 174 3.52 31.81 49.11
CA GLN D 174 3.57 33.17 49.64
C GLN D 174 4.38 33.18 50.94
N ALA D 175 5.48 33.93 50.95
CA ALA D 175 6.20 34.25 52.18
C ALA D 175 5.66 35.55 52.77
N LEU D 176 5.15 35.51 53.98
CA LEU D 176 4.44 36.66 54.56
C LEU D 176 5.36 37.65 55.24
N LYS D 177 6.51 37.22 55.75
CA LYS D 177 7.46 38.11 56.41
C LYS D 177 8.81 37.40 56.44
N LYS D 178 9.78 38.02 57.11
CA LYS D 178 11.06 37.38 57.36
C LYS D 178 11.04 36.86 58.79
N CYS D 179 11.20 35.54 58.96
CA CYS D 179 11.36 34.91 60.26
C CYS D 179 12.79 34.44 60.32
N ASP D 180 13.52 34.86 61.35
CA ASP D 180 14.89 34.39 61.50
C ASP D 180 14.97 33.18 62.42
N GLY D 181 13.97 32.97 63.27
CA GLY D 181 13.99 31.85 64.17
C GLY D 181 13.71 30.55 63.43
N GLN D 182 13.70 29.47 64.19
CA GLN D 182 13.39 28.17 63.63
C GLN D 182 11.88 28.01 63.48
N LEU D 183 11.49 27.22 62.50
CA LEU D 183 10.10 27.11 62.08
C LEU D 183 9.62 25.68 62.24
N SER D 184 8.33 25.52 62.49
CA SER D 184 7.68 24.23 62.38
C SER D 184 6.95 24.19 61.05
N THR D 185 6.89 23.00 60.44
CA THR D 185 6.33 22.84 59.11
C THR D 185 5.28 21.75 59.14
N ALA D 186 4.25 21.91 58.31
CA ALA D 186 3.13 20.99 58.25
C ALA D 186 2.35 21.19 56.95
N HIS D 187 1.73 20.11 56.47
CA HIS D 187 0.69 20.22 55.45
C HIS D 187 -0.61 20.55 56.14
N GLU D 188 -1.21 21.69 55.78
CA GLU D 188 -2.41 22.16 56.46
C GLU D 188 -3.49 22.38 55.41
N VAL D 189 -4.73 22.12 55.79
CA VAL D 189 -5.88 22.35 54.90
C VAL D 189 -6.33 23.78 55.21
N VAL D 190 -6.07 24.71 54.29
CA VAL D 190 -6.10 26.16 54.57
C VAL D 190 -7.23 26.78 53.75
N PRO D 191 -8.13 27.57 54.37
CA PRO D 191 -9.14 28.31 53.59
C PRO D 191 -8.52 29.47 52.81
N PHE D 192 -9.02 29.69 51.60
CA PHE D 192 -8.56 30.82 50.81
C PHE D 192 -9.74 31.45 50.08
N ALA D 193 -9.54 32.69 49.62
CA ALA D 193 -10.50 33.39 48.78
C ALA D 193 -9.76 34.17 47.70
N VAL D 194 -10.50 34.48 46.64
CA VAL D 194 -9.97 35.21 45.50
C VAL D 194 -11.00 36.28 45.17
N PHE D 195 -10.52 37.50 44.98
CA PHE D 195 -11.37 38.65 44.71
C PHE D 195 -11.02 39.26 43.37
N LYS D 196 -11.87 40.16 42.92
CA LYS D 196 -11.51 41.03 41.81
C LYS D 196 -10.23 41.79 42.15
N ASN D 197 -9.21 41.64 41.30
CA ASN D 197 -7.93 42.36 41.35
C ASN D 197 -7.01 41.89 42.46
N SER D 198 -7.37 40.87 43.24
CA SER D 198 -6.52 40.40 44.32
C SER D 198 -5.73 39.15 43.89
N LYS D 199 -4.69 38.86 44.65
CA LYS D 199 -4.05 37.56 44.55
C LYS D 199 -4.79 36.58 45.46
N LYS D 200 -4.40 35.31 45.45
CA LYS D 200 -5.01 34.37 46.39
C LYS D 200 -4.79 34.86 47.82
N VAL D 201 -5.85 34.85 48.63
CA VAL D 201 -5.79 35.36 50.00
C VAL D 201 -6.06 34.21 50.96
N TYR D 202 -5.01 33.76 51.63
CA TYR D 202 -5.17 32.70 52.59
C TYR D 202 -5.63 33.30 53.92
N LEU D 203 -6.34 32.49 54.71
CA LEU D 203 -7.08 32.99 55.85
C LEU D 203 -6.87 32.07 57.05
N ASP D 204 -6.93 32.64 58.24
CA ASP D 204 -6.86 31.85 59.45
C ASP D 204 -8.18 31.17 59.79
N LYS D 205 -9.30 31.82 59.44
CA LYS D 205 -10.64 31.33 59.71
C LYS D 205 -11.53 31.66 58.51
N LEU D 206 -12.38 30.72 58.12
CA LEU D 206 -13.35 30.91 57.07
C LEU D 206 -14.67 31.32 57.71
N ASP D 207 -15.18 32.50 57.36
CA ASP D 207 -16.42 33.02 57.93
C ASP D 207 -17.31 33.56 56.83
N LEU D 208 -18.45 32.91 56.60
CA LEU D 208 -19.31 33.14 55.45
C LEU D 208 -20.76 33.31 55.86
N LYS D 209 -21.50 34.10 55.05
CA LYS D 209 -22.92 34.26 55.17
C LYS D 209 -23.51 34.37 53.77
N THR D 210 -24.72 33.84 53.59
CA THR D 210 -25.44 33.88 52.31
C THR D 210 -26.58 34.90 52.40
N GLU D 211 -26.71 35.74 51.38
CA GLU D 211 -27.85 36.63 51.22
C GLU D 211 -28.68 36.17 50.03
N GLU D 212 -29.92 35.76 50.30
CA GLU D 212 -30.78 35.15 49.30
C GLU D 212 -31.44 36.20 48.42
N ASN D 213 -31.77 35.80 47.20
CA ASN D 213 -32.42 36.70 46.26
C ASN D 213 -33.30 35.90 45.32
N LEU D 214 -33.82 36.59 44.29
CA LEU D 214 -34.69 35.99 43.29
C LEU D 214 -34.11 36.10 41.88
N LEU D 215 -32.78 36.15 41.76
CA LEU D 215 -32.10 36.19 40.47
C LEU D 215 -32.13 34.81 39.82
N PRO D 216 -31.86 34.73 38.51
CA PRO D 216 -31.98 33.43 37.80
C PRO D 216 -31.20 32.27 38.42
N ASP D 217 -30.00 32.52 38.97
CA ASP D 217 -29.22 31.43 39.54
C ASP D 217 -29.72 31.01 40.92
N SER D 218 -30.80 31.60 41.40
CA SER D 218 -31.45 31.12 42.61
C SER D 218 -32.57 30.11 42.33
N PHE D 219 -32.89 29.84 41.07
CA PHE D 219 -33.88 28.82 40.72
C PHE D 219 -33.25 27.70 39.90
N VAL D 220 -33.81 26.51 40.03
CA VAL D 220 -33.55 25.41 39.12
C VAL D 220 -34.87 25.01 38.47
N CYS D 221 -34.84 24.75 37.17
CA CYS D 221 -36.04 24.43 36.42
C CYS D 221 -35.92 23.07 35.74
N PHE D 222 -37.04 22.39 35.60
CA PHE D 222 -37.03 21.07 34.99
C PHE D 222 -38.39 20.80 34.37
N GLU D 223 -38.38 20.07 33.25
CA GLU D 223 -39.60 19.66 32.56
C GLU D 223 -40.45 18.74 33.42
N GLU D 240 -37.06 10.33 35.48
CA GLU D 240 -36.55 11.08 34.34
C GLU D 240 -36.84 12.58 34.44
N LEU D 241 -35.82 13.38 34.79
CA LEU D 241 -35.91 14.83 34.73
C LEU D 241 -35.05 15.36 33.60
N LYS D 242 -35.47 16.46 33.00
CA LYS D 242 -34.66 17.17 32.02
C LYS D 242 -34.53 18.62 32.44
N SER D 243 -33.34 19.19 32.21
CA SER D 243 -33.04 20.58 32.54
C SER D 243 -33.76 21.55 31.60
N PHE D 244 -34.16 22.69 32.16
CA PHE D 244 -34.84 23.74 31.42
C PHE D 244 -34.23 25.10 31.77
N ASP D 245 -33.89 25.88 30.76
CA ASP D 245 -33.31 27.20 30.99
C ASP D 245 -34.41 28.20 31.36
N ILE D 246 -34.26 28.84 32.53
CA ILE D 246 -35.24 29.80 33.04
C ILE D 246 -35.26 31.08 32.23
N SER D 247 -34.24 31.31 31.39
CA SER D 247 -34.27 32.49 30.54
C SER D 247 -35.37 32.38 29.49
N GLN D 248 -35.89 31.19 29.22
CA GLN D 248 -37.04 31.05 28.35
C GLN D 248 -38.33 31.49 29.03
N CYS D 249 -38.34 31.67 30.34
CA CYS D 249 -39.58 31.96 31.05
C CYS D 249 -39.84 33.46 31.02
N PRO D 250 -41.08 33.89 30.74
CA PRO D 250 -41.37 35.33 30.77
C PRO D 250 -41.52 35.83 32.21
N LYS D 251 -40.83 36.91 32.53
CA LYS D 251 -41.11 37.60 33.76
C LYS D 251 -42.51 38.20 33.71
N ILE D 252 -43.05 38.56 34.88
CA ILE D 252 -44.41 39.09 34.94
C ILE D 252 -44.50 40.36 34.10
N GLY D 253 -45.45 40.37 33.15
CA GLY D 253 -45.60 41.52 32.26
C GLY D 253 -44.37 41.74 31.40
N GLY D 254 -44.08 40.74 30.57
CA GLY D 254 -42.87 40.69 29.77
C GLY D 254 -42.97 39.49 28.86
N HIS D 255 -41.95 39.30 28.03
CA HIS D 255 -42.05 38.31 26.98
C HIS D 255 -41.11 37.14 27.22
N GLY D 256 -41.50 35.98 26.69
CA GLY D 256 -40.79 34.73 26.85
C GLY D 256 -41.32 33.64 25.93
N SER D 257 -40.46 32.67 25.57
CA SER D 257 -40.79 31.70 24.53
C SER D 257 -41.63 30.52 25.06
N LYS D 258 -41.46 30.11 26.31
CA LYS D 258 -42.12 28.94 26.87
C LYS D 258 -43.09 29.35 27.98
N LYS D 259 -43.73 28.35 28.57
CA LYS D 259 -44.66 28.49 29.68
C LYS D 259 -44.11 27.74 30.89
N CYS D 260 -44.20 28.36 32.08
CA CYS D 260 -43.53 27.84 33.27
C CYS D 260 -44.46 27.94 34.47
N THR D 261 -44.12 27.21 35.53
CA THR D 261 -44.73 27.36 36.85
C THR D 261 -43.63 27.12 37.88
N GLY D 262 -43.97 27.28 39.15
CA GLY D 262 -42.98 27.10 40.18
C GLY D 262 -43.53 27.41 41.55
N ASP D 263 -42.62 27.45 42.52
CA ASP D 263 -43.01 27.78 43.87
C ASP D 263 -43.44 29.25 43.94
N ALA D 264 -43.80 29.69 45.15
CA ALA D 264 -44.34 31.03 45.31
C ALA D 264 -43.29 32.09 44.98
N ALA D 265 -42.03 31.87 45.39
CA ALA D 265 -40.97 32.83 45.10
C ALA D 265 -40.82 33.06 43.59
N PHE D 266 -40.92 31.98 42.81
CA PHE D 266 -40.84 32.08 41.36
C PHE D 266 -42.01 32.88 40.78
N CYS D 267 -43.23 32.44 41.11
CA CYS D 267 -44.45 33.13 40.70
C CYS D 267 -44.51 34.58 41.18
N SER D 268 -43.70 34.96 42.16
CA SER D 268 -43.69 36.36 42.55
C SER D 268 -43.01 37.24 41.51
N ALA D 269 -42.26 36.65 40.57
CA ALA D 269 -41.42 37.36 39.61
C ALA D 269 -41.68 36.96 38.16
N TYR D 270 -42.06 35.71 37.92
CA TYR D 270 -42.31 35.19 36.57
C TYR D 270 -43.78 34.80 36.45
N GLU D 271 -44.25 34.64 35.21
CA GLU D 271 -45.64 34.23 34.97
C GLU D 271 -45.83 32.74 35.25
N CYS D 272 -46.99 32.38 35.81
CA CYS D 272 -47.24 31.04 36.29
C CYS D 272 -48.55 30.50 35.73
N THR D 273 -48.46 29.40 35.00
CA THR D 273 -49.57 28.79 34.26
C THR D 273 -49.74 27.33 34.71
N ALA D 274 -50.46 27.13 35.82
CA ALA D 274 -50.55 25.80 36.43
C ALA D 274 -51.03 24.71 35.47
N GLN D 275 -51.69 25.06 34.37
CA GLN D 275 -52.24 24.07 33.44
C GLN D 275 -51.45 23.93 32.15
N TYR D 276 -50.88 25.00 31.64
CA TYR D 276 -50.15 24.94 30.39
C TYR D 276 -48.66 24.97 30.55
N ALA D 277 -48.18 24.64 31.72
CA ALA D 277 -46.75 24.72 32.02
C ALA D 277 -45.97 23.67 31.26
N ASN D 278 -44.81 24.09 30.74
CA ASN D 278 -43.77 23.19 30.26
C ASN D 278 -42.84 22.74 31.39
N ALA D 279 -42.42 23.69 32.23
CA ALA D 279 -41.39 23.46 33.24
C ALA D 279 -41.87 23.94 34.59
N TYR D 280 -41.21 23.46 35.63
CA TYR D 280 -41.41 23.90 37.01
C TYR D 280 -40.10 24.48 37.52
N CYS D 281 -40.16 25.52 38.35
CA CYS D 281 -38.96 26.16 38.87
C CYS D 281 -39.06 26.32 40.38
N SER D 282 -38.16 25.68 41.10
CA SER D 282 -38.07 25.80 42.54
C SER D 282 -36.90 26.70 42.90
N HIS D 283 -36.91 27.19 44.14
CA HIS D 283 -35.75 27.88 44.66
C HIS D 283 -34.60 26.88 44.86
N ALA D 284 -33.42 27.24 44.37
CA ALA D 284 -32.21 26.43 44.59
C ALA D 284 -31.70 26.73 45.99
N ASN D 285 -31.96 25.82 46.92
CA ASN D 285 -31.59 26.08 48.30
C ASN D 285 -30.08 26.20 48.43
N GLY D 286 -29.65 27.10 49.30
CA GLY D 286 -28.25 27.44 49.43
C GLY D 286 -27.80 28.51 48.48
N SER D 287 -28.55 28.76 47.41
CA SER D 287 -28.16 29.83 46.50
C SER D 287 -28.34 31.19 47.16
N GLY D 288 -27.70 32.19 46.55
CA GLY D 288 -27.66 33.54 47.06
C GLY D 288 -26.28 34.11 46.81
N ILE D 289 -26.05 35.37 47.21
CA ILE D 289 -24.75 36.02 47.16
C ILE D 289 -23.98 35.67 48.43
N VAL D 290 -22.78 35.10 48.28
CA VAL D 290 -22.00 34.69 49.43
C VAL D 290 -21.01 35.80 49.78
N GLN D 291 -20.86 36.09 51.08
CA GLN D 291 -19.87 37.06 51.52
C GLN D 291 -18.94 36.46 52.57
N ILE D 292 -17.74 37.00 52.63
CA ILE D 292 -16.67 36.46 53.47
C ILE D 292 -16.08 37.58 54.30
N GLN D 293 -15.72 37.25 55.53
CA GLN D 293 -15.17 38.22 56.46
C GLN D 293 -13.64 38.21 56.32
N VAL D 294 -13.07 39.36 55.98
CA VAL D 294 -11.64 39.49 55.71
C VAL D 294 -11.13 40.63 56.57
N SER D 295 -10.43 40.30 57.64
CA SER D 295 -9.90 41.31 58.56
C SER D 295 -11.05 42.15 59.11
N GLY D 296 -12.11 41.45 59.53
CA GLY D 296 -13.25 42.07 60.17
C GLY D 296 -14.31 42.62 59.23
N VAL D 297 -14.00 42.82 57.94
CA VAL D 297 -14.93 43.43 56.99
C VAL D 297 -15.54 42.36 56.08
N TRP D 298 -16.82 42.54 55.74
CA TRP D 298 -17.49 41.63 54.83
C TRP D 298 -17.22 42.02 53.38
N LYS D 299 -16.77 41.05 52.59
CA LYS D 299 -16.44 41.26 51.19
C LYS D 299 -17.02 40.11 50.37
N LYS D 300 -17.34 40.42 49.12
CA LYS D 300 -17.91 39.47 48.19
C LYS D 300 -16.80 38.90 47.32
N PRO D 301 -16.42 37.63 47.49
CA PRO D 301 -15.36 37.03 46.68
C PRO D 301 -15.83 36.46 45.34
N LEU D 302 -14.85 36.23 44.45
CA LEU D 302 -15.08 35.44 43.25
C LEU D 302 -15.11 33.94 43.57
N CYS D 303 -14.10 33.39 44.26
CA CYS D 303 -14.11 31.99 44.66
C CYS D 303 -13.72 31.89 46.13
N VAL D 304 -14.23 30.86 46.80
CA VAL D 304 -13.77 30.52 48.14
C VAL D 304 -13.45 29.02 48.17
N GLY D 305 -12.39 28.65 48.88
CA GLY D 305 -12.02 27.25 48.91
C GLY D 305 -11.11 26.81 50.05
N TYR D 306 -10.79 25.52 49.99
CA TYR D 306 -9.82 24.86 50.86
C TYR D 306 -8.75 24.21 49.98
N GLU D 307 -7.51 24.25 50.45
CA GLU D 307 -6.36 23.73 49.73
C GLU D 307 -5.41 23.16 50.79
N ARG D 308 -4.80 22.03 50.49
CA ARG D 308 -3.85 21.41 51.40
C ARG D 308 -2.44 21.77 50.94
N VAL D 309 -1.78 22.67 51.67
CA VAL D 309 -0.51 23.22 51.23
C VAL D 309 0.47 23.20 52.39
N VAL D 310 1.74 23.42 52.05
CA VAL D 310 2.78 23.57 53.06
C VAL D 310 2.61 24.90 53.81
N VAL D 311 2.65 24.84 55.14
CA VAL D 311 2.59 26.00 56.01
C VAL D 311 3.75 25.95 56.99
N LYS D 312 4.42 27.10 57.17
CA LYS D 312 5.56 27.24 58.07
C LYS D 312 5.25 28.29 59.13
N ARG D 313 5.29 27.89 60.39
CA ARG D 313 4.92 28.71 61.54
C ARG D 313 6.13 28.95 62.43
N GLU D 314 6.23 30.13 63.04
CA GLU D 314 7.34 30.35 63.96
C GLU D 314 7.16 29.56 65.26
N LEU D 315 8.26 29.31 65.96
CA LEU D 315 8.23 28.51 67.18
C LEU D 315 8.23 29.27 68.53
N GLN E 1 29.32 5.24 -21.57
CA GLN E 1 29.76 6.26 -20.61
C GLN E 1 28.82 6.36 -19.40
N VAL E 2 27.95 5.35 -19.25
CA VAL E 2 27.05 5.29 -18.11
C VAL E 2 27.87 5.15 -16.83
N GLN E 3 27.25 5.52 -15.71
CA GLN E 3 27.83 5.23 -14.42
C GLN E 3 26.74 4.66 -13.53
N LEU E 4 27.10 3.66 -12.74
CA LEU E 4 26.18 2.99 -11.82
C LEU E 4 26.69 3.19 -10.40
N GLN E 5 25.76 3.46 -9.48
CA GLN E 5 26.09 3.92 -8.13
C GLN E 5 25.10 3.31 -7.13
N GLU E 6 25.57 2.35 -6.33
CA GLU E 6 24.73 1.73 -5.33
C GLU E 6 24.76 2.48 -4.00
N SER E 7 23.72 2.26 -3.21
CA SER E 7 23.55 2.98 -1.96
C SER E 7 22.57 2.21 -1.09
N GLY E 8 22.83 2.22 0.21
CA GLY E 8 21.98 1.57 1.16
C GLY E 8 22.68 1.48 2.49
N PRO E 9 22.00 0.92 3.48
CA PRO E 9 22.62 0.76 4.80
C PRO E 9 23.71 -0.30 4.76
N GLY E 10 24.82 -0.01 5.44
CA GLY E 10 25.92 -0.97 5.58
C GLY E 10 25.74 -2.02 6.64
N LEU E 11 24.73 -1.87 7.50
CA LEU E 11 24.47 -2.78 8.60
C LEU E 11 23.00 -3.14 8.62
N VAL E 12 22.71 -4.45 8.66
CA VAL E 12 21.35 -4.97 8.72
C VAL E 12 21.30 -6.03 9.82
N LYS E 13 20.21 -6.01 10.63
CA LYS E 13 20.12 -6.96 11.73
C LYS E 13 19.60 -8.30 11.23
N PRO E 14 20.03 -9.39 11.86
CA PRO E 14 19.54 -10.72 11.44
C PRO E 14 18.03 -10.85 11.57
N SER E 15 17.44 -11.58 10.63
CA SER E 15 16.02 -11.78 10.40
C SER E 15 15.34 -10.59 9.73
N GLU E 16 16.01 -9.45 9.60
CA GLU E 16 15.38 -8.24 9.06
C GLU E 16 15.66 -8.16 7.57
N THR E 17 15.35 -7.02 6.97
CA THR E 17 15.34 -6.93 5.52
C THR E 17 16.41 -5.96 5.04
N LEU E 18 17.22 -6.43 4.08
CA LEU E 18 18.25 -5.63 3.46
C LEU E 18 17.64 -4.94 2.25
N SER E 19 17.91 -3.64 2.09
CA SER E 19 17.37 -2.91 0.96
C SER E 19 18.42 -1.94 0.44
N LEU E 20 18.63 -1.93 -0.88
CA LEU E 20 19.63 -1.09 -1.53
C LEU E 20 19.00 -0.43 -2.74
N THR E 21 19.74 0.54 -3.31
CA THR E 21 19.22 1.33 -4.42
C THR E 21 20.37 1.75 -5.34
N CYS E 22 20.28 1.34 -6.61
CA CYS E 22 21.21 1.76 -7.66
C CYS E 22 20.68 3.00 -8.37
N THR E 23 21.55 3.97 -8.61
CA THR E 23 21.19 5.18 -9.35
C THR E 23 22.05 5.28 -10.60
N VAL E 24 21.40 5.39 -11.77
CA VAL E 24 22.11 5.41 -13.05
C VAL E 24 22.31 6.84 -13.51
N SER E 25 23.52 7.12 -14.02
CA SER E 25 23.96 8.44 -14.46
C SER E 25 24.59 8.32 -15.83
N GLY E 26 24.42 9.37 -16.64
CA GLY E 26 24.94 9.29 -18.01
C GLY E 26 24.21 8.27 -18.85
N GLY E 27 22.92 8.10 -18.62
CA GLY E 27 22.14 7.09 -19.30
C GLY E 27 20.90 6.76 -18.50
N SER E 28 20.05 5.95 -19.10
CA SER E 28 18.72 5.66 -18.57
C SER E 28 18.57 4.18 -18.24
N ILE E 29 17.64 3.89 -17.35
CA ILE E 29 17.02 2.58 -17.35
C ILE E 29 16.17 2.63 -18.60
N SER E 30 16.61 2.04 -19.70
CA SER E 30 15.65 2.23 -20.77
C SER E 30 15.05 0.92 -21.21
N THR E 31 15.80 0.14 -21.98
CA THR E 31 15.39 -1.19 -22.38
C THR E 31 16.46 -2.19 -21.99
N TYR E 32 17.38 -1.80 -21.10
CA TYR E 32 18.47 -2.65 -20.68
C TYR E 32 17.97 -3.70 -19.67
N TYR E 33 18.85 -4.62 -19.30
CA TYR E 33 18.61 -5.51 -18.19
C TYR E 33 19.44 -5.04 -17.00
N TRP E 34 18.81 -4.95 -15.84
CA TRP E 34 19.42 -4.38 -14.64
C TRP E 34 19.47 -5.46 -13.58
N SER E 35 20.68 -5.86 -13.19
CA SER E 35 20.88 -6.99 -12.32
C SER E 35 21.54 -6.59 -11.00
N TRP E 36 21.27 -7.38 -9.96
CA TRP E 36 22.02 -7.34 -8.71
C TRP E 36 22.86 -8.61 -8.60
N ILE E 37 24.09 -8.44 -8.14
CA ILE E 37 25.06 -9.51 -8.01
C ILE E 37 25.79 -9.25 -6.70
N ARG E 38 26.07 -10.30 -5.95
CA ARG E 38 26.76 -10.11 -4.68
C ARG E 38 28.04 -10.95 -4.64
N GLN E 39 28.91 -10.57 -3.71
CA GLN E 39 30.19 -11.25 -3.49
C GLN E 39 30.49 -11.22 -2.01
N PRO E 40 30.33 -12.35 -1.31
CA PRO E 40 30.70 -12.40 0.10
C PRO E 40 32.22 -12.30 0.24
N PRO E 41 32.69 -11.75 1.36
CA PRO E 41 34.13 -11.45 1.48
C PRO E 41 34.98 -12.71 1.35
N GLY E 42 35.90 -12.70 0.38
CA GLY E 42 36.74 -13.83 0.11
C GLY E 42 36.18 -14.86 -0.85
N LYS E 43 34.94 -14.71 -1.29
CA LYS E 43 34.27 -15.75 -2.09
C LYS E 43 33.98 -15.20 -3.49
N GLY E 44 33.18 -15.96 -4.24
CA GLY E 44 32.94 -15.66 -5.64
C GLY E 44 31.69 -14.83 -5.85
N LEU E 45 31.42 -14.53 -7.12
CA LEU E 45 30.26 -13.73 -7.47
C LEU E 45 29.03 -14.61 -7.57
N GLU E 46 27.87 -14.04 -7.22
CA GLU E 46 26.59 -14.73 -7.35
C GLU E 46 25.51 -13.78 -7.86
N TRP E 47 24.84 -14.18 -8.95
CA TRP E 47 23.74 -13.41 -9.51
C TRP E 47 22.47 -13.52 -8.65
N ILE E 48 21.82 -12.39 -8.40
CA ILE E 48 20.62 -12.34 -7.58
C ILE E 48 19.35 -12.27 -8.42
N GLY E 49 19.31 -11.38 -9.40
CA GLY E 49 18.12 -11.20 -10.21
C GLY E 49 18.28 -9.98 -11.08
N TYR E 50 17.36 -9.85 -12.04
CA TYR E 50 17.30 -8.66 -12.88
C TYR E 50 15.87 -8.15 -12.97
N ILE E 51 15.76 -6.95 -13.52
CA ILE E 51 14.49 -6.29 -13.78
C ILE E 51 14.67 -5.47 -15.04
N TYR E 52 13.59 -5.30 -15.80
CA TYR E 52 13.65 -4.32 -16.86
C TYR E 52 12.49 -3.35 -16.71
N TYR E 53 12.55 -2.27 -17.49
CA TYR E 53 11.74 -1.07 -17.21
C TYR E 53 10.28 -1.42 -16.93
N SER E 54 9.74 -2.42 -17.63
CA SER E 54 8.32 -2.74 -17.51
C SER E 54 7.96 -3.38 -16.17
N GLY E 55 8.91 -3.61 -15.27
CA GLY E 55 8.62 -4.22 -13.99
C GLY E 55 8.80 -5.73 -13.94
N SER E 56 9.05 -6.38 -15.06
CA SER E 56 9.17 -7.84 -15.06
C SER E 56 10.53 -8.24 -14.51
N THR E 57 10.53 -9.25 -13.66
CA THR E 57 11.74 -9.67 -12.98
C THR E 57 12.02 -11.15 -13.21
N ASN E 58 13.22 -11.55 -12.81
CA ASN E 58 13.66 -12.93 -12.90
C ASN E 58 14.72 -13.08 -11.83
N TYR E 59 14.56 -14.06 -10.96
CA TYR E 59 15.35 -14.19 -9.76
C TYR E 59 16.13 -15.50 -9.77
N ASN E 60 17.31 -15.48 -9.15
CA ASN E 60 18.05 -16.69 -8.85
C ASN E 60 17.13 -17.69 -8.16
N PRO E 61 16.95 -18.90 -8.71
CA PRO E 61 16.05 -19.88 -8.09
C PRO E 61 16.27 -20.11 -6.61
N SER E 62 17.52 -20.06 -6.14
CA SER E 62 17.81 -20.33 -4.74
C SER E 62 17.48 -19.17 -3.81
N LEU E 63 17.17 -18.00 -4.36
CA LEU E 63 16.86 -16.83 -3.55
C LEU E 63 15.46 -16.30 -3.76
N LYS E 64 14.69 -16.86 -4.72
CA LYS E 64 13.47 -16.20 -5.21
C LYS E 64 12.43 -15.95 -4.11
N THR E 65 12.43 -16.75 -3.02
CA THR E 65 11.42 -16.53 -1.98
C THR E 65 11.74 -15.34 -1.08
N ARG E 66 12.97 -14.84 -1.10
CA ARG E 66 13.39 -13.75 -0.22
C ARG E 66 13.72 -12.46 -0.98
N VAL E 67 13.68 -12.48 -2.32
CA VAL E 67 14.16 -11.36 -3.13
C VAL E 67 12.99 -10.58 -3.69
N THR E 68 13.14 -9.26 -3.73
CA THR E 68 12.24 -8.39 -4.49
C THR E 68 13.09 -7.30 -5.14
N ILE E 69 13.02 -7.22 -6.46
CA ILE E 69 13.64 -6.14 -7.21
C ILE E 69 12.53 -5.25 -7.76
N SER E 70 12.67 -3.95 -7.61
CA SER E 70 11.73 -3.00 -8.17
C SER E 70 12.48 -1.95 -8.97
N VAL E 71 11.77 -1.21 -9.82
CA VAL E 71 12.39 -0.23 -10.68
C VAL E 71 11.56 1.04 -10.62
N ASP E 72 12.23 2.20 -10.72
CA ASP E 72 11.60 3.51 -10.67
C ASP E 72 12.17 4.36 -11.80
N THR E 73 11.53 4.28 -12.98
CA THR E 73 12.11 4.90 -14.17
C THR E 73 12.18 6.41 -14.05
N SER E 74 11.24 7.05 -13.34
CA SER E 74 11.21 8.52 -13.23
C SER E 74 12.44 9.06 -12.48
N LYS E 75 13.04 8.27 -11.59
CA LYS E 75 14.26 8.66 -10.89
C LYS E 75 15.49 7.96 -11.43
N ASN E 76 15.33 7.02 -12.37
CA ASN E 76 16.45 6.27 -12.95
C ASN E 76 17.13 5.42 -11.89
N GLN E 77 16.31 4.73 -11.10
CA GLN E 77 16.81 3.83 -10.07
C GLN E 77 16.12 2.50 -10.20
N PHE E 78 16.76 1.47 -9.64
CA PHE E 78 16.10 0.22 -9.36
C PHE E 78 16.65 -0.28 -8.03
N SER E 79 15.91 -1.16 -7.38
CA SER E 79 16.15 -1.40 -5.97
C SER E 79 16.09 -2.88 -5.67
N LEU E 80 16.65 -3.25 -4.53
CA LEU E 80 16.70 -4.62 -4.08
C LEU E 80 16.22 -4.66 -2.63
N LYS E 81 15.42 -5.69 -2.33
CA LYS E 81 15.04 -6.05 -0.96
C LYS E 81 15.36 -7.53 -0.77
N LEU E 82 16.04 -7.85 0.32
CA LEU E 82 16.34 -9.23 0.65
C LEU E 82 15.85 -9.49 2.07
N SER E 83 14.87 -10.36 2.21
CA SER E 83 14.15 -10.52 3.47
C SER E 83 14.76 -11.62 4.34
N SER E 84 14.55 -11.47 5.65
CA SER E 84 14.98 -12.43 6.67
C SER E 84 16.43 -12.88 6.41
N VAL E 85 17.33 -11.91 6.56
CA VAL E 85 18.74 -12.11 6.26
C VAL E 85 19.42 -12.90 7.36
N THR E 86 20.42 -13.67 6.93
CA THR E 86 21.29 -14.51 7.72
C THR E 86 22.70 -13.96 7.56
N ALA E 87 23.64 -14.52 8.34
CA ALA E 87 25.04 -14.14 8.16
C ALA E 87 25.56 -14.49 6.75
N ALA E 88 24.95 -15.49 6.10
CA ALA E 88 25.28 -15.81 4.71
C ALA E 88 24.99 -14.67 3.74
N ASP E 89 24.30 -13.61 4.16
CA ASP E 89 24.01 -12.52 3.25
C ASP E 89 24.98 -11.35 3.36
N THR E 90 25.93 -11.38 4.30
CA THR E 90 27.02 -10.41 4.35
C THR E 90 27.83 -10.49 3.07
N ALA E 91 27.96 -9.38 2.36
CA ALA E 91 28.62 -9.40 1.06
C ALA E 91 28.75 -7.98 0.55
N VAL E 92 29.50 -7.82 -0.52
CA VAL E 92 29.43 -6.63 -1.36
C VAL E 92 28.34 -6.85 -2.42
N TYR E 93 27.51 -5.84 -2.65
CA TYR E 93 26.43 -5.93 -3.62
C TYR E 93 26.71 -4.98 -4.76
N TYR E 94 26.72 -5.53 -5.97
CA TYR E 94 26.94 -4.77 -7.20
C TYR E 94 25.62 -4.64 -7.96
N CYS E 95 25.39 -3.47 -8.56
CA CYS E 95 24.47 -3.44 -9.68
C CYS E 95 25.24 -3.60 -10.99
N ALA E 96 24.55 -4.13 -12.00
CA ALA E 96 25.18 -4.37 -13.30
C ALA E 96 24.15 -4.24 -14.41
N ARG E 97 24.61 -3.76 -15.56
CA ARG E 97 23.79 -3.60 -16.75
C ARG E 97 24.19 -4.61 -17.80
N SER E 98 23.20 -5.19 -18.47
CA SER E 98 23.44 -6.03 -19.63
C SER E 98 22.44 -5.66 -20.70
N ASP E 99 22.89 -5.81 -21.95
CA ASP E 99 22.08 -5.49 -23.11
C ASP E 99 20.85 -6.38 -23.18
N TYR E 100 21.02 -7.67 -22.90
CA TYR E 100 19.98 -8.67 -23.10
C TYR E 100 19.92 -9.60 -21.91
N GLY E 101 18.86 -10.40 -21.87
CA GLY E 101 18.67 -11.35 -20.80
C GLY E 101 19.56 -12.58 -20.88
N ASP E 102 20.57 -12.57 -21.75
CA ASP E 102 21.67 -13.51 -21.60
C ASP E 102 22.70 -13.03 -20.59
N LEU E 103 22.57 -11.79 -20.12
CA LEU E 103 23.22 -11.29 -18.90
C LEU E 103 24.74 -11.19 -19.07
N ILE E 104 25.14 -10.48 -20.12
CA ILE E 104 26.53 -10.13 -20.38
C ILE E 104 26.76 -8.78 -19.69
N PHE E 105 27.41 -8.82 -18.53
CA PHE E 105 27.51 -7.64 -17.68
C PHE E 105 28.73 -6.85 -18.13
N ASP E 106 28.51 -5.82 -18.95
CA ASP E 106 29.61 -4.99 -19.43
C ASP E 106 29.66 -3.64 -18.73
N TYR E 107 28.80 -3.41 -17.76
CA TYR E 107 28.93 -2.20 -16.94
C TYR E 107 28.54 -2.57 -15.52
N TRP E 108 29.33 -2.12 -14.56
CA TRP E 108 29.16 -2.48 -13.16
C TRP E 108 29.16 -1.22 -12.31
N GLY E 109 28.46 -1.30 -11.18
CA GLY E 109 28.64 -0.33 -10.12
C GLY E 109 29.96 -0.59 -9.41
N GLN E 110 30.18 0.17 -8.34
CA GLN E 110 31.40 0.01 -7.57
C GLN E 110 31.27 -1.01 -6.46
N GLY E 111 30.05 -1.30 -6.03
CA GLY E 111 29.84 -2.26 -4.96
C GLY E 111 29.70 -1.58 -3.62
N THR E 112 28.69 -1.98 -2.87
CA THR E 112 28.49 -1.54 -1.50
C THR E 112 28.55 -2.76 -0.60
N LEU E 113 29.37 -2.67 0.45
CA LEU E 113 29.41 -3.74 1.44
C LEU E 113 28.22 -3.60 2.38
N VAL E 114 27.59 -4.73 2.66
CA VAL E 114 26.48 -4.78 3.60
C VAL E 114 26.80 -5.86 4.62
N THR E 115 26.76 -5.48 5.90
CA THR E 115 27.15 -6.37 6.98
C THR E 115 25.92 -6.78 7.77
N VAL E 116 25.73 -8.09 7.92
CA VAL E 116 24.68 -8.65 8.75
C VAL E 116 25.25 -8.92 10.14
N SER E 117 24.67 -8.28 11.16
CA SER E 117 25.18 -8.29 12.53
C SER E 117 24.18 -7.64 13.47
N SER E 118 24.04 -8.22 14.66
CA SER E 118 23.24 -7.61 15.72
C SER E 118 23.90 -6.35 16.29
N ALA E 119 25.21 -6.20 16.09
CA ALA E 119 25.96 -5.10 16.69
C ALA E 119 25.41 -3.76 16.21
N SER E 120 25.65 -2.75 17.01
CA SER E 120 25.21 -1.40 16.69
C SER E 120 26.29 -0.66 15.90
N THR E 121 25.83 0.35 15.16
CA THR E 121 26.72 1.28 14.47
C THR E 121 27.60 2.03 15.46
N LYS E 122 28.84 2.31 15.06
CA LYS E 122 29.72 3.15 15.85
C LYS E 122 30.58 3.98 14.89
N GLY E 123 30.51 5.30 15.02
CA GLY E 123 31.32 6.20 14.24
C GLY E 123 32.73 6.31 14.79
N PRO E 124 33.68 6.68 13.94
CA PRO E 124 35.09 6.68 14.34
C PRO E 124 35.56 7.98 14.95
N SER E 125 36.69 7.88 15.66
CA SER E 125 37.51 9.02 16.02
C SER E 125 38.64 9.15 15.01
N VAL E 126 39.09 10.38 14.78
CA VAL E 126 40.20 10.60 13.86
C VAL E 126 41.31 11.31 14.59
N PHE E 127 42.54 11.05 14.16
CA PHE E 127 43.76 11.62 14.74
C PHE E 127 44.77 11.82 13.61
N PRO E 128 45.63 12.82 13.72
CA PRO E 128 46.66 13.04 12.69
C PRO E 128 47.99 12.37 13.04
N LEU E 143 53.08 11.62 5.74
CA LEU E 143 52.03 12.18 6.58
C LEU E 143 50.77 11.34 6.40
N GLY E 144 50.01 11.18 7.48
CA GLY E 144 48.83 10.35 7.40
C GLY E 144 47.78 10.68 8.43
N CYS E 145 46.70 9.89 8.40
CA CYS E 145 45.60 9.98 9.34
C CYS E 145 45.33 8.60 9.97
N LEU E 146 45.05 8.60 11.28
CA LEU E 146 44.58 7.43 12.00
C LEU E 146 43.10 7.62 12.31
N VAL E 147 42.26 6.70 11.84
CA VAL E 147 40.85 6.70 12.17
C VAL E 147 40.56 5.43 12.95
N LYS E 148 39.89 5.58 14.10
CA LYS E 148 39.97 4.61 15.18
C LYS E 148 38.59 4.19 15.65
N ASP E 149 38.41 2.87 15.80
CA ASP E 149 37.30 2.27 16.56
C ASP E 149 35.93 2.53 15.91
N TYR E 150 35.76 2.03 14.68
CA TYR E 150 34.49 2.13 13.98
C TYR E 150 33.94 0.76 13.63
N PHE E 151 32.60 0.71 13.45
CA PHE E 151 31.85 -0.47 12.99
C PHE E 151 30.57 0.00 12.31
N PRO E 152 30.26 -0.49 11.11
CA PRO E 152 31.03 -1.48 10.36
C PRO E 152 31.92 -0.86 9.29
N GLU E 153 32.77 -1.70 8.71
CA GLU E 153 33.47 -1.36 7.48
C GLU E 153 32.42 -0.98 6.42
N PRO E 154 32.74 -0.08 5.48
CA PRO E 154 33.94 0.69 5.08
C PRO E 154 34.07 2.14 5.58
N VAL E 155 35.25 2.70 5.39
CA VAL E 155 35.52 4.12 5.67
C VAL E 155 36.31 4.68 4.50
N THR E 156 35.93 5.88 4.05
CA THR E 156 36.57 6.57 2.93
C THR E 156 37.53 7.64 3.44
N VAL E 157 38.71 7.73 2.84
CA VAL E 157 39.68 8.77 3.16
C VAL E 157 40.08 9.47 1.87
N SER E 158 39.95 10.79 1.86
CA SER E 158 40.35 11.62 0.74
C SER E 158 41.19 12.77 1.27
N TRP E 159 42.19 13.17 0.50
CA TRP E 159 43.24 14.07 0.96
C TRP E 159 43.00 15.48 0.40
N ASN E 160 42.57 16.39 1.29
CA ASN E 160 42.31 17.79 0.94
C ASN E 160 41.22 17.90 -0.15
N SER E 161 40.03 17.40 0.21
CA SER E 161 38.86 17.44 -0.67
C SER E 161 39.16 16.77 -2.02
N GLY E 162 39.85 15.64 -1.97
CA GLY E 162 40.18 14.90 -3.16
C GLY E 162 41.24 15.53 -4.04
N ALA E 163 41.77 16.70 -3.67
CA ALA E 163 42.77 17.36 -4.50
C ALA E 163 44.04 16.53 -4.64
N VAL E 168 49.59 8.33 -2.42
CA VAL E 168 48.60 8.05 -1.38
C VAL E 168 48.39 6.54 -1.20
N HIS E 169 48.28 6.11 0.05
CA HIS E 169 48.09 4.70 0.38
C HIS E 169 47.19 4.60 1.59
N THR E 170 45.98 4.08 1.41
CA THR E 170 45.08 3.75 2.51
C THR E 170 45.31 2.31 2.94
N PHE E 171 45.52 2.12 4.22
CA PHE E 171 45.85 0.72 4.49
C PHE E 171 44.59 -0.08 4.78
N PRO E 172 44.55 -1.35 4.40
CA PRO E 172 43.44 -2.21 4.85
C PRO E 172 43.27 -2.19 6.37
N ALA E 173 42.02 -2.04 6.79
CA ALA E 173 41.68 -1.90 8.20
C ALA E 173 41.97 -3.16 9.01
N VAL E 174 42.25 -2.97 10.29
CA VAL E 174 42.48 -4.04 11.23
C VAL E 174 41.20 -4.25 12.04
N LEU E 175 40.88 -5.51 12.32
CA LEU E 175 39.72 -5.85 13.16
C LEU E 175 40.23 -6.20 14.55
N GLN E 176 39.91 -5.36 15.51
CA GLN E 176 40.46 -5.51 16.86
C GLN E 176 39.71 -6.56 17.66
N SER E 177 40.36 -7.01 18.73
CA SER E 177 39.74 -7.89 19.71
C SER E 177 38.40 -7.36 20.17
N SER E 178 38.25 -6.03 20.24
CA SER E 178 36.98 -5.45 20.67
C SER E 178 35.85 -5.70 19.69
N GLY E 179 36.17 -5.97 18.42
CA GLY E 179 35.18 -6.08 17.39
C GLY E 179 35.00 -4.83 16.56
N LEU E 180 35.80 -3.80 16.83
CA LEU E 180 35.82 -2.55 16.10
C LEU E 180 36.99 -2.54 15.13
N TYR E 181 36.87 -1.75 14.07
CA TYR E 181 37.92 -1.64 13.06
C TYR E 181 38.76 -0.39 13.29
N SER E 182 39.96 -0.39 12.72
CA SER E 182 40.83 0.78 12.73
C SER E 182 41.62 0.82 11.43
N LEU E 183 41.96 2.03 11.03
CA LEU E 183 42.59 2.23 9.75
C LEU E 183 43.54 3.39 9.69
N SER E 184 44.34 3.42 8.66
CA SER E 184 45.35 4.48 8.47
C SER E 184 45.54 4.74 6.98
N SER E 185 45.77 6.02 6.64
CA SER E 185 46.04 6.44 5.26
C SER E 185 47.29 7.30 5.24
N VAL E 186 48.18 7.03 4.27
CA VAL E 186 49.48 7.68 4.18
C VAL E 186 49.68 8.29 2.80
N VAL E 187 50.44 9.39 2.74
CA VAL E 187 50.80 10.03 1.47
C VAL E 187 52.27 10.49 1.46
N CYS E 201 42.78 15.65 6.04
CA CYS E 201 42.20 14.39 5.55
C CYS E 201 40.68 14.40 5.72
N ASN E 202 39.96 13.89 4.70
CA ASN E 202 38.49 13.82 4.70
C ASN E 202 38.08 12.37 4.94
N VAL E 203 37.56 12.11 6.14
CA VAL E 203 37.12 10.80 6.57
C VAL E 203 35.61 10.62 6.54
N ASN E 204 35.17 9.64 5.79
CA ASN E 204 33.74 9.47 5.56
C ASN E 204 33.34 8.08 6.04
N HIS E 205 32.47 8.03 7.04
CA HIS E 205 31.87 6.77 7.52
C HIS E 205 30.36 6.88 7.39
N LYS E 206 29.84 6.50 6.22
CA LYS E 206 28.41 6.57 5.95
C LYS E 206 27.55 5.85 6.98
N PRO E 207 27.82 4.56 7.35
CA PRO E 207 26.93 3.88 8.30
C PRO E 207 26.62 4.59 9.61
N SER E 208 27.34 5.67 9.94
CA SER E 208 26.99 6.52 11.08
C SER E 208 26.75 7.96 10.65
N ASN E 209 26.81 8.25 9.35
CA ASN E 209 26.74 9.59 8.77
C ASN E 209 27.92 10.46 9.17
N THR E 210 28.94 9.91 9.83
CA THR E 210 30.06 10.72 10.28
C THR E 210 30.92 11.16 9.09
N LYS E 211 31.26 12.44 9.07
CA LYS E 211 32.20 13.01 8.11
C LYS E 211 32.93 14.13 8.85
N VAL E 212 34.26 14.03 8.92
CA VAL E 212 35.08 14.99 9.67
C VAL E 212 36.43 15.07 8.97
N ASP E 213 37.24 16.07 9.35
CA ASP E 213 38.48 16.33 8.63
C ASP E 213 39.70 16.67 9.50
N LEU F 4 29.43 -24.52 -12.00
CA LEU F 4 30.65 -24.47 -12.81
C LEU F 4 31.86 -24.56 -11.88
N THR F 5 32.81 -25.43 -12.24
CA THR F 5 34.05 -25.62 -11.50
C THR F 5 35.22 -25.08 -12.33
N GLN F 6 35.97 -24.14 -11.78
CA GLN F 6 37.27 -23.79 -12.30
C GLN F 6 38.32 -24.01 -11.21
N PRO F 7 39.55 -24.35 -11.58
CA PRO F 7 40.59 -24.53 -10.56
C PRO F 7 40.87 -23.21 -9.87
N PRO F 8 41.11 -23.22 -8.56
CA PRO F 8 41.71 -22.04 -7.94
C PRO F 8 43.18 -22.01 -8.33
N SER F 9 43.76 -20.81 -8.29
CA SER F 9 45.22 -20.71 -8.32
C SER F 9 45.86 -21.40 -9.53
N VAL F 10 45.81 -20.78 -10.70
CA VAL F 10 46.72 -21.15 -11.77
C VAL F 10 47.94 -20.22 -11.73
N SER F 11 49.14 -20.82 -11.82
CA SER F 11 50.42 -20.11 -11.75
C SER F 11 51.09 -20.15 -13.11
N VAL F 12 51.59 -19.00 -13.57
CA VAL F 12 52.23 -18.91 -14.87
C VAL F 12 53.43 -17.97 -14.78
N SER F 13 54.48 -18.20 -15.69
CA SER F 13 55.64 -17.33 -15.62
C SER F 13 55.63 -16.32 -16.77
N PRO F 14 56.14 -15.10 -16.54
CA PRO F 14 55.95 -14.01 -17.51
C PRO F 14 56.35 -14.39 -18.93
N GLY F 15 55.70 -13.74 -19.89
CA GLY F 15 55.94 -14.01 -21.29
C GLY F 15 55.29 -15.28 -21.81
N GLN F 16 55.01 -16.23 -20.92
CA GLN F 16 54.40 -17.52 -21.27
C GLN F 16 52.87 -17.42 -21.21
N THR F 17 52.19 -18.42 -21.77
CA THR F 17 50.74 -18.35 -21.97
C THR F 17 50.03 -19.24 -20.95
N ALA F 18 49.06 -18.65 -20.25
CA ALA F 18 48.28 -19.33 -19.22
C ALA F 18 46.89 -19.67 -19.75
N SER F 19 46.31 -20.75 -19.23
CA SER F 19 44.98 -21.18 -19.63
C SER F 19 44.16 -21.49 -18.39
N ILE F 20 43.01 -20.82 -18.26
CA ILE F 20 42.08 -21.00 -17.14
C ILE F 20 40.92 -21.87 -17.61
N THR F 21 40.74 -23.01 -16.94
CA THR F 21 39.72 -23.95 -17.36
C THR F 21 38.46 -23.76 -16.51
N CYS F 22 37.33 -24.20 -17.05
CA CYS F 22 36.02 -24.00 -16.42
C CYS F 22 35.09 -25.07 -16.97
N SER F 23 34.51 -25.88 -16.07
CA SER F 23 33.87 -27.12 -16.47
C SER F 23 32.45 -27.20 -15.93
N GLY F 24 31.60 -27.85 -16.72
CA GLY F 24 30.21 -28.11 -16.39
C GLY F 24 29.58 -28.95 -17.49
N ASP F 25 28.61 -29.78 -17.14
CA ASP F 25 28.04 -30.71 -18.12
C ASP F 25 27.36 -29.93 -19.25
N LYS F 26 27.68 -30.31 -20.49
CA LYS F 26 27.10 -29.70 -21.69
C LYS F 26 27.39 -28.20 -21.76
N LEU F 27 28.54 -27.79 -21.21
CA LEU F 27 28.85 -26.36 -21.14
C LEU F 27 29.05 -25.75 -22.52
N GLY F 28 29.50 -26.55 -23.49
CA GLY F 28 29.66 -26.05 -24.85
C GLY F 28 28.35 -25.68 -25.54
N ASP F 29 27.22 -26.15 -25.00
CA ASP F 29 25.88 -25.76 -25.46
C ASP F 29 25.45 -24.39 -24.96
N LYS F 30 26.20 -23.79 -24.04
CA LYS F 30 25.91 -22.47 -23.50
C LYS F 30 27.01 -21.52 -23.94
N TYR F 31 26.67 -20.24 -24.06
CA TYR F 31 27.68 -19.22 -24.30
C TYR F 31 28.34 -18.85 -22.97
N VAL F 32 29.64 -18.57 -23.04
CA VAL F 32 30.46 -18.36 -21.84
C VAL F 32 31.04 -16.96 -21.89
N CYS F 33 31.07 -16.31 -20.74
CA CYS F 33 31.76 -15.04 -20.55
C CYS F 33 32.84 -15.22 -19.48
N TRP F 34 33.86 -14.36 -19.53
CA TRP F 34 34.94 -14.35 -18.55
C TRP F 34 35.15 -12.93 -18.03
N TYR F 35 35.33 -12.80 -16.71
CA TYR F 35 35.54 -11.52 -16.05
C TYR F 35 36.84 -11.53 -15.25
N GLN F 36 37.57 -10.43 -15.30
CA GLN F 36 38.78 -10.22 -14.54
C GLN F 36 38.49 -9.29 -13.38
N GLN F 37 38.86 -9.71 -12.17
CA GLN F 37 38.68 -8.89 -10.97
C GLN F 37 40.02 -8.72 -10.28
N LYS F 38 40.51 -7.51 -10.25
CA LYS F 38 41.72 -7.16 -9.54
C LYS F 38 41.38 -6.70 -8.11
N PRO F 39 42.36 -6.66 -7.21
CA PRO F 39 42.05 -6.33 -5.81
C PRO F 39 41.36 -4.98 -5.66
N GLY F 40 40.25 -5.00 -4.91
CA GLY F 40 39.58 -3.78 -4.49
C GLY F 40 38.57 -3.19 -5.44
N GLN F 41 38.44 -3.71 -6.65
CA GLN F 41 37.47 -3.13 -7.58
C GLN F 41 36.55 -4.22 -8.12
N SER F 42 35.61 -3.78 -8.93
CA SER F 42 34.53 -4.56 -9.50
C SER F 42 34.99 -5.31 -10.74
N PRO F 43 34.36 -6.45 -11.06
CA PRO F 43 34.78 -7.26 -12.21
C PRO F 43 34.75 -6.49 -13.53
N VAL F 44 35.55 -6.96 -14.47
CA VAL F 44 35.63 -6.35 -15.80
C VAL F 44 35.51 -7.46 -16.83
N LEU F 45 34.63 -7.25 -17.81
CA LEU F 45 34.39 -8.23 -18.85
C LEU F 45 35.56 -8.24 -19.82
N VAL F 46 36.10 -9.42 -20.09
CA VAL F 46 37.28 -9.54 -20.95
C VAL F 46 36.96 -10.43 -22.16
N ILE F 47 36.01 -11.34 -21.99
CA ILE F 47 35.61 -12.26 -23.06
C ILE F 47 34.10 -12.50 -22.95
N TYR F 48 33.43 -12.49 -24.10
CA TYR F 48 31.99 -12.74 -24.13
C TYR F 48 31.63 -13.63 -25.32
N GLN F 49 30.55 -14.39 -25.14
CA GLN F 49 30.02 -15.30 -26.17
C GLN F 49 31.09 -16.29 -26.65
N ASP F 50 31.79 -16.87 -25.68
CA ASP F 50 32.79 -17.93 -25.81
C ASP F 50 34.14 -17.48 -26.37
N SER F 51 34.16 -16.42 -27.21
CA SER F 51 35.39 -16.15 -27.95
C SER F 51 35.65 -14.67 -28.22
N LYS F 52 34.64 -13.82 -28.09
CA LYS F 52 34.80 -12.43 -28.50
C LYS F 52 35.38 -11.61 -27.36
N ARG F 53 36.14 -10.55 -27.71
CA ARG F 53 36.68 -9.60 -26.72
C ARG F 53 35.91 -8.29 -26.78
N PRO F 54 35.50 -7.73 -25.64
CA PRO F 54 34.97 -6.35 -25.67
C PRO F 54 36.02 -5.39 -26.21
N SER F 55 35.54 -4.24 -26.68
CA SER F 55 36.42 -3.25 -27.29
C SER F 55 37.37 -2.67 -26.26
N GLY F 56 38.65 -2.56 -26.63
CA GLY F 56 39.64 -1.98 -25.75
C GLY F 56 40.23 -2.96 -24.77
N ILE F 57 40.34 -4.24 -25.15
CA ILE F 57 40.85 -5.27 -24.26
C ILE F 57 41.99 -5.98 -24.97
N PRO F 58 43.22 -5.94 -24.41
CA PRO F 58 44.40 -6.52 -25.08
C PRO F 58 44.14 -7.82 -25.83
N GLU F 59 44.63 -7.89 -27.07
CA GLU F 59 44.38 -9.02 -27.96
C GLU F 59 45.04 -10.32 -27.48
N ARG F 60 45.81 -10.28 -26.39
CA ARG F 60 46.39 -11.50 -25.83
C ARG F 60 45.39 -12.32 -25.03
N PHE F 61 44.18 -11.78 -24.80
CA PHE F 61 43.09 -12.50 -24.15
C PHE F 61 42.26 -13.21 -25.21
N SER F 62 42.08 -14.52 -25.05
CA SER F 62 41.26 -15.31 -25.96
C SER F 62 40.47 -16.36 -25.18
N GLY F 63 39.42 -16.88 -25.83
CA GLY F 63 38.54 -17.85 -25.21
C GLY F 63 38.04 -18.87 -26.21
N SER F 64 37.58 -20.00 -25.67
CA SER F 64 37.05 -21.07 -26.51
C SER F 64 36.18 -21.97 -25.65
N ASN F 65 35.30 -22.72 -26.30
CA ASN F 65 34.34 -23.54 -25.56
C ASN F 65 33.98 -24.75 -26.38
N SER F 66 34.14 -25.93 -25.80
CA SER F 66 33.97 -27.21 -26.49
C SER F 66 33.70 -28.29 -25.46
N GLY F 67 32.93 -29.29 -25.87
CA GLY F 67 32.66 -30.43 -25.01
C GLY F 67 32.02 -29.97 -23.72
N ASN F 68 32.73 -30.20 -22.61
CA ASN F 68 32.29 -29.79 -21.29
C ASN F 68 33.16 -28.67 -20.71
N THR F 69 33.96 -28.00 -21.53
CA THR F 69 35.02 -27.16 -20.99
C THR F 69 35.19 -25.88 -21.79
N ALA F 70 35.15 -24.75 -21.09
CA ALA F 70 35.54 -23.46 -21.64
C ALA F 70 36.91 -23.10 -21.07
N THR F 71 37.68 -22.41 -21.89
CA THR F 71 39.06 -22.07 -21.59
C THR F 71 39.26 -20.60 -21.90
N LEU F 72 39.80 -19.86 -20.93
CA LEU F 72 40.27 -18.50 -21.17
C LEU F 72 41.79 -18.54 -21.13
N THR F 73 42.42 -18.45 -22.30
CA THR F 73 43.88 -18.43 -22.42
C THR F 73 44.38 -17.00 -22.57
N ILE F 74 45.52 -16.71 -21.95
CA ILE F 74 46.19 -15.42 -22.07
C ILE F 74 47.56 -15.67 -22.69
N SER F 75 47.88 -14.91 -23.75
CA SER F 75 49.12 -15.07 -24.49
C SER F 75 50.14 -14.02 -24.04
N GLY F 76 51.33 -14.49 -23.66
CA GLY F 76 52.33 -13.59 -23.10
C GLY F 76 51.88 -12.92 -21.82
N THR F 77 51.68 -13.73 -20.78
CA THR F 77 51.07 -13.26 -19.55
C THR F 77 51.98 -12.26 -18.84
N GLN F 78 51.48 -11.05 -18.64
CA GLN F 78 52.22 -9.96 -18.01
C GLN F 78 52.09 -10.03 -16.49
N ALA F 79 52.68 -9.03 -15.83
CA ALA F 79 52.38 -8.80 -14.43
C ALA F 79 51.08 -8.04 -14.24
N MET F 80 50.48 -7.49 -15.27
CA MET F 80 49.26 -6.81 -14.95
C MET F 80 48.12 -7.77 -14.90
N ASP F 81 48.33 -8.94 -15.44
CA ASP F 81 47.28 -9.94 -15.50
C ASP F 81 47.12 -10.72 -14.22
N GLU F 82 47.84 -10.37 -13.15
CA GLU F 82 47.58 -10.96 -11.85
C GLU F 82 46.19 -10.49 -11.41
N ALA F 83 45.27 -11.44 -11.24
CA ALA F 83 43.88 -11.15 -10.85
C ALA F 83 43.08 -12.42 -10.61
N ASP F 84 41.83 -12.25 -10.21
CA ASP F 84 40.84 -13.32 -10.19
C ASP F 84 40.04 -13.32 -11.49
N TYR F 85 39.78 -14.52 -11.99
CA TYR F 85 39.07 -14.72 -13.26
C TYR F 85 37.84 -15.56 -12.99
N TYR F 86 36.66 -15.05 -13.36
CA TYR F 86 35.40 -15.74 -13.19
C TYR F 86 34.81 -16.09 -14.55
N CYS F 87 34.38 -17.34 -14.71
CA CYS F 87 33.61 -17.75 -15.87
C CYS F 87 32.13 -17.72 -15.53
N GLN F 88 31.32 -17.46 -16.56
CA GLN F 88 29.89 -17.28 -16.38
C GLN F 88 29.17 -17.88 -17.57
N ALA F 89 28.15 -18.68 -17.31
CA ALA F 89 27.25 -19.11 -18.39
C ALA F 89 26.33 -17.93 -18.70
N CYS F 90 26.72 -17.10 -19.67
CA CYS F 90 25.89 -15.98 -20.12
C CYS F 90 24.87 -16.53 -21.12
N ASP F 91 23.93 -17.30 -20.56
CA ASP F 91 22.84 -17.91 -21.30
C ASP F 91 21.67 -18.10 -20.34
N SER F 92 20.67 -18.85 -20.79
CA SER F 92 19.37 -18.96 -20.15
C SER F 92 19.43 -19.01 -18.61
N SER F 93 20.11 -20.03 -18.08
CA SER F 93 20.17 -20.23 -16.62
C SER F 93 21.57 -19.85 -16.15
N THR F 94 21.74 -18.57 -15.81
CA THR F 94 23.06 -18.02 -15.57
C THR F 94 23.62 -18.46 -14.20
N VAL F 95 24.95 -18.58 -14.16
CA VAL F 95 25.65 -19.03 -12.97
C VAL F 95 27.12 -18.66 -13.15
N PHE F 96 27.81 -18.50 -12.03
CA PHE F 96 29.21 -18.13 -12.03
C PHE F 96 30.06 -19.31 -11.59
N GLY F 97 31.26 -19.42 -12.17
CA GLY F 97 32.28 -20.29 -11.62
C GLY F 97 32.91 -19.70 -10.38
N GLY F 98 33.41 -20.59 -9.51
CA GLY F 98 34.02 -20.20 -8.26
C GLY F 98 35.20 -19.25 -8.39
N GLY F 99 35.82 -19.18 -9.56
CA GLY F 99 36.89 -18.24 -9.76
C GLY F 99 38.27 -18.88 -9.63
N THR F 100 39.27 -18.17 -10.17
CA THR F 100 40.65 -18.65 -10.22
C THR F 100 41.56 -17.48 -9.90
N LYS F 101 42.55 -17.71 -9.03
CA LYS F 101 43.58 -16.72 -8.76
C LYS F 101 44.75 -16.98 -9.71
N LEU F 102 45.07 -15.99 -10.54
CA LEU F 102 46.20 -16.11 -11.46
C LEU F 102 47.38 -15.35 -10.88
N THR F 103 48.31 -16.10 -10.26
CA THR F 103 49.59 -15.52 -9.83
C THR F 103 50.62 -15.77 -10.92
N VAL F 104 51.35 -14.71 -11.28
CA VAL F 104 52.39 -14.81 -12.29
C VAL F 104 53.74 -14.88 -11.58
N LEU F 105 54.45 -16.00 -11.79
CA LEU F 105 55.66 -16.32 -11.04
C LEU F 105 56.83 -15.43 -11.49
N GLY F 106 57.99 -15.63 -10.86
CA GLY F 106 59.20 -14.92 -11.23
C GLY F 106 59.20 -13.43 -10.96
N GLN F 107 58.39 -12.96 -10.02
CA GLN F 107 58.44 -11.55 -9.69
C GLN F 107 59.57 -11.29 -8.68
N PRO F 108 60.13 -10.08 -8.69
CA PRO F 108 61.37 -9.83 -7.92
C PRO F 108 61.10 -9.58 -6.44
N LYS F 109 61.83 -10.30 -5.59
CA LYS F 109 61.77 -10.09 -4.14
C LYS F 109 62.01 -8.63 -3.80
N ALA F 110 61.12 -8.06 -2.99
CA ALA F 110 61.30 -6.73 -2.45
C ALA F 110 61.04 -6.80 -0.95
N ALA F 111 61.79 -5.95 -0.16
CA ALA F 111 61.73 -5.94 1.29
C ALA F 111 60.79 -4.83 1.76
N PRO F 112 60.16 -5.04 2.92
CA PRO F 112 59.12 -4.10 3.36
C PRO F 112 59.65 -2.69 3.53
N SER F 113 58.77 -1.71 3.25
CA SER F 113 59.05 -0.28 3.46
C SER F 113 58.21 0.19 4.65
N VAL F 114 58.83 0.22 5.83
CA VAL F 114 58.14 0.43 7.11
C VAL F 114 58.14 1.91 7.47
N THR F 115 57.04 2.34 8.09
CA THR F 115 56.89 3.69 8.62
C THR F 115 56.19 3.59 9.96
N LEU F 116 56.79 4.16 11.01
CA LEU F 116 56.31 3.99 12.38
C LEU F 116 55.93 5.35 12.95
N PHE F 117 54.69 5.47 13.39
CA PHE F 117 54.22 6.73 13.90
C PHE F 117 53.94 6.65 15.38
N PRO F 118 54.19 7.73 16.11
CA PRO F 118 53.96 7.74 17.57
C PRO F 118 52.58 8.28 17.90
N PRO F 119 52.09 8.07 19.13
CA PRO F 119 50.77 8.60 19.50
C PRO F 119 50.72 10.12 19.39
N SER F 120 49.53 10.63 19.06
CA SER F 120 49.32 12.04 18.77
C SER F 120 48.72 12.77 19.97
N SER F 121 48.88 14.10 19.94
CA SER F 121 48.58 14.94 21.10
C SER F 121 47.12 14.82 21.50
N GLU F 122 46.21 14.83 20.53
CA GLU F 122 44.80 14.57 20.82
C GLU F 122 44.63 13.22 21.50
N GLU F 123 45.28 12.18 20.97
CA GLU F 123 45.11 10.83 21.52
C GLU F 123 45.69 10.73 22.92
N LEU F 124 46.92 11.23 23.11
CA LEU F 124 47.47 11.29 24.47
C LEU F 124 46.55 12.05 25.42
N GLN F 125 45.96 13.16 24.95
CA GLN F 125 44.95 13.91 25.69
C GLN F 125 43.61 13.16 25.84
N ALA F 126 43.47 11.99 25.23
CA ALA F 126 42.29 11.16 25.39
C ALA F 126 42.52 9.96 26.31
N ASN F 127 43.61 9.97 27.08
CA ASN F 127 44.01 8.83 27.92
C ASN F 127 44.21 7.56 27.09
N LYS F 128 44.75 7.72 25.88
CA LYS F 128 45.06 6.61 25.00
C LYS F 128 46.36 6.91 24.26
N ALA F 129 46.99 5.84 23.79
CA ALA F 129 48.16 5.95 22.94
C ALA F 129 48.16 4.77 21.99
N THR F 130 48.68 4.99 20.79
CA THR F 130 48.67 3.95 19.77
C THR F 130 49.82 4.19 18.83
N LEU F 131 50.70 3.18 18.70
CA LEU F 131 51.78 3.24 17.73
C LEU F 131 51.30 2.58 16.45
N VAL F 132 51.69 3.14 15.32
CA VAL F 132 51.23 2.66 14.02
C VAL F 132 52.45 2.29 13.20
N CYS F 133 52.52 1.02 12.79
CA CYS F 133 53.65 0.50 12.03
C CYS F 133 53.13 0.00 10.68
N LEU F 134 53.30 0.82 9.64
CA LEU F 134 52.77 0.51 8.32
C LEU F 134 53.84 -0.15 7.45
N ILE F 135 53.44 -1.19 6.76
CA ILE F 135 54.34 -2.05 6.00
C ILE F 135 53.78 -2.15 4.58
N SER F 136 54.66 -2.06 3.58
CA SER F 136 54.20 -1.88 2.21
C SER F 136 55.27 -2.31 1.20
N ASP F 137 54.81 -2.67 0.00
CA ASP F 137 55.63 -2.89 -1.18
C ASP F 137 56.54 -4.11 -1.06
N PHE F 138 56.22 -5.07 -0.21
CA PHE F 138 57.09 -6.23 -0.11
C PHE F 138 56.58 -7.36 -1.00
N TYR F 139 57.52 -8.12 -1.55
CA TYR F 139 57.18 -9.35 -2.23
C TYR F 139 58.24 -10.39 -1.86
N PRO F 140 57.84 -11.64 -1.52
CA PRO F 140 56.52 -12.22 -1.25
C PRO F 140 55.70 -11.53 -0.15
N GLY F 141 54.45 -11.96 0.00
CA GLY F 141 53.53 -11.39 0.97
C GLY F 141 53.46 -12.12 2.30
N ALA F 142 54.59 -12.19 2.99
CA ALA F 142 54.68 -12.91 4.26
C ALA F 142 55.63 -12.14 5.17
N VAL F 143 55.08 -11.49 6.20
CA VAL F 143 55.86 -10.80 7.21
C VAL F 143 55.43 -11.30 8.58
N THR F 144 56.31 -11.07 9.57
CA THR F 144 56.03 -11.19 10.99
C THR F 144 56.42 -9.87 11.65
N VAL F 145 55.63 -9.43 12.62
CA VAL F 145 55.86 -8.16 13.28
C VAL F 145 56.00 -8.42 14.77
N ALA F 146 57.14 -8.04 15.34
CA ALA F 146 57.40 -8.16 16.78
C ALA F 146 57.66 -6.77 17.34
N TRP F 147 57.06 -6.49 18.50
CA TRP F 147 57.17 -5.19 19.13
C TRP F 147 58.11 -5.27 20.33
N LYS F 148 58.96 -4.25 20.49
CA LYS F 148 59.91 -4.18 21.59
C LYS F 148 59.61 -2.98 22.47
N ALA F 149 59.31 -3.24 23.75
CA ALA F 149 59.28 -2.22 24.79
C ALA F 149 60.71 -1.98 25.26
N ASP F 150 61.43 -1.25 24.41
CA ASP F 150 62.73 -0.64 24.70
C ASP F 150 63.88 -1.66 24.76
N SER F 151 63.60 -2.90 25.14
CA SER F 151 64.59 -3.97 25.02
C SER F 151 63.91 -5.31 24.78
N SER F 152 62.66 -5.41 25.23
CA SER F 152 61.98 -6.64 25.60
C SER F 152 60.70 -6.84 24.81
N PRO F 153 60.26 -8.08 24.61
CA PRO F 153 59.01 -8.32 23.89
C PRO F 153 57.80 -7.69 24.59
N VAL F 154 56.91 -7.10 23.78
CA VAL F 154 55.66 -6.53 24.27
C VAL F 154 54.62 -7.64 24.37
N LYS F 155 54.04 -7.81 25.56
CA LYS F 155 53.24 -8.99 25.86
C LYS F 155 51.73 -8.80 25.69
N ALA F 156 51.26 -7.67 25.15
CA ALA F 156 49.83 -7.47 24.94
C ALA F 156 49.59 -6.22 24.09
N GLY F 157 48.32 -6.05 23.70
CA GLY F 157 47.89 -4.85 23.01
C GLY F 157 48.39 -4.71 21.59
N VAL F 158 48.70 -5.81 20.93
CA VAL F 158 49.23 -5.80 19.57
C VAL F 158 48.19 -6.41 18.64
N GLU F 159 47.85 -5.68 17.58
CA GLU F 159 46.95 -6.13 16.51
C GLU F 159 47.65 -5.96 15.17
N THR F 160 47.66 -7.02 14.37
CA THR F 160 48.33 -7.00 13.07
C THR F 160 47.33 -7.46 12.02
N THR F 161 47.24 -6.73 10.91
CA THR F 161 46.44 -7.17 9.78
C THR F 161 47.12 -8.32 9.05
N THR F 162 46.31 -9.00 8.25
CA THR F 162 46.82 -9.92 7.26
C THR F 162 47.44 -9.12 6.11
N PRO F 163 48.36 -9.72 5.35
CA PRO F 163 48.84 -9.06 4.12
C PRO F 163 47.76 -9.02 3.06
N SER F 164 47.79 -7.97 2.23
CA SER F 164 46.74 -7.71 1.25
C SER F 164 47.36 -7.17 -0.02
N LYS F 165 47.11 -7.85 -1.14
CA LYS F 165 47.69 -7.48 -2.43
C LYS F 165 47.42 -6.01 -2.77
N GLN F 166 48.42 -5.35 -3.33
CA GLN F 166 48.30 -3.96 -3.74
C GLN F 166 47.94 -3.87 -5.21
N SER F 167 47.79 -2.63 -5.70
CA SER F 167 47.67 -2.43 -7.14
C SER F 167 48.92 -2.90 -7.86
N ASN F 168 50.10 -2.63 -7.29
CA ASN F 168 51.38 -2.93 -7.92
C ASN F 168 51.78 -4.39 -7.84
N ASN F 169 50.94 -5.25 -7.24
CA ASN F 169 51.15 -6.69 -7.09
C ASN F 169 52.16 -7.05 -6.00
N LYS F 170 52.55 -6.11 -5.16
CA LYS F 170 53.21 -6.43 -3.90
C LYS F 170 52.18 -6.29 -2.79
N TYR F 171 52.60 -6.42 -1.52
CA TYR F 171 51.68 -6.55 -0.41
C TYR F 171 51.85 -5.41 0.60
N ALA F 172 50.83 -5.23 1.43
CA ALA F 172 50.84 -4.25 2.51
C ALA F 172 50.25 -4.88 3.77
N ALA F 173 50.53 -4.25 4.92
CA ALA F 173 50.10 -4.76 6.21
C ALA F 173 50.21 -3.64 7.24
N SER F 174 49.51 -3.81 8.36
CA SER F 174 49.53 -2.83 9.43
C SER F 174 49.69 -3.56 10.75
N SER F 175 50.33 -2.88 11.71
CA SER F 175 50.39 -3.36 13.08
C SER F 175 50.19 -2.18 14.02
N TYR F 176 49.27 -2.33 14.95
CA TYR F 176 48.96 -1.30 15.91
C TYR F 176 49.32 -1.85 17.28
N LEU F 177 50.01 -1.04 18.08
CA LEU F 177 50.26 -1.34 19.49
C LEU F 177 49.56 -0.28 20.33
N SER F 178 48.76 -0.73 21.29
CA SER F 178 47.93 0.13 22.11
C SER F 178 48.53 0.23 23.51
N LEU F 179 48.63 1.46 24.03
CA LEU F 179 49.28 1.70 25.31
C LEU F 179 48.47 2.69 26.14
N THR F 180 48.42 2.45 27.45
CA THR F 180 48.09 3.53 28.38
C THR F 180 49.15 4.62 28.23
N PRO F 181 48.76 5.92 28.23
CA PRO F 181 49.77 6.98 28.13
C PRO F 181 50.89 6.84 29.16
N GLU F 182 50.60 6.14 30.26
CA GLU F 182 51.63 5.80 31.23
C GLU F 182 52.70 4.93 30.61
N GLN F 183 52.33 3.72 30.16
CA GLN F 183 53.28 2.84 29.48
C GLN F 183 53.96 3.55 28.31
N TRP F 184 53.30 4.54 27.74
CA TRP F 184 53.90 5.28 26.64
C TRP F 184 55.14 6.04 27.10
N LYS F 185 55.02 6.83 28.17
CA LYS F 185 56.10 7.71 28.57
C LYS F 185 57.15 7.02 29.44
N SER F 186 56.79 5.93 30.13
CA SER F 186 57.67 5.32 31.12
C SER F 186 58.89 4.63 30.51
N HIS F 187 58.93 4.41 29.20
CA HIS F 187 60.00 3.65 28.58
C HIS F 187 60.90 4.55 27.73
N ARG F 188 62.12 4.07 27.52
CA ARG F 188 63.09 4.76 26.66
C ARG F 188 62.53 4.95 25.27
N SER F 189 62.06 3.86 24.66
CA SER F 189 61.67 3.84 23.26
C SER F 189 60.80 2.61 23.02
N TYR F 190 60.18 2.59 21.84
CA TYR F 190 59.49 1.42 21.32
C TYR F 190 59.99 1.17 19.91
N SER F 191 59.91 -0.10 19.49
CA SER F 191 60.41 -0.53 18.19
C SER F 191 59.36 -1.38 17.50
N CYS F 192 59.35 -1.32 16.16
CA CYS F 192 58.62 -2.25 15.31
C CYS F 192 59.62 -3.00 14.45
N GLN F 193 59.56 -4.33 14.47
CA GLN F 193 60.54 -5.17 13.79
C GLN F 193 59.83 -6.07 12.78
N VAL F 194 60.17 -5.90 11.51
CA VAL F 194 59.44 -6.51 10.40
C VAL F 194 60.41 -7.44 9.67
N THR F 195 60.28 -8.75 9.91
CA THR F 195 61.15 -9.73 9.29
C THR F 195 60.55 -10.21 7.98
N HIS F 196 61.32 -10.11 6.89
CA HIS F 196 60.85 -10.54 5.58
C HIS F 196 61.87 -11.48 4.96
N GLU F 197 61.53 -12.76 4.93
CA GLU F 197 62.31 -13.82 4.29
C GLU F 197 63.79 -13.74 4.69
N GLY F 198 64.03 -13.69 6.00
CA GLY F 198 65.35 -13.75 6.58
C GLY F 198 65.84 -12.46 7.20
N SER F 199 65.65 -11.33 6.50
CA SER F 199 66.18 -10.04 6.92
C SER F 199 65.12 -9.24 7.66
N THR F 200 65.58 -8.37 8.56
CA THR F 200 64.72 -7.55 9.40
C THR F 200 65.01 -6.08 9.15
N VAL F 201 63.97 -5.32 8.86
CA VAL F 201 64.06 -3.87 8.92
C VAL F 201 63.48 -3.44 10.26
N GLU F 202 64.00 -2.36 10.81
CA GLU F 202 63.61 -1.88 12.13
C GLU F 202 63.35 -0.38 12.08
N LYS F 203 62.36 0.07 12.85
CA LYS F 203 62.10 1.49 13.01
C LYS F 203 61.59 1.71 14.42
N THR F 204 62.07 2.79 15.05
CA THR F 204 61.86 3.03 16.48
C THR F 204 61.48 4.49 16.70
N VAL F 205 60.70 4.74 17.76
CA VAL F 205 60.31 6.07 18.18
C VAL F 205 60.23 6.11 19.70
N ALA F 206 60.54 7.27 20.29
CA ALA F 206 60.59 7.51 21.72
C ALA F 206 59.77 8.74 22.05
N PRO F 207 59.33 8.89 23.32
CA PRO F 207 58.48 10.03 23.76
C PRO F 207 59.05 11.42 23.48
#